data_1DPN
# 
_entry.id   1DPN 
# 
_audit_conform.dict_name       mmcif_pdbx.dic 
_audit_conform.dict_version    5.386 
_audit_conform.dict_location   http://mmcif.pdb.org/dictionaries/ascii/mmcif_pdbx.dic 
# 
loop_
_database_2.database_id 
_database_2.database_code 
_database_2.pdbx_database_accession 
_database_2.pdbx_DOI 
PDB   1DPN         pdb_00001dpn 10.2210/pdb1dpn/pdb 
NDB   BD0030       ?            ?                   
RCSB  RCSB010270   ?            ?                   
WWPDB D_1000010270 ?            ?                   
# 
loop_
_pdbx_audit_revision_history.ordinal 
_pdbx_audit_revision_history.data_content_type 
_pdbx_audit_revision_history.major_revision 
_pdbx_audit_revision_history.minor_revision 
_pdbx_audit_revision_history.revision_date 
1 'Structure model' 1 0 2000-04-04 
2 'Structure model' 1 1 2008-04-27 
3 'Structure model' 1 2 2011-07-13 
4 'Structure model' 1 3 2024-02-07 
# 
_pdbx_audit_revision_details.ordinal             1 
_pdbx_audit_revision_details.revision_ordinal    1 
_pdbx_audit_revision_details.data_content_type   'Structure model' 
_pdbx_audit_revision_details.provider            repository 
_pdbx_audit_revision_details.type                'Initial release' 
_pdbx_audit_revision_details.description         ? 
_pdbx_audit_revision_details.details             ? 
# 
loop_
_pdbx_audit_revision_group.ordinal 
_pdbx_audit_revision_group.revision_ordinal 
_pdbx_audit_revision_group.data_content_type 
_pdbx_audit_revision_group.group 
1 2 'Structure model' 'Version format compliance' 
2 3 'Structure model' 'Version format compliance' 
3 4 'Structure model' 'Data collection'           
4 4 'Structure model' 'Database references'       
5 4 'Structure model' 'Derived calculations'      
# 
loop_
_pdbx_audit_revision_category.ordinal 
_pdbx_audit_revision_category.revision_ordinal 
_pdbx_audit_revision_category.data_content_type 
_pdbx_audit_revision_category.category 
1 4 'Structure model' chem_comp_atom         
2 4 'Structure model' chem_comp_bond         
3 4 'Structure model' database_2             
4 4 'Structure model' pdbx_struct_conn_angle 
5 4 'Structure model' struct_conn            
6 4 'Structure model' struct_site            
# 
loop_
_pdbx_audit_revision_item.ordinal 
_pdbx_audit_revision_item.revision_ordinal 
_pdbx_audit_revision_item.data_content_type 
_pdbx_audit_revision_item.item 
1  4 'Structure model' '_database_2.pdbx_DOI'                        
2  4 'Structure model' '_database_2.pdbx_database_accession'         
3  4 'Structure model' '_pdbx_struct_conn_angle.ptnr1_auth_asym_id'  
4  4 'Structure model' '_pdbx_struct_conn_angle.ptnr1_auth_comp_id'  
5  4 'Structure model' '_pdbx_struct_conn_angle.ptnr1_auth_seq_id'   
6  4 'Structure model' '_pdbx_struct_conn_angle.ptnr1_label_asym_id' 
7  4 'Structure model' '_pdbx_struct_conn_angle.ptnr1_label_atom_id' 
8  4 'Structure model' '_pdbx_struct_conn_angle.ptnr1_label_comp_id' 
9  4 'Structure model' '_pdbx_struct_conn_angle.ptnr1_label_seq_id'  
10 4 'Structure model' '_pdbx_struct_conn_angle.ptnr1_symmetry'      
11 4 'Structure model' '_pdbx_struct_conn_angle.ptnr2_auth_seq_id'   
12 4 'Structure model' '_pdbx_struct_conn_angle.ptnr2_label_asym_id' 
13 4 'Structure model' '_pdbx_struct_conn_angle.ptnr3_auth_asym_id'  
14 4 'Structure model' '_pdbx_struct_conn_angle.ptnr3_auth_comp_id'  
15 4 'Structure model' '_pdbx_struct_conn_angle.ptnr3_auth_seq_id'   
16 4 'Structure model' '_pdbx_struct_conn_angle.ptnr3_label_asym_id' 
17 4 'Structure model' '_pdbx_struct_conn_angle.ptnr3_label_atom_id' 
18 4 'Structure model' '_pdbx_struct_conn_angle.ptnr3_label_comp_id' 
19 4 'Structure model' '_pdbx_struct_conn_angle.ptnr3_label_seq_id'  
20 4 'Structure model' '_pdbx_struct_conn_angle.ptnr3_symmetry'      
21 4 'Structure model' '_pdbx_struct_conn_angle.value'               
22 4 'Structure model' '_struct_conn.conn_type_id'                   
23 4 'Structure model' '_struct_conn.id'                             
24 4 'Structure model' '_struct_conn.pdbx_dist_value'                
25 4 'Structure model' '_struct_conn.pdbx_leaving_atom_flag'         
26 4 'Structure model' '_struct_conn.ptnr1_auth_asym_id'             
27 4 'Structure model' '_struct_conn.ptnr1_auth_comp_id'             
28 4 'Structure model' '_struct_conn.ptnr1_auth_seq_id'              
29 4 'Structure model' '_struct_conn.ptnr1_label_asym_id'            
30 4 'Structure model' '_struct_conn.ptnr1_label_atom_id'            
31 4 'Structure model' '_struct_conn.ptnr1_label_comp_id'            
32 4 'Structure model' '_struct_conn.ptnr1_label_seq_id'             
33 4 'Structure model' '_struct_conn.ptnr1_symmetry'                 
34 4 'Structure model' '_struct_conn.ptnr2_auth_asym_id'             
35 4 'Structure model' '_struct_conn.ptnr2_auth_comp_id'             
36 4 'Structure model' '_struct_conn.ptnr2_auth_seq_id'              
37 4 'Structure model' '_struct_conn.ptnr2_label_asym_id'            
38 4 'Structure model' '_struct_conn.ptnr2_label_atom_id'            
39 4 'Structure model' '_struct_conn.ptnr2_label_comp_id'            
40 4 'Structure model' '_struct_conn.ptnr2_label_seq_id'             
41 4 'Structure model' '_struct_conn.ptnr2_symmetry'                 
42 4 'Structure model' '_struct_site.pdbx_auth_asym_id'              
43 4 'Structure model' '_struct_site.pdbx_auth_comp_id'              
44 4 'Structure model' '_struct_site.pdbx_auth_seq_id'               
# 
_pdbx_database_status.status_code                     REL 
_pdbx_database_status.entry_id                        1DPN 
_pdbx_database_status.recvd_initial_deposition_date   1999-12-27 
_pdbx_database_status.deposit_site                    RCSB 
_pdbx_database_status.process_site                    RCSB 
_pdbx_database_status.status_code_sf                  REL 
_pdbx_database_status.SG_entry                        . 
_pdbx_database_status.pdb_format_compatible           Y 
_pdbx_database_status.status_code_mr                  ? 
_pdbx_database_status.status_code_cs                  ? 
_pdbx_database_status.status_code_nmr_data            ? 
_pdbx_database_status.methods_development_category    ? 
# 
_pdbx_database_related.db_name        NDB 
_pdbx_database_related.db_id          BD0007 
_pdbx_database_related.details        . 
_pdbx_database_related.content_type   unspecified 
# 
loop_
_audit_author.name 
_audit_author.pdbx_ordinal 
'Egli, M.'       1  
'Tereshko, V.'   2  
'Teplova, M.'    3  
'Minasov, G.'    4  
'Joachimiak, A.' 5  
'Sanishvili, R.' 6  
'Weeks, C.M.'    7  
'Miller, R.'     8  
'Maier, M.A.'    9  
'An, H.'         10 
'Dan Cook, P.'   11 
'Manoharan, M.'  12 
# 
_citation.id                        primary 
_citation.title                     'X-ray crystallographic analysis of the hydration of A- and B-form DNA at atomic resolution.' 
_citation.journal_abbrev            Biopolymers 
_citation.journal_volume            48 
_citation.page_first                234 
_citation.page_last                 252 
_citation.year                      1998 
_citation.journal_id_ASTM           BIPMAA 
_citation.country                   US 
_citation.journal_id_ISSN           0006-3525 
_citation.journal_id_CSD            0161 
_citation.book_publisher            ? 
_citation.pdbx_database_id_PubMed   10699842 
_citation.pdbx_database_id_DOI      '10.1002/(SICI)1097-0282(1998)48:4<234::AID-BIP4>3.0.CO;2-H' 
# 
loop_
_citation_author.citation_id 
_citation_author.name 
_citation_author.ordinal 
_citation_author.identifier_ORCID 
primary 'Egli, M.'       1  ? 
primary 'Tereshko, V.'   2  ? 
primary 'Teplova, M.'    3  ? 
primary 'Minasov, G.'    4  ? 
primary 'Joachimiak, A.' 5  ? 
primary 'Sanishvili, R.' 6  ? 
primary 'Weeks, C.M.'    7  ? 
primary 'Miller, R.'     8  ? 
primary 'Maier, M.A.'    9  ? 
primary 'An, H.'         10 ? 
primary 'Dan Cook, P.'   11 ? 
primary 'Manoharan, M.'  12 ? 
# 
loop_
_entity.id 
_entity.type 
_entity.src_method 
_entity.pdbx_description 
_entity.formula_weight 
_entity.pdbx_number_of_molecules 
_entity.pdbx_ec 
_entity.pdbx_mutation 
_entity.pdbx_fragment 
_entity.details 
1 polymer     syn 
;DNA (5'-D(*CP*GP*CP*GP*AP*AP*(TAF)P*TP*CP*GP*CP*G)-3')
;
3681.383 2   ? ? ? ? 
2 non-polymer syn 'MAGNESIUM ION'                                          24.305   4   ? ? ? ? 
3 water       nat water                                                    18.015   252 ? ? ? ? 
# 
_entity_poly.entity_id                      1 
_entity_poly.type                           polydeoxyribonucleotide 
_entity_poly.nstd_linkage                   no 
_entity_poly.nstd_monomer                   yes 
_entity_poly.pdbx_seq_one_letter_code       '(DC)(DG)(DC)(DG)(DA)(DA)(TAF)(DT)(DC)(DG)(DC)(DG)' 
_entity_poly.pdbx_seq_one_letter_code_can   CGCGAATTCGCG 
_entity_poly.pdbx_strand_id                 A,B 
_entity_poly.pdbx_target_identifier         ? 
# 
loop_
_pdbx_entity_nonpoly.entity_id 
_pdbx_entity_nonpoly.name 
_pdbx_entity_nonpoly.comp_id 
2 'MAGNESIUM ION' MG  
3 water           HOH 
# 
loop_
_entity_poly_seq.entity_id 
_entity_poly_seq.num 
_entity_poly_seq.mon_id 
_entity_poly_seq.hetero 
1 1  DC  n 
1 2  DG  n 
1 3  DC  n 
1 4  DG  n 
1 5  DA  n 
1 6  DA  n 
1 7  TAF n 
1 8  DT  n 
1 9  DC  n 
1 10 DG  n 
1 11 DC  n 
1 12 DG  n 
# 
loop_
_chem_comp.id 
_chem_comp.type 
_chem_comp.mon_nstd_flag 
_chem_comp.name 
_chem_comp.pdbx_synonyms 
_chem_comp.formula 
_chem_comp.formula_weight 
DA  'DNA linking' y "2'-DEOXYADENOSINE-5'-MONOPHOSPHATE"                        ? 'C10 H14 N5 O6 P'   331.222 
DC  'DNA linking' y "2'-DEOXYCYTIDINE-5'-MONOPHOSPHATE"                         ? 'C9 H14 N3 O7 P'    307.197 
DG  'DNA linking' y "2'-DEOXYGUANOSINE-5'-MONOPHOSPHATE"                        ? 'C10 H14 N5 O7 P'   347.221 
DT  'DNA linking' y "THYMIDINE-5'-MONOPHOSPHATE"                                ? 'C10 H15 N2 O8 P'   322.208 
HOH non-polymer   . WATER                                                       ? 'H2 O'              18.015  
MG  non-polymer   . 'MAGNESIUM ION'                                             ? 'Mg 2'              24.305  
TAF 'DNA linking' n 
;2'-DEOXY-2'-FLUORO-ARABINO-FURANOSYL THYMINE-5'-PHOSPHATE
;
? 'C10 H14 F N2 O8 P' 340.199 
# 
loop_
_pdbx_poly_seq_scheme.asym_id 
_pdbx_poly_seq_scheme.entity_id 
_pdbx_poly_seq_scheme.seq_id 
_pdbx_poly_seq_scheme.mon_id 
_pdbx_poly_seq_scheme.ndb_seq_num 
_pdbx_poly_seq_scheme.pdb_seq_num 
_pdbx_poly_seq_scheme.auth_seq_num 
_pdbx_poly_seq_scheme.pdb_mon_id 
_pdbx_poly_seq_scheme.auth_mon_id 
_pdbx_poly_seq_scheme.pdb_strand_id 
_pdbx_poly_seq_scheme.pdb_ins_code 
_pdbx_poly_seq_scheme.hetero 
A 1 1  DC  1  1  1  DC  C   A . n 
A 1 2  DG  2  2  2  DG  G   A . n 
A 1 3  DC  3  3  3  DC  C   A . n 
A 1 4  DG  4  4  4  DG  G   A . n 
A 1 5  DA  5  5  5  DA  A   A . n 
A 1 6  DA  6  6  6  DA  A   A . n 
A 1 7  TAF 7  7  7  TAF TAF A . n 
A 1 8  DT  8  8  8  DT  T   A . n 
A 1 9  DC  9  9  9  DC  C   A . n 
A 1 10 DG  10 10 10 DG  G   A . n 
A 1 11 DC  11 11 11 DC  C   A . n 
A 1 12 DG  12 12 12 DG  G   A . n 
B 1 1  DC  1  13 13 DC  C   B . n 
B 1 2  DG  2  14 14 DG  G   B . n 
B 1 3  DC  3  15 15 DC  C   B . n 
B 1 4  DG  4  16 16 DG  G   B . n 
B 1 5  DA  5  17 17 DA  A   B . n 
B 1 6  DA  6  18 18 DA  A   B . n 
B 1 7  TAF 7  19 19 TAF TAF B . n 
B 1 8  DT  8  20 20 DT  T   B . n 
B 1 9  DC  9  21 21 DC  C   B . n 
B 1 10 DG  10 22 22 DG  G   B . n 
B 1 11 DC  11 23 23 DC  C   B . n 
B 1 12 DG  12 24 24 DG  G   B . n 
# 
loop_
_pdbx_nonpoly_scheme.asym_id 
_pdbx_nonpoly_scheme.entity_id 
_pdbx_nonpoly_scheme.mon_id 
_pdbx_nonpoly_scheme.ndb_seq_num 
_pdbx_nonpoly_scheme.pdb_seq_num 
_pdbx_nonpoly_scheme.auth_seq_num 
_pdbx_nonpoly_scheme.pdb_mon_id 
_pdbx_nonpoly_scheme.auth_mon_id 
_pdbx_nonpoly_scheme.pdb_strand_id 
_pdbx_nonpoly_scheme.pdb_ins_code 
C 2 MG  1   25   25   MG  MG  A . 
D 2 MG  1   32   32   MG  MG  B . 
E 2 MG  1   38   38   MG  MG  B . 
F 2 MG  1   45   45   MG  MG  B . 
G 3 HOH 1   26   26   HOH TIP A . 
G 3 HOH 2   28   28   HOH TIP A . 
G 3 HOH 3   40   40   HOH TIP A . 
G 3 HOH 4   43   43   HOH TIP A . 
G 3 HOH 5   44   44   HOH TIP A . 
G 3 HOH 6   46   46   HOH TIP A . 
G 3 HOH 7   53   53   HOH TIP A . 
G 3 HOH 8   54   54   HOH TIP A . 
G 3 HOH 9   55   55   HOH TIP A . 
G 3 HOH 10  57   57   HOH TIP A . 
G 3 HOH 11  59   59   HOH TIP A . 
G 3 HOH 12  61   61   HOH TIP A . 
G 3 HOH 13  62   62   HOH TIP A . 
G 3 HOH 14  63   63   HOH TIP A . 
G 3 HOH 15  64   64   HOH TIP A . 
G 3 HOH 16  65   65   HOH TIP A . 
G 3 HOH 17  67   67   HOH TIP A . 
G 3 HOH 18  68   68   HOH TIP A . 
G 3 HOH 19  76   76   HOH TIP A . 
G 3 HOH 20  78   78   HOH TIP A . 
G 3 HOH 21  101  101  HOH TIP A . 
G 3 HOH 22  102  102  HOH TIP A . 
G 3 HOH 23  104  104  HOH TIP A . 
G 3 HOH 24  106  106  HOH TIP A . 
G 3 HOH 25  107  107  HOH TIP A . 
G 3 HOH 26  108  108  HOH TIP A . 
G 3 HOH 27  112  112  HOH TIP A . 
G 3 HOH 28  113  113  HOH TIP A . 
G 3 HOH 29  114  114  HOH TIP A . 
G 3 HOH 30  117  117  HOH TIP A . 
G 3 HOH 31  118  118  HOH TIP A . 
G 3 HOH 32  120  120  HOH TIP A . 
G 3 HOH 33  122  122  HOH TIP A . 
G 3 HOH 34  123  123  HOH TIP A . 
G 3 HOH 35  124  124  HOH TIP A . 
G 3 HOH 36  125  125  HOH TIP A . 
G 3 HOH 37  126  126  HOH TIP A . 
G 3 HOH 38  131  131  HOH TIP A . 
G 3 HOH 39  133  133  HOH TIP A . 
G 3 HOH 40  134  134  HOH TIP A . 
G 3 HOH 41  135  135  HOH TIP A . 
G 3 HOH 42  138  138  HOH TIP A . 
G 3 HOH 43  139  139  HOH TIP A . 
G 3 HOH 44  140  140  HOH TIP A . 
G 3 HOH 45  141  141  HOH TIP A . 
G 3 HOH 46  142  142  HOH TIP A . 
G 3 HOH 47  146  146  HOH TIP A . 
G 3 HOH 48  147  147  HOH TIP A . 
G 3 HOH 49  149  149  HOH TIP A . 
G 3 HOH 50  150  150  HOH TIP A . 
G 3 HOH 51  152  152  HOH TIP A . 
G 3 HOH 52  153  153  HOH TIP A . 
G 3 HOH 53  154  154  HOH TIP A . 
G 3 HOH 54  155  155  HOH TIP A . 
G 3 HOH 55  156  156  HOH TIP A . 
G 3 HOH 56  157  157  HOH TIP A . 
G 3 HOH 57  159  159  HOH TIP A . 
G 3 HOH 58  160  160  HOH TIP A . 
G 3 HOH 59  162  162  HOH TIP A . 
G 3 HOH 60  165  165  HOH TIP A . 
G 3 HOH 61  166  166  HOH TIP A . 
G 3 HOH 62  168  168  HOH TIP A . 
G 3 HOH 63  169  169  HOH TIP A . 
G 3 HOH 64  171  171  HOH TIP A . 
G 3 HOH 65  173  173  HOH TIP A . 
G 3 HOH 66  174  174  HOH TIP A . 
G 3 HOH 67  177  177  HOH TIP A . 
G 3 HOH 68  179  179  HOH TIP A . 
G 3 HOH 69  180  180  HOH TIP A . 
G 3 HOH 70  182  182  HOH TIP A . 
G 3 HOH 71  184  184  HOH TIP A . 
G 3 HOH 72  185  185  HOH TIP A . 
G 3 HOH 73  188  188  HOH TIP A . 
G 3 HOH 74  190  190  HOH TIP A . 
G 3 HOH 75  196  196  HOH TIP A . 
G 3 HOH 76  198  198  HOH TIP A . 
G 3 HOH 77  203  203  HOH TIP A . 
G 3 HOH 78  208  208  HOH TIP A . 
G 3 HOH 79  214  214  HOH TIP A . 
G 3 HOH 80  216  216  HOH TIP A . 
G 3 HOH 81  220  220  HOH TIP A . 
G 3 HOH 82  222  222  HOH TIP A . 
G 3 HOH 83  223  223  HOH TIP A . 
G 3 HOH 84  226  226  HOH TIP A . 
G 3 HOH 85  227  227  HOH TIP A . 
G 3 HOH 86  229  229  HOH TIP A . 
G 3 HOH 87  235  235  HOH TIP A . 
G 3 HOH 88  236  236  HOH TIP A . 
G 3 HOH 89  239  239  HOH TIP A . 
G 3 HOH 90  243  243  HOH TIP A . 
G 3 HOH 91  247  247  HOH TIP A . 
G 3 HOH 92  248  248  HOH TIP A . 
G 3 HOH 93  252  252  HOH TIP A . 
G 3 HOH 94  258  258  HOH TIP A . 
G 3 HOH 95  260  260  HOH TIP A . 
G 3 HOH 96  267  267  HOH TIP A . 
G 3 HOH 97  268  268  HOH TIP A . 
G 3 HOH 98  271  271  HOH TIP A . 
G 3 HOH 99  273  273  HOH TIP A . 
G 3 HOH 100 274  274  HOH TIP A . 
G 3 HOH 101 276  276  HOH TIP A . 
G 3 HOH 102 277  277  HOH TIP A . 
G 3 HOH 103 280  280  HOH TIP A . 
G 3 HOH 104 287  287  HOH TIP A . 
G 3 HOH 105 289  289  HOH TIP A . 
G 3 HOH 106 290  290  HOH TIP A . 
G 3 HOH 107 293  293  HOH TIP A . 
G 3 HOH 108 294  294  HOH TIP A . 
G 3 HOH 109 295  295  HOH TIP A . 
G 3 HOH 110 297  297  HOH TIP A . 
G 3 HOH 111 298  298  HOH TIP A . 
G 3 HOH 112 300  300  HOH TIP A . 
G 3 HOH 113 302  302  HOH TIP A . 
G 3 HOH 114 303  303  HOH TIP A . 
G 3 HOH 115 307  307  HOH TIP A . 
G 3 HOH 116 311  311  HOH TIP A . 
G 3 HOH 117 316  316  HOH TIP A . 
G 3 HOH 118 317  317  HOH TIP A . 
G 3 HOH 119 318  318  HOH TIP A . 
G 3 HOH 120 319  319  HOH TIP A . 
H 3 HOH 1   27   27   HOH TIP B . 
H 3 HOH 2   29   29   HOH TIP B . 
H 3 HOH 3   30   30   HOH TIP B . 
H 3 HOH 4   31   31   HOH TIP B . 
H 3 HOH 5   33   33   HOH TIP B . 
H 3 HOH 6   34   34   HOH TIP B . 
H 3 HOH 7   35   35   HOH TIP B . 
H 3 HOH 8   36   36   HOH TIP B . 
H 3 HOH 9   37   37   HOH TIP B . 
H 3 HOH 10  39   39   HOH TIP B . 
H 3 HOH 11  41   41   HOH TIP B . 
H 3 HOH 12  42   42   HOH TIP B . 
H 3 HOH 13  47   47   HOH TIP B . 
H 3 HOH 14  48   48   HOH TIP B . 
H 3 HOH 15  49   49   HOH TIP B . 
H 3 HOH 16  50   50   HOH TIP B . 
H 3 HOH 17  52   52   HOH TIP B . 
H 3 HOH 18  56   56   HOH TIP B . 
H 3 HOH 19  58   58   HOH TIP B . 
H 3 HOH 20  66   66   HOH TIP B . 
H 3 HOH 21  69   69   HOH TIP B . 
H 3 HOH 22  70   70   HOH TIP B . 
H 3 HOH 23  72   72   HOH TIP B . 
H 3 HOH 24  73   73   HOH TIP B . 
H 3 HOH 25  74   74   HOH TIP B . 
H 3 HOH 26  75   75   HOH TIP B . 
H 3 HOH 27  77   77   HOH TIP B . 
H 3 HOH 28  79   79   HOH TIP B . 
H 3 HOH 29  103  103  HOH TIP B . 
H 3 HOH 30  105  105  HOH TIP B . 
H 3 HOH 31  109  109  HOH TIP B . 
H 3 HOH 32  110  110  HOH TIP B . 
H 3 HOH 33  111  111  HOH TIP B . 
H 3 HOH 34  115  115  HOH TIP B . 
H 3 HOH 35  116  116  HOH TIP B . 
H 3 HOH 36  119  119  HOH TIP B . 
H 3 HOH 37  121  121  HOH TIP B . 
H 3 HOH 38  127  127  HOH TIP B . 
H 3 HOH 39  128  128  HOH TIP B . 
H 3 HOH 40  129  129  HOH TIP B . 
H 3 HOH 41  130  130  HOH TIP B . 
H 3 HOH 42  132  132  HOH TIP B . 
H 3 HOH 43  136  136  HOH TIP B . 
H 3 HOH 44  137  137  HOH TIP B . 
H 3 HOH 45  143  143  HOH TIP B . 
H 3 HOH 46  144  144  HOH TIP B . 
H 3 HOH 47  145  145  HOH TIP B . 
H 3 HOH 48  148  148  HOH TIP B . 
H 3 HOH 49  151  151  HOH TIP B . 
H 3 HOH 50  161  161  HOH TIP B . 
H 3 HOH 51  163  163  HOH TIP B . 
H 3 HOH 52  164  164  HOH TIP B . 
H 3 HOH 53  167  167  HOH TIP B . 
H 3 HOH 54  170  170  HOH TIP B . 
H 3 HOH 55  172  172  HOH TIP B . 
H 3 HOH 56  175  175  HOH TIP B . 
H 3 HOH 57  176  176  HOH TIP B . 
H 3 HOH 58  178  178  HOH TIP B . 
H 3 HOH 59  181  181  HOH TIP B . 
H 3 HOH 60  183  183  HOH TIP B . 
H 3 HOH 61  186  186  HOH TIP B . 
H 3 HOH 62  187  187  HOH TIP B . 
H 3 HOH 63  191  191  HOH TIP B . 
H 3 HOH 64  192  192  HOH TIP B . 
H 3 HOH 65  193  193  HOH TIP B . 
H 3 HOH 66  195  195  HOH TIP B . 
H 3 HOH 67  197  197  HOH TIP B . 
H 3 HOH 68  199  199  HOH TIP B . 
H 3 HOH 69  200  200  HOH TIP B . 
H 3 HOH 70  201  201  HOH TIP B . 
H 3 HOH 71  202  202  HOH TIP B . 
H 3 HOH 72  204  204  HOH TIP B . 
H 3 HOH 73  205  205  HOH TIP B . 
H 3 HOH 74  206  206  HOH TIP B . 
H 3 HOH 75  207  207  HOH TIP B . 
H 3 HOH 76  209  209  HOH TIP B . 
H 3 HOH 77  210  210  HOH TIP B . 
H 3 HOH 78  211  211  HOH TIP B . 
H 3 HOH 79  212  212  HOH TIP B . 
H 3 HOH 80  213  213  HOH TIP B . 
H 3 HOH 81  217  217  HOH TIP B . 
H 3 HOH 82  218  218  HOH TIP B . 
H 3 HOH 83  219  219  HOH TIP B . 
H 3 HOH 84  221  221  HOH TIP B . 
H 3 HOH 85  228  228  HOH TIP B . 
H 3 HOH 86  230  230  HOH TIP B . 
H 3 HOH 87  232  232  HOH TIP B . 
H 3 HOH 88  234  234  HOH TIP B . 
H 3 HOH 89  237  237  HOH TIP B . 
H 3 HOH 90  238  238  HOH TIP B . 
H 3 HOH 91  240  240  HOH TIP B . 
H 3 HOH 92  242  242  HOH TIP B . 
H 3 HOH 93  244  244  HOH TIP B . 
H 3 HOH 94  245  245  HOH TIP B . 
H 3 HOH 95  246  246  HOH TIP B . 
H 3 HOH 96  250  250  HOH TIP B . 
H 3 HOH 97  251  251  HOH TIP B . 
H 3 HOH 98  253  253  HOH TIP B . 
H 3 HOH 99  256  256  HOH TIP B . 
H 3 HOH 100 257  257  HOH TIP B . 
H 3 HOH 101 261  261  HOH TIP B . 
H 3 HOH 102 263  263  HOH TIP B . 
H 3 HOH 103 264  264  HOH TIP B . 
H 3 HOH 104 265  265  HOH TIP B . 
H 3 HOH 105 270  270  HOH TIP B . 
H 3 HOH 106 272  272  HOH TIP B . 
H 3 HOH 107 275  275  HOH TIP B . 
H 3 HOH 108 278  278  HOH TIP B . 
H 3 HOH 109 279  279  HOH TIP B . 
H 3 HOH 110 282  282  HOH TIP B . 
H 3 HOH 111 283  283  HOH TIP B . 
H 3 HOH 112 284  284  HOH TIP B . 
H 3 HOH 113 285  285  HOH TIP B . 
H 3 HOH 114 286  286  HOH TIP B . 
H 3 HOH 115 288  288  HOH TIP B . 
H 3 HOH 116 291  291  HOH TIP B . 
H 3 HOH 117 292  292  HOH TIP B . 
H 3 HOH 118 299  299  HOH TIP B . 
H 3 HOH 119 301  301  HOH TIP B . 
H 3 HOH 120 304  304  HOH TIP B . 
H 3 HOH 121 305  305  HOH TIP B . 
H 3 HOH 122 306  306  HOH TIP B . 
H 3 HOH 123 308  308  HOH TIP B . 
H 3 HOH 124 309  309  HOH TIP B . 
H 3 HOH 125 310  310  HOH TIP B . 
H 3 HOH 126 312  312  HOH TIP B . 
H 3 HOH 127 313  313  HOH TIP B . 
H 3 HOH 128 314  314  HOH TIP B . 
H 3 HOH 129 315  315  HOH TIP B . 
H 3 HOH 130 320  320  HOH TIP B . 
H 3 HOH 131 1001 1001 HOH TIP B . 
H 3 HOH 132 1002 1002 HOH TIP B . 
# 
loop_
_software.name 
_software.classification 
_software.version 
_software.citation_id 
_software.pdbx_ordinal 
AMoRE     phasing          . ? 1 
SHELXL-97 refinement       . ? 2 
DENZO     'data reduction' . ? 3 
SCALEPACK 'data scaling'   . ? 4 
# 
_cell.entry_id           1DPN 
_cell.length_a           24.623 
_cell.length_b           39.732 
_cell.length_c           65.737 
_cell.angle_alpha        90.00 
_cell.angle_beta         90.00 
_cell.angle_gamma        90.0 
_cell.Z_PDB              8 
_cell.pdbx_unique_axis   ? 
# 
_symmetry.entry_id                         1DPN 
_symmetry.space_group_name_H-M             'P 21 21 21' 
_symmetry.pdbx_full_space_group_name_H-M   ? 
_symmetry.cell_setting                     orthorhombic 
_symmetry.Int_Tables_number                19 
# 
_exptl.entry_id          1DPN 
_exptl.method            'X-RAY DIFFRACTION' 
_exptl.crystals_number   1 
# 
_exptl_crystal.id                    1 
_exptl_crystal.density_meas          ? 
_exptl_crystal.density_Matthews      2.18 
_exptl_crystal.density_percent_sol   43.67 
_exptl_crystal.description           ? 
# 
_exptl_crystal_grow.crystal_id      1 
_exptl_crystal_grow.method          'VAPOR DIFFUSION, HANGING DROP' 
_exptl_crystal_grow.temp            293 
_exptl_crystal_grow.temp_details    ? 
_exptl_crystal_grow.pH              6.9 
_exptl_crystal_grow.pdbx_details    
'SODIUM CACODYLATE, MAGNESIUM ACETATE, SPERMINE, pH 6.9, VAPOR DIFFUSION, HANGING DROP, temperature 293K' 
_exptl_crystal_grow.pdbx_pH_range   ? 
# 
loop_
_exptl_crystal_grow_comp.crystal_id 
_exptl_crystal_grow_comp.id 
_exptl_crystal_grow_comp.sol_id 
_exptl_crystal_grow_comp.name 
_exptl_crystal_grow_comp.volume 
_exptl_crystal_grow_comp.conc 
_exptl_crystal_grow_comp.details 
1 1 1 'SODIUM CACODYLATE' ? ? ? 
1 2 1 'MAGNESIUM ACETATE' ? ? ? 
1 3 1 SPERMINE            ? ? ? 
# 
_diffrn.id                     1 
_diffrn.ambient_temp           120 
_diffrn.ambient_temp_details   ? 
_diffrn.crystal_id             1 
# 
_diffrn_detector.diffrn_id              1 
_diffrn_detector.detector               CCD 
_diffrn_detector.type                   CUSTOM-MADE 
_diffrn_detector.pdbx_collection_date   1999-02-15 
_diffrn_detector.details                ? 
# 
_diffrn_radiation.diffrn_id                        1 
_diffrn_radiation.wavelength_id                    1 
_diffrn_radiation.pdbx_monochromatic_or_laue_m_l   M 
_diffrn_radiation.monochromator                    ? 
_diffrn_radiation.pdbx_diffrn_protocol             'SINGLE WAVELENGTH' 
_diffrn_radiation.pdbx_scattering_type             x-ray 
# 
_diffrn_radiation_wavelength.id           1 
_diffrn_radiation_wavelength.wavelength   0.8152 
_diffrn_radiation_wavelength.wt           1.0 
# 
_diffrn_source.diffrn_id                   1 
_diffrn_source.source                      SYNCHROTRON 
_diffrn_source.type                        'APS BEAMLINE 19-ID' 
_diffrn_source.pdbx_synchrotron_site       APS 
_diffrn_source.pdbx_synchrotron_beamline   19-ID 
_diffrn_source.pdbx_wavelength             0.8152 
_diffrn_source.pdbx_wavelength_list        ? 
# 
_reflns.entry_id                     1DPN 
_reflns.observed_criterion_sigma_I   ? 
_reflns.observed_criterion_sigma_F   ? 
_reflns.d_resolution_low             20.0 
_reflns.d_resolution_high            0.95 
_reflns.number_obs                   39151 
_reflns.number_all                   39151 
_reflns.percent_possible_obs         94.3 
_reflns.pdbx_Rmerge_I_obs            0.0470000 
_reflns.pdbx_Rsym_value              ? 
_reflns.pdbx_netI_over_sigmaI        ? 
_reflns.B_iso_Wilson_estimate        ? 
_reflns.pdbx_redundancy              6.2 
_reflns.pdbx_diffrn_id               1 
_reflns.pdbx_ordinal                 1 
# 
_reflns_shell.d_res_high             0.95 
_reflns_shell.d_res_low              1.0 
_reflns_shell.percent_possible_all   70.2 
_reflns_shell.Rmerge_I_obs           ? 
_reflns_shell.pdbx_Rsym_value        ? 
_reflns_shell.meanI_over_sigI_obs    ? 
_reflns_shell.pdbx_redundancy        ? 
_reflns_shell.pdbx_diffrn_id         ? 
_reflns_shell.pdbx_ordinal           1 
# 
_refine.entry_id                                 1DPN 
_refine.ls_number_reflns_obs                     39151 
_refine.ls_number_reflns_all                     39151 
_refine.pdbx_ls_sigma_I                          ? 
_refine.pdbx_ls_sigma_F                          0 
_refine.pdbx_data_cutoff_high_absF               ? 
_refine.pdbx_data_cutoff_low_absF                ? 
_refine.pdbx_data_cutoff_high_rms_absF           ? 
_refine.ls_d_res_low                             20.0 
_refine.ls_d_res_high                            0.95 
_refine.ls_percent_reflns_obs                    94.3 
_refine.ls_R_factor_obs                          0.1600000 
_refine.ls_R_factor_all                          0.1600000 
_refine.ls_R_factor_R_work                       0.1710000 
_refine.ls_R_factor_R_free                       0.1590000 
_refine.ls_R_factor_R_free_error                 ? 
_refine.ls_R_factor_R_free_error_details         ? 
_refine.ls_percent_reflns_R_free                 10 
_refine.ls_number_reflns_R_free                  3900 
_refine.ls_number_parameters                     ? 
_refine.ls_number_restraints                     ? 
_refine.occupancy_min                            ? 
_refine.occupancy_max                            ? 
_refine.B_iso_mean                               ? 
_refine.aniso_B[1][1]                            ? 
_refine.aniso_B[2][2]                            ? 
_refine.aniso_B[3][3]                            ? 
_refine.aniso_B[1][2]                            ? 
_refine.aniso_B[1][3]                            ? 
_refine.aniso_B[2][3]                            ? 
_refine.solvent_model_details                    ? 
_refine.solvent_model_param_ksol                 ? 
_refine.solvent_model_param_bsol                 ? 
_refine.pdbx_ls_cross_valid_method               THROUGHOUT 
_refine.details                                  ? 
_refine.pdbx_starting_model                      ? 
_refine.pdbx_method_to_determine_struct          ? 
_refine.pdbx_isotropic_thermal_model             ? 
_refine.pdbx_stereochemistry_target_values       'PARKINSON ET AL.' 
_refine.pdbx_stereochem_target_val_spec_case     ? 
_refine.pdbx_R_Free_selection_details            RANDOM 
_refine.pdbx_overall_ESU_R                       ? 
_refine.pdbx_overall_ESU_R_Free                  ? 
_refine.overall_SU_ML                            ? 
_refine.overall_SU_B                             ? 
_refine.pdbx_refine_id                           'X-RAY DIFFRACTION' 
_refine.pdbx_diffrn_id                           1 
_refine.pdbx_TLS_residual_ADP_flag               ? 
_refine.correlation_coeff_Fo_to_Fc               ? 
_refine.correlation_coeff_Fo_to_Fc_free          ? 
_refine.pdbx_solvent_vdw_probe_radii             ? 
_refine.pdbx_solvent_ion_probe_radii             ? 
_refine.pdbx_solvent_shrinkage_radii             ? 
_refine.pdbx_overall_phase_error                 ? 
_refine.overall_SU_R_Cruickshank_DPI             ? 
_refine.pdbx_overall_SU_R_free_Cruickshank_DPI   ? 
_refine.pdbx_overall_SU_R_Blow_DPI               ? 
_refine.pdbx_overall_SU_R_free_Blow_DPI          ? 
# 
_refine_hist.pdbx_refine_id                   'X-RAY DIFFRACTION' 
_refine_hist.cycle_id                         LAST 
_refine_hist.pdbx_number_atoms_protein        0 
_refine_hist.pdbx_number_atoms_nucleic_acid   570 
_refine_hist.pdbx_number_atoms_ligand         4 
_refine_hist.number_atoms_solvent             252 
_refine_hist.number_atoms_total               826 
_refine_hist.d_res_high                       0.95 
_refine_hist.d_res_low                        20.0 
# 
loop_
_refine_ls_restr.type 
_refine_ls_restr.dev_ideal 
_refine_ls_restr.dev_ideal_target 
_refine_ls_restr.weight 
_refine_ls_restr.number 
_refine_ls_restr.pdbx_refine_id 
_refine_ls_restr.pdbx_restraint_function 
s_bond_d               0.012 ? ? ? 'X-RAY DIFFRACTION' ? 
s_angle_d              0.005 ? ? ? 'X-RAY DIFFRACTION' ? 
s_similar_dist         ?     ? ? ? 'X-RAY DIFFRACTION' ? 
s_from_restr_planes    ?     ? ? ? 'X-RAY DIFFRACTION' ? 
s_zero_chiral_vol      ?     ? ? ? 'X-RAY DIFFRACTION' ? 
s_non_zero_chiral_vol  ?     ? ? ? 'X-RAY DIFFRACTION' ? 
s_anti_bump_dis_restr  ?     ? ? ? 'X-RAY DIFFRACTION' ? 
s_rigid_bond_adp_cmpnt ?     ? ? ? 'X-RAY DIFFRACTION' ? 
s_similar_adp_cmpnt    ?     ? ? ? 'X-RAY DIFFRACTION' ? 
s_approx_iso_adps      ?     ? ? ? 'X-RAY DIFFRACTION' ? 
# 
_struct.entry_id                  1DPN 
_struct.title                     
;B-DODECAMER CGCGAA(TAF)TCGCG WITH INCORPORATED 2'-DEOXY-2'-FLUORO-ARABINO-FURANOSYL THYMINE
;
_struct.pdbx_model_details        ? 
_struct.pdbx_CASP_flag            ? 
_struct.pdbx_model_type_details   ? 
# 
_struct_keywords.entry_id        1DPN 
_struct_keywords.pdbx_keywords   DNA 
_struct_keywords.text            '0.95 A RESOLUTION STRUCTURE, DNA' 
# 
loop_
_struct_asym.id 
_struct_asym.pdbx_blank_PDB_chainid_flag 
_struct_asym.pdbx_modified 
_struct_asym.entity_id 
_struct_asym.details 
A N N 1 ? 
B N N 1 ? 
C N N 2 ? 
D N N 2 ? 
E N N 2 ? 
F N N 2 ? 
G N N 3 ? 
H N N 3 ? 
# 
_struct_ref.id                         1 
_struct_ref.entity_id                  1 
_struct_ref.db_name                    PDB 
_struct_ref.db_code                    1DPN 
_struct_ref.pdbx_db_accession          1DPN 
_struct_ref.pdbx_db_isoform            ? 
_struct_ref.pdbx_seq_one_letter_code   ? 
_struct_ref.pdbx_align_begin           ? 
# 
loop_
_struct_ref_seq.align_id 
_struct_ref_seq.ref_id 
_struct_ref_seq.pdbx_PDB_id_code 
_struct_ref_seq.pdbx_strand_id 
_struct_ref_seq.seq_align_beg 
_struct_ref_seq.pdbx_seq_align_beg_ins_code 
_struct_ref_seq.seq_align_end 
_struct_ref_seq.pdbx_seq_align_end_ins_code 
_struct_ref_seq.pdbx_db_accession 
_struct_ref_seq.db_align_beg 
_struct_ref_seq.pdbx_db_align_beg_ins_code 
_struct_ref_seq.db_align_end 
_struct_ref_seq.pdbx_db_align_end_ins_code 
_struct_ref_seq.pdbx_auth_seq_align_beg 
_struct_ref_seq.pdbx_auth_seq_align_end 
1 1 1DPN A 1 ? 12 ? 1DPN 1  ? 12 ? 1  12 
2 1 1DPN B 1 ? 12 ? 1DPN 13 ? 24 ? 13 24 
# 
_pdbx_struct_assembly.id                   1 
_pdbx_struct_assembly.details              author_defined_assembly 
_pdbx_struct_assembly.method_details       ? 
_pdbx_struct_assembly.oligomeric_details   dimeric 
_pdbx_struct_assembly.oligomeric_count     2 
# 
_pdbx_struct_assembly_gen.assembly_id       1 
_pdbx_struct_assembly_gen.oper_expression   1 
_pdbx_struct_assembly_gen.asym_id_list      A,B,C,D,E,F,G,H 
# 
_pdbx_struct_oper_list.id                   1 
_pdbx_struct_oper_list.type                 'identity operation' 
_pdbx_struct_oper_list.name                 1_555 
_pdbx_struct_oper_list.symmetry_operation   x,y,z 
_pdbx_struct_oper_list.matrix[1][1]         1.0000000000 
_pdbx_struct_oper_list.matrix[1][2]         0.0000000000 
_pdbx_struct_oper_list.matrix[1][3]         0.0000000000 
_pdbx_struct_oper_list.vector[1]            0.0000000000 
_pdbx_struct_oper_list.matrix[2][1]         0.0000000000 
_pdbx_struct_oper_list.matrix[2][2]         1.0000000000 
_pdbx_struct_oper_list.matrix[2][3]         0.0000000000 
_pdbx_struct_oper_list.vector[2]            0.0000000000 
_pdbx_struct_oper_list.matrix[3][1]         0.0000000000 
_pdbx_struct_oper_list.matrix[3][2]         0.0000000000 
_pdbx_struct_oper_list.matrix[3][3]         1.0000000000 
_pdbx_struct_oper_list.vector[3]            0.0000000000 
# 
_struct_biol.id   1 
# 
loop_
_struct_conn.id 
_struct_conn.conn_type_id 
_struct_conn.pdbx_leaving_atom_flag 
_struct_conn.pdbx_PDB_id 
_struct_conn.ptnr1_label_asym_id 
_struct_conn.ptnr1_label_comp_id 
_struct_conn.ptnr1_label_seq_id 
_struct_conn.ptnr1_label_atom_id 
_struct_conn.pdbx_ptnr1_label_alt_id 
_struct_conn.pdbx_ptnr1_PDB_ins_code 
_struct_conn.pdbx_ptnr1_standard_comp_id 
_struct_conn.ptnr1_symmetry 
_struct_conn.ptnr2_label_asym_id 
_struct_conn.ptnr2_label_comp_id 
_struct_conn.ptnr2_label_seq_id 
_struct_conn.ptnr2_label_atom_id 
_struct_conn.pdbx_ptnr2_label_alt_id 
_struct_conn.pdbx_ptnr2_PDB_ins_code 
_struct_conn.ptnr1_auth_asym_id 
_struct_conn.ptnr1_auth_comp_id 
_struct_conn.ptnr1_auth_seq_id 
_struct_conn.ptnr2_auth_asym_id 
_struct_conn.ptnr2_auth_comp_id 
_struct_conn.ptnr2_auth_seq_id 
_struct_conn.ptnr2_symmetry 
_struct_conn.pdbx_ptnr3_label_atom_id 
_struct_conn.pdbx_ptnr3_label_seq_id 
_struct_conn.pdbx_ptnr3_label_comp_id 
_struct_conn.pdbx_ptnr3_label_asym_id 
_struct_conn.pdbx_ptnr3_label_alt_id 
_struct_conn.pdbx_ptnr3_PDB_ins_code 
_struct_conn.details 
_struct_conn.pdbx_dist_value 
_struct_conn.pdbx_value_order 
_struct_conn.pdbx_role 
covale1  covale both ? A DA  6  "O3'" ? ? ? 1_555 A TAF 7  P  ? ? A DA  6  A TAF 7  1_555 ? ? ? ? ? ? ?            1.612 ? ? 
covale2  covale one  ? A TAF 7  "O3'" ? ? ? 1_555 A DT  8  P  ? ? A TAF 7  A DT  8  1_555 ? ? ? ? ? ? ?            1.600 ? ? 
covale3  covale both ? B DA  6  "O3'" ? ? ? 1_555 B TAF 7  P  ? ? B DA  18 B TAF 19 1_555 ? ? ? ? ? ? ?            1.571 ? ? 
covale4  covale one  ? B TAF 7  "O3'" ? ? ? 1_555 B DT  8  P  ? ? B TAF 19 B DT  20 1_555 ? ? ? ? ? ? ?            1.578 ? ? 
metalc1  metalc ?    ? C MG  .  MG    ? ? ? 1_555 G HOH .  O  ? ? A MG  25 A HOH 26 1_555 ? ? ? ? ? ? ?            2.086 ? ? 
metalc2  metalc ?    ? C MG  .  MG    ? ? ? 1_555 G HOH .  O  ? ? A MG  25 A HOH 28 1_555 ? ? ? ? ? ? ?            2.040 ? ? 
metalc3  metalc ?    ? C MG  .  MG    ? ? ? 1_555 H HOH .  O  ? ? A MG  25 B HOH 27 1_555 ? ? ? ? ? ? ?            2.045 ? ? 
metalc4  metalc ?    ? C MG  .  MG    ? ? ? 1_555 H HOH .  O  ? ? A MG  25 B HOH 29 1_555 ? ? ? ? ? ? ?            2.123 ? ? 
metalc5  metalc ?    ? C MG  .  MG    ? ? ? 1_555 H HOH .  O  ? ? A MG  25 B HOH 30 1_555 ? ? ? ? ? ? ?            2.052 ? ? 
metalc6  metalc ?    ? C MG  .  MG    ? ? ? 1_555 H HOH .  O  ? ? A MG  25 B HOH 31 1_555 ? ? ? ? ? ? ?            2.064 ? ? 
metalc7  metalc ?    ? G HOH .  O     ? ? ? 1_555 E MG  .  MG ? ? A HOH 40 B MG  38 1_555 ? ? ? ? ? ? ?            2.092 ? ? 
metalc8  metalc ?    ? G HOH .  O     ? ? ? 1_555 E MG  .  MG ? ? A HOH 43 B MG  38 1_555 ? ? ? ? ? ? ?            1.935 ? ? 
metalc9  metalc ?    ? G HOH .  O     ? ? ? 1_555 E MG  .  MG ? ? A HOH 44 B MG  38 1_555 ? ? ? ? ? ? ?            1.951 ? ? 
metalc10 metalc ?    ? G HOH .  O     ? ? ? 4_456 F MG  .  MG ? ? A HOH 46 B MG  45 1_555 ? ? ? ? ? ? ?            2.106 ? ? 
metalc11 metalc ?    ? B DA  5  OP1   ? ? ? 1_555 F MG  .  MG ? ? B DA  17 B MG  45 1_555 ? ? ? ? ? ? ?            2.113 ? ? 
metalc12 metalc ?    ? B TAF 7  OP1   ? ? ? 3_645 D MG  .  MG ? ? B TAF 19 B MG  32 1_555 ? ? ? ? ? ? ?            2.084 ? ? 
metalc13 metalc ?    ? D MG  .  MG    ? ? ? 1_555 H HOH .  O  ? ? B MG  32 B HOH 33 1_555 ? ? ? ? ? ? ?            1.966 ? ? 
metalc14 metalc ?    ? D MG  .  MG    ? ? ? 1_555 H HOH .  O  ? ? B MG  32 B HOH 34 1_555 ? ? ? ? ? ? ?            2.140 ? ? 
metalc15 metalc ?    ? D MG  .  MG    ? ? ? 1_555 H HOH .  O  ? ? B MG  32 B HOH 35 1_555 ? ? ? ? ? ? ?            2.067 ? ? 
metalc16 metalc ?    ? D MG  .  MG    ? ? ? 1_555 H HOH .  O  ? ? B MG  32 B HOH 36 1_555 ? ? ? ? ? ? ?            2.087 ? ? 
metalc17 metalc ?    ? D MG  .  MG    ? ? ? 1_555 H HOH .  O  ? ? B MG  32 B HOH 37 1_555 ? ? ? ? ? ? ?            2.002 ? ? 
metalc18 metalc ?    ? E MG  .  MG    ? ? ? 1_555 H HOH .  O  ? ? B MG  38 B HOH 39 1_555 ? ? ? ? ? ? ?            2.149 ? ? 
metalc19 metalc ?    ? E MG  .  MG    ? ? ? 1_555 H HOH .  O  ? ? B MG  38 B HOH 41 1_555 ? ? ? ? ? ? ?            2.074 ? ? 
metalc20 metalc ?    ? E MG  .  MG    ? ? ? 1_555 H HOH .  O  ? ? B MG  38 B HOH 42 1_555 ? ? ? ? ? ? ?            2.048 ? ? 
metalc21 metalc ?    ? F MG  .  MG    ? ? ? 1_555 H HOH .  O  ? ? B MG  45 B HOH 47 1_555 ? ? ? ? ? ? ?            2.377 ? ? 
metalc22 metalc ?    ? F MG  .  MG    ? ? ? 1_555 H HOH .  O  ? ? B MG  45 B HOH 48 1_555 ? ? ? ? ? ? ?            1.958 ? ? 
metalc23 metalc ?    ? F MG  .  MG    ? ? ? 1_555 H HOH .  O  ? ? B MG  45 B HOH 49 1_555 ? ? ? ? ? ? ?            2.688 ? ? 
metalc24 metalc ?    ? F MG  .  MG    ? ? ? 1_555 H HOH .  O  ? ? B MG  45 B HOH 50 1_555 ? ? ? ? ? ? ?            2.438 ? ? 
hydrog1  hydrog ?    ? A DC  1  N3    ? ? ? 1_555 B DG  12 N1 ? ? A DC  1  B DG  24 1_555 ? ? ? ? ? ? WATSON-CRICK ?     ? ? 
hydrog2  hydrog ?    ? A DC  1  N4    ? ? ? 1_555 B DG  12 O6 ? ? A DC  1  B DG  24 1_555 ? ? ? ? ? ? WATSON-CRICK ?     ? ? 
hydrog3  hydrog ?    ? A DC  1  O2    ? ? ? 1_555 B DG  12 N2 ? ? A DC  1  B DG  24 1_555 ? ? ? ? ? ? WATSON-CRICK ?     ? ? 
hydrog4  hydrog ?    ? A DG  2  N1    ? ? ? 1_555 B DC  11 N3 ? ? A DG  2  B DC  23 1_555 ? ? ? ? ? ? WATSON-CRICK ?     ? ? 
hydrog5  hydrog ?    ? A DG  2  N2    ? ? ? 1_555 B DC  11 O2 ? ? A DG  2  B DC  23 1_555 ? ? ? ? ? ? WATSON-CRICK ?     ? ? 
hydrog6  hydrog ?    ? A DG  2  O6    ? ? ? 1_555 B DC  11 N4 ? ? A DG  2  B DC  23 1_555 ? ? ? ? ? ? WATSON-CRICK ?     ? ? 
hydrog7  hydrog ?    ? A DC  3  N3    ? ? ? 1_555 B DG  10 N1 ? ? A DC  3  B DG  22 1_555 ? ? ? ? ? ? WATSON-CRICK ?     ? ? 
hydrog8  hydrog ?    ? A DC  3  N4    ? ? ? 1_555 B DG  10 O6 ? ? A DC  3  B DG  22 1_555 ? ? ? ? ? ? WATSON-CRICK ?     ? ? 
hydrog9  hydrog ?    ? A DC  3  O2    ? ? ? 1_555 B DG  10 N2 ? ? A DC  3  B DG  22 1_555 ? ? ? ? ? ? WATSON-CRICK ?     ? ? 
hydrog10 hydrog ?    ? A DG  4  N1    ? ? ? 1_555 B DC  9  N3 ? ? A DG  4  B DC  21 1_555 ? ? ? ? ? ? WATSON-CRICK ?     ? ? 
hydrog11 hydrog ?    ? A DG  4  N2    ? ? ? 1_555 B DC  9  O2 ? ? A DG  4  B DC  21 1_555 ? ? ? ? ? ? WATSON-CRICK ?     ? ? 
hydrog12 hydrog ?    ? A DG  4  O6    ? ? ? 1_555 B DC  9  N4 ? ? A DG  4  B DC  21 1_555 ? ? ? ? ? ? WATSON-CRICK ?     ? ? 
hydrog13 hydrog ?    ? A DA  5  N1    ? ? ? 1_555 B DT  8  N3 ? ? A DA  5  B DT  20 1_555 ? ? ? ? ? ? WATSON-CRICK ?     ? ? 
hydrog14 hydrog ?    ? A DA  5  N6    ? ? ? 1_555 B DT  8  O4 ? ? A DA  5  B DT  20 1_555 ? ? ? ? ? ? WATSON-CRICK ?     ? ? 
hydrog15 hydrog ?    ? A DA  6  N1    ? ? ? 1_555 B TAF 7  N3 ? ? A DA  6  B TAF 19 1_555 ? ? ? ? ? ? WATSON-CRICK ?     ? ? 
hydrog16 hydrog ?    ? A DA  6  N6    ? ? ? 1_555 B TAF 7  O4 ? ? A DA  6  B TAF 19 1_555 ? ? ? ? ? ? WATSON-CRICK ?     ? ? 
hydrog17 hydrog ?    ? A TAF 7  N3    ? ? ? 1_555 B DA  6  N1 ? ? A TAF 7  B DA  18 1_555 ? ? ? ? ? ? WATSON-CRICK ?     ? ? 
hydrog18 hydrog ?    ? A TAF 7  O4    ? ? ? 1_555 B DA  6  N6 ? ? A TAF 7  B DA  18 1_555 ? ? ? ? ? ? WATSON-CRICK ?     ? ? 
hydrog19 hydrog ?    ? A DT  8  N3    ? ? ? 1_555 B DA  5  N1 ? ? A DT  8  B DA  17 1_555 ? ? ? ? ? ? WATSON-CRICK ?     ? ? 
hydrog20 hydrog ?    ? A DT  8  O4    ? ? ? 1_555 B DA  5  N6 ? ? A DT  8  B DA  17 1_555 ? ? ? ? ? ? WATSON-CRICK ?     ? ? 
hydrog21 hydrog ?    ? A DC  9  N3    ? ? ? 1_555 B DG  4  N1 ? ? A DC  9  B DG  16 1_555 ? ? ? ? ? ? WATSON-CRICK ?     ? ? 
hydrog22 hydrog ?    ? A DC  9  N4    ? ? ? 1_555 B DG  4  O6 ? ? A DC  9  B DG  16 1_555 ? ? ? ? ? ? WATSON-CRICK ?     ? ? 
hydrog23 hydrog ?    ? A DC  9  O2    ? ? ? 1_555 B DG  4  N2 ? ? A DC  9  B DG  16 1_555 ? ? ? ? ? ? WATSON-CRICK ?     ? ? 
hydrog24 hydrog ?    ? A DG  10 N1    ? ? ? 1_555 B DC  3  N3 ? ? A DG  10 B DC  15 1_555 ? ? ? ? ? ? WATSON-CRICK ?     ? ? 
hydrog25 hydrog ?    ? A DG  10 N2    ? ? ? 1_555 B DC  3  O2 ? ? A DG  10 B DC  15 1_555 ? ? ? ? ? ? WATSON-CRICK ?     ? ? 
hydrog26 hydrog ?    ? A DG  10 O6    ? ? ? 1_555 B DC  3  N4 ? ? A DG  10 B DC  15 1_555 ? ? ? ? ? ? WATSON-CRICK ?     ? ? 
hydrog27 hydrog ?    ? A DC  11 N3    ? ? ? 1_555 B DG  2  N1 ? ? A DC  11 B DG  14 1_555 ? ? ? ? ? ? WATSON-CRICK ?     ? ? 
hydrog28 hydrog ?    ? A DC  11 N4    ? ? ? 1_555 B DG  2  O6 ? ? A DC  11 B DG  14 1_555 ? ? ? ? ? ? WATSON-CRICK ?     ? ? 
hydrog29 hydrog ?    ? A DC  11 O2    ? ? ? 1_555 B DG  2  N2 ? ? A DC  11 B DG  14 1_555 ? ? ? ? ? ? WATSON-CRICK ?     ? ? 
hydrog30 hydrog ?    ? A DG  12 N1    ? ? ? 1_555 B DC  1  N3 A ? A DG  12 B DC  13 1_555 ? ? ? ? ? ? WATSON-CRICK ?     ? ? 
hydrog31 hydrog ?    ? A DG  12 N2    ? ? ? 1_555 B DC  1  O2 A ? A DG  12 B DC  13 1_555 ? ? ? ? ? ? WATSON-CRICK ?     ? ? 
hydrog32 hydrog ?    ? A DG  12 O6    ? ? ? 1_555 B DC  1  N4 A ? A DG  12 B DC  13 1_555 ? ? ? ? ? ? WATSON-CRICK ?     ? ? 
# 
loop_
_struct_conn_type.id 
_struct_conn_type.criteria 
_struct_conn_type.reference 
covale ? ? 
metalc ? ? 
hydrog ? ? 
# 
loop_
_pdbx_struct_conn_angle.id 
_pdbx_struct_conn_angle.ptnr1_label_atom_id 
_pdbx_struct_conn_angle.ptnr1_label_alt_id 
_pdbx_struct_conn_angle.ptnr1_label_asym_id 
_pdbx_struct_conn_angle.ptnr1_label_comp_id 
_pdbx_struct_conn_angle.ptnr1_label_seq_id 
_pdbx_struct_conn_angle.ptnr1_auth_atom_id 
_pdbx_struct_conn_angle.ptnr1_auth_asym_id 
_pdbx_struct_conn_angle.ptnr1_auth_comp_id 
_pdbx_struct_conn_angle.ptnr1_auth_seq_id 
_pdbx_struct_conn_angle.ptnr1_PDB_ins_code 
_pdbx_struct_conn_angle.ptnr1_symmetry 
_pdbx_struct_conn_angle.ptnr2_label_atom_id 
_pdbx_struct_conn_angle.ptnr2_label_alt_id 
_pdbx_struct_conn_angle.ptnr2_label_asym_id 
_pdbx_struct_conn_angle.ptnr2_label_comp_id 
_pdbx_struct_conn_angle.ptnr2_label_seq_id 
_pdbx_struct_conn_angle.ptnr2_auth_atom_id 
_pdbx_struct_conn_angle.ptnr2_auth_asym_id 
_pdbx_struct_conn_angle.ptnr2_auth_comp_id 
_pdbx_struct_conn_angle.ptnr2_auth_seq_id 
_pdbx_struct_conn_angle.ptnr2_PDB_ins_code 
_pdbx_struct_conn_angle.ptnr2_symmetry 
_pdbx_struct_conn_angle.ptnr3_label_atom_id 
_pdbx_struct_conn_angle.ptnr3_label_alt_id 
_pdbx_struct_conn_angle.ptnr3_label_asym_id 
_pdbx_struct_conn_angle.ptnr3_label_comp_id 
_pdbx_struct_conn_angle.ptnr3_label_seq_id 
_pdbx_struct_conn_angle.ptnr3_auth_atom_id 
_pdbx_struct_conn_angle.ptnr3_auth_asym_id 
_pdbx_struct_conn_angle.ptnr3_auth_comp_id 
_pdbx_struct_conn_angle.ptnr3_auth_seq_id 
_pdbx_struct_conn_angle.ptnr3_PDB_ins_code 
_pdbx_struct_conn_angle.ptnr3_symmetry 
_pdbx_struct_conn_angle.value 
_pdbx_struct_conn_angle.value_esd 
1  O   ? G HOH . ? A HOH 26 ? 1_555 MG ? C MG . ? A MG 25 ? 1_555 O   ? G HOH . ? A HOH 28 ? 1_555 90.0  ? 
2  O   ? G HOH . ? A HOH 26 ? 1_555 MG ? C MG . ? A MG 25 ? 1_555 O   ? H HOH . ? B HOH 27 ? 1_555 175.8 ? 
3  O   ? G HOH . ? A HOH 28 ? 1_555 MG ? C MG . ? A MG 25 ? 1_555 O   ? H HOH . ? B HOH 27 ? 1_555 87.8  ? 
4  O   ? G HOH . ? A HOH 26 ? 1_555 MG ? C MG . ? A MG 25 ? 1_555 O   ? H HOH . ? B HOH 29 ? 1_555 89.0  ? 
5  O   ? G HOH . ? A HOH 28 ? 1_555 MG ? C MG . ? A MG 25 ? 1_555 O   ? H HOH . ? B HOH 29 ? 1_555 173.7 ? 
6  O   ? H HOH . ? B HOH 27 ? 1_555 MG ? C MG . ? A MG 25 ? 1_555 O   ? H HOH . ? B HOH 29 ? 1_555 93.6  ? 
7  O   ? G HOH . ? A HOH 26 ? 1_555 MG ? C MG . ? A MG 25 ? 1_555 O   ? H HOH . ? B HOH 30 ? 1_555 94.1  ? 
8  O   ? G HOH . ? A HOH 28 ? 1_555 MG ? C MG . ? A MG 25 ? 1_555 O   ? H HOH . ? B HOH 30 ? 1_555 86.9  ? 
9  O   ? H HOH . ? B HOH 27 ? 1_555 MG ? C MG . ? A MG 25 ? 1_555 O   ? H HOH . ? B HOH 30 ? 1_555 89.3  ? 
10 O   ? H HOH . ? B HOH 29 ? 1_555 MG ? C MG . ? A MG 25 ? 1_555 O   ? H HOH . ? B HOH 30 ? 1_555 87.0  ? 
11 O   ? G HOH . ? A HOH 26 ? 1_555 MG ? C MG . ? A MG 25 ? 1_555 O   ? H HOH . ? B HOH 31 ? 1_555 89.7  ? 
12 O   ? G HOH . ? A HOH 28 ? 1_555 MG ? C MG . ? A MG 25 ? 1_555 O   ? H HOH . ? B HOH 31 ? 1_555 95.9  ? 
13 O   ? H HOH . ? B HOH 27 ? 1_555 MG ? C MG . ? A MG 25 ? 1_555 O   ? H HOH . ? B HOH 31 ? 1_555 87.0  ? 
14 O   ? H HOH . ? B HOH 29 ? 1_555 MG ? C MG . ? A MG 25 ? 1_555 O   ? H HOH . ? B HOH 31 ? 1_555 90.3  ? 
15 O   ? H HOH . ? B HOH 30 ? 1_555 MG ? C MG . ? A MG 25 ? 1_555 O   ? H HOH . ? B HOH 31 ? 1_555 175.2 ? 
16 O   ? G HOH . ? A HOH 40 ? 1_555 MG ? E MG . ? B MG 38 ? 1_555 O   ? G HOH . ? A HOH 43 ? 1_555 92.6  ? 
17 O   ? G HOH . ? A HOH 40 ? 1_555 MG ? E MG . ? B MG 38 ? 1_555 O   ? G HOH . ? A HOH 44 ? 1_555 86.2  ? 
18 O   ? G HOH . ? A HOH 43 ? 1_555 MG ? E MG . ? B MG 38 ? 1_555 O   ? G HOH . ? A HOH 44 ? 1_555 176.3 ? 
19 O   ? G HOH . ? A HOH 40 ? 1_555 MG ? E MG . ? B MG 38 ? 1_555 O   ? H HOH . ? B HOH 39 ? 1_555 92.6  ? 
20 O   ? G HOH . ? A HOH 43 ? 1_555 MG ? E MG . ? B MG 38 ? 1_555 O   ? H HOH . ? B HOH 39 ? 1_555 90.2  ? 
21 O   ? G HOH . ? A HOH 44 ? 1_555 MG ? E MG . ? B MG 38 ? 1_555 O   ? H HOH . ? B HOH 39 ? 1_555 86.3  ? 
22 O   ? G HOH . ? A HOH 40 ? 1_555 MG ? E MG . ? B MG 38 ? 1_555 O   ? H HOH . ? B HOH 41 ? 1_555 90.6  ? 
23 O   ? G HOH . ? A HOH 43 ? 1_555 MG ? E MG . ? B MG 38 ? 1_555 O   ? H HOH . ? B HOH 41 ? 1_555 96.0  ? 
24 O   ? G HOH . ? A HOH 44 ? 1_555 MG ? E MG . ? B MG 38 ? 1_555 O   ? H HOH . ? B HOH 41 ? 1_555 87.5  ? 
25 O   ? H HOH . ? B HOH 39 ? 1_555 MG ? E MG . ? B MG 38 ? 1_555 O   ? H HOH . ? B HOH 41 ? 1_555 172.9 ? 
26 O   ? G HOH . ? A HOH 40 ? 1_555 MG ? E MG . ? B MG 38 ? 1_555 O   ? H HOH . ? B HOH 42 ? 1_555 172.5 ? 
27 O   ? G HOH . ? A HOH 43 ? 1_555 MG ? E MG . ? B MG 38 ? 1_555 O   ? H HOH . ? B HOH 42 ? 1_555 88.7  ? 
28 O   ? G HOH . ? A HOH 44 ? 1_555 MG ? E MG . ? B MG 38 ? 1_555 O   ? H HOH . ? B HOH 42 ? 1_555 93.0  ? 
29 O   ? H HOH . ? B HOH 39 ? 1_555 MG ? E MG . ? B MG 38 ? 1_555 O   ? H HOH . ? B HOH 42 ? 1_555 94.8  ? 
30 O   ? H HOH . ? B HOH 41 ? 1_555 MG ? E MG . ? B MG 38 ? 1_555 O   ? H HOH . ? B HOH 42 ? 1_555 81.9  ? 
31 O   ? G HOH . ? A HOH 46 ? 4_456 MG ? F MG . ? B MG 45 ? 1_555 OP1 ? B DA  5 ? B DA  17 ? 1_555 177.9 ? 
32 O   ? G HOH . ? A HOH 46 ? 4_456 MG ? F MG . ? B MG 45 ? 1_555 O   ? H HOH . ? B HOH 47 ? 1_555 97.4  ? 
33 OP1 ? B DA  5 ? B DA  17 ? 1_555 MG ? F MG . ? B MG 45 ? 1_555 O   ? H HOH . ? B HOH 47 ? 1_555 81.0  ? 
34 O   ? G HOH . ? A HOH 46 ? 4_456 MG ? F MG . ? B MG 45 ? 1_555 O   ? H HOH . ? B HOH 48 ? 1_555 105.5 ? 
35 OP1 ? B DA  5 ? B DA  17 ? 1_555 MG ? F MG . ? B MG 45 ? 1_555 O   ? H HOH . ? B HOH 48 ? 1_555 75.7  ? 
36 O   ? H HOH . ? B HOH 47 ? 1_555 MG ? F MG . ? B MG 45 ? 1_555 O   ? H HOH . ? B HOH 48 ? 1_555 81.5  ? 
37 O   ? G HOH . ? A HOH 46 ? 4_456 MG ? F MG . ? B MG 45 ? 1_555 O   ? H HOH . ? B HOH 49 ? 1_555 92.4  ? 
38 OP1 ? B DA  5 ? B DA  17 ? 1_555 MG ? F MG . ? B MG 45 ? 1_555 O   ? H HOH . ? B HOH 49 ? 1_555 85.9  ? 
39 O   ? H HOH . ? B HOH 47 ? 1_555 MG ? F MG . ? B MG 45 ? 1_555 O   ? H HOH . ? B HOH 49 ? 1_555 74.6  ? 
40 O   ? H HOH . ? B HOH 48 ? 1_555 MG ? F MG . ? B MG 45 ? 1_555 O   ? H HOH . ? B HOH 49 ? 1_555 151.8 ? 
41 O   ? G HOH . ? A HOH 46 ? 4_456 MG ? F MG . ? B MG 45 ? 1_555 O   ? H HOH . ? B HOH 50 ? 1_555 95.6  ? 
42 OP1 ? B DA  5 ? B DA  17 ? 1_555 MG ? F MG . ? B MG 45 ? 1_555 O   ? H HOH . ? B HOH 50 ? 1_555 85.5  ? 
43 O   ? H HOH . ? B HOH 47 ? 1_555 MG ? F MG . ? B MG 45 ? 1_555 O   ? H HOH . ? B HOH 50 ? 1_555 156.1 ? 
44 O   ? H HOH . ? B HOH 48 ? 1_555 MG ? F MG . ? B MG 45 ? 1_555 O   ? H HOH . ? B HOH 50 ? 1_555 114.1 ? 
45 O   ? H HOH . ? B HOH 49 ? 1_555 MG ? F MG . ? B MG 45 ? 1_555 O   ? H HOH . ? B HOH 50 ? 1_555 84.9  ? 
46 OP1 ? B TAF 7 ? B TAF 19 ? 3_645 MG ? D MG . ? B MG 32 ? 1_555 O   ? H HOH . ? B HOH 33 ? 1_555 90.4  ? 
47 OP1 ? B TAF 7 ? B TAF 19 ? 3_645 MG ? D MG . ? B MG 32 ? 1_555 O   ? H HOH . ? B HOH 34 ? 1_555 177.5 ? 
48 O   ? H HOH . ? B HOH 33 ? 1_555 MG ? D MG . ? B MG 32 ? 1_555 O   ? H HOH . ? B HOH 34 ? 1_555 87.7  ? 
49 OP1 ? B TAF 7 ? B TAF 19 ? 3_645 MG ? D MG . ? B MG 32 ? 1_555 O   ? H HOH . ? B HOH 35 ? 1_555 94.9  ? 
50 O   ? H HOH . ? B HOH 33 ? 1_555 MG ? D MG . ? B MG 32 ? 1_555 O   ? H HOH . ? B HOH 35 ? 1_555 92.4  ? 
51 O   ? H HOH . ? B HOH 34 ? 1_555 MG ? D MG . ? B MG 32 ? 1_555 O   ? H HOH . ? B HOH 35 ? 1_555 86.7  ? 
52 OP1 ? B TAF 7 ? B TAF 19 ? 3_645 MG ? D MG . ? B MG 32 ? 1_555 O   ? H HOH . ? B HOH 36 ? 1_555 88.5  ? 
53 O   ? H HOH . ? B HOH 33 ? 1_555 MG ? D MG . ? B MG 32 ? 1_555 O   ? H HOH . ? B HOH 36 ? 1_555 178.9 ? 
54 O   ? H HOH . ? B HOH 34 ? 1_555 MG ? D MG . ? B MG 32 ? 1_555 O   ? H HOH . ? B HOH 36 ? 1_555 93.4  ? 
55 O   ? H HOH . ? B HOH 35 ? 1_555 MG ? D MG . ? B MG 32 ? 1_555 O   ? H HOH . ? B HOH 36 ? 1_555 87.5  ? 
56 OP1 ? B TAF 7 ? B TAF 19 ? 3_645 MG ? D MG . ? B MG 32 ? 1_555 O   ? H HOH . ? B HOH 37 ? 1_555 90.9  ? 
57 O   ? H HOH . ? B HOH 33 ? 1_555 MG ? D MG . ? B MG 32 ? 1_555 O   ? H HOH . ? B HOH 37 ? 1_555 87.1  ? 
58 O   ? H HOH . ? B HOH 34 ? 1_555 MG ? D MG . ? B MG 32 ? 1_555 O   ? H HOH . ? B HOH 37 ? 1_555 87.4  ? 
59 O   ? H HOH . ? B HOH 35 ? 1_555 MG ? D MG . ? B MG 32 ? 1_555 O   ? H HOH . ? B HOH 37 ? 1_555 174.1 ? 
60 O   ? H HOH . ? B HOH 36 ? 1_555 MG ? D MG . ? B MG 32 ? 1_555 O   ? H HOH . ? B HOH 37 ? 1_555 93.2  ? 
# 
loop_
_struct_site.id 
_struct_site.pdbx_evidence_code 
_struct_site.pdbx_auth_asym_id 
_struct_site.pdbx_auth_comp_id 
_struct_site.pdbx_auth_seq_id 
_struct_site.pdbx_auth_ins_code 
_struct_site.pdbx_num_residues 
_struct_site.details 
AC1 Software A MG 25 ? 6 'BINDING SITE FOR RESIDUE MG A 25' 
AC2 Software B MG 32 ? 6 'BINDING SITE FOR RESIDUE MG B 32' 
AC3 Software B MG 38 ? 6 'BINDING SITE FOR RESIDUE MG B 38' 
AC4 Software B MG 45 ? 6 'BINDING SITE FOR RESIDUE MG B 45' 
# 
loop_
_struct_site_gen.id 
_struct_site_gen.site_id 
_struct_site_gen.pdbx_num_res 
_struct_site_gen.label_comp_id 
_struct_site_gen.label_asym_id 
_struct_site_gen.label_seq_id 
_struct_site_gen.pdbx_auth_ins_code 
_struct_site_gen.auth_comp_id 
_struct_site_gen.auth_asym_id 
_struct_site_gen.auth_seq_id 
_struct_site_gen.label_atom_id 
_struct_site_gen.label_alt_id 
_struct_site_gen.symmetry 
_struct_site_gen.details 
1  AC1 6 HOH G . ? HOH A 26 . ? 1_555 ? 
2  AC1 6 HOH G . ? HOH A 28 . ? 1_555 ? 
3  AC1 6 HOH H . ? HOH B 27 . ? 1_555 ? 
4  AC1 6 HOH H . ? HOH B 29 . ? 1_555 ? 
5  AC1 6 HOH H . ? HOH B 30 . ? 1_555 ? 
6  AC1 6 HOH H . ? HOH B 31 . ? 1_555 ? 
7  AC2 6 TAF B 7 ? TAF B 19 . ? 3_645 ? 
8  AC2 6 HOH H . ? HOH B 33 . ? 1_555 ? 
9  AC2 6 HOH H . ? HOH B 34 . ? 1_555 ? 
10 AC2 6 HOH H . ? HOH B 35 . ? 1_555 ? 
11 AC2 6 HOH H . ? HOH B 36 . ? 1_555 ? 
12 AC2 6 HOH H . ? HOH B 37 . ? 1_555 ? 
13 AC3 6 HOH G . ? HOH A 40 . ? 1_555 ? 
14 AC3 6 HOH G . ? HOH A 43 . ? 1_555 ? 
15 AC3 6 HOH G . ? HOH A 44 . ? 1_555 ? 
16 AC3 6 HOH H . ? HOH B 39 . ? 1_555 ? 
17 AC3 6 HOH H . ? HOH B 41 . ? 1_555 ? 
18 AC3 6 HOH H . ? HOH B 42 . ? 1_555 ? 
19 AC4 6 HOH G . ? HOH A 46 . ? 4_456 ? 
20 AC4 6 DA  B 5 ? DA  B 17 . ? 1_555 ? 
21 AC4 6 HOH H . ? HOH B 47 . ? 1_555 ? 
22 AC4 6 HOH H . ? HOH B 48 . ? 1_555 ? 
23 AC4 6 HOH H . ? HOH B 49 . ? 1_555 ? 
24 AC4 6 HOH H . ? HOH B 50 . ? 1_555 ? 
# 
loop_
_pdbx_validate_close_contact.id 
_pdbx_validate_close_contact.PDB_model_num 
_pdbx_validate_close_contact.auth_atom_id_1 
_pdbx_validate_close_contact.auth_asym_id_1 
_pdbx_validate_close_contact.auth_comp_id_1 
_pdbx_validate_close_contact.auth_seq_id_1 
_pdbx_validate_close_contact.PDB_ins_code_1 
_pdbx_validate_close_contact.label_alt_id_1 
_pdbx_validate_close_contact.auth_atom_id_2 
_pdbx_validate_close_contact.auth_asym_id_2 
_pdbx_validate_close_contact.auth_comp_id_2 
_pdbx_validate_close_contact.auth_seq_id_2 
_pdbx_validate_close_contact.PDB_ins_code_2 
_pdbx_validate_close_contact.label_alt_id_2 
_pdbx_validate_close_contact.dist 
1 1 OP2   B DG 24 ? B O B HOH 148 ? ? 1.46 
2 1 OP1   B DG 14 ? B O B HOH 192 ? ? 1.66 
3 1 "O3'" A DG 12 ? ? O A HOH 171 ? ? 2.12 
4 1 OP2   B DG 24 ? A O B HOH 148 ? ? 2.15 
# 
_pdbx_validate_symm_contact.id                1 
_pdbx_validate_symm_contact.PDB_model_num     1 
_pdbx_validate_symm_contact.auth_atom_id_1    O 
_pdbx_validate_symm_contact.auth_asym_id_1    A 
_pdbx_validate_symm_contact.auth_comp_id_1    HOH 
_pdbx_validate_symm_contact.auth_seq_id_1     147 
_pdbx_validate_symm_contact.PDB_ins_code_1    ? 
_pdbx_validate_symm_contact.label_alt_id_1    ? 
_pdbx_validate_symm_contact.site_symmetry_1   1_555 
_pdbx_validate_symm_contact.auth_atom_id_2    O 
_pdbx_validate_symm_contact.auth_asym_id_2    B 
_pdbx_validate_symm_contact.auth_comp_id_2    HOH 
_pdbx_validate_symm_contact.auth_seq_id_2     128 
_pdbx_validate_symm_contact.PDB_ins_code_2    ? 
_pdbx_validate_symm_contact.label_alt_id_2    ? 
_pdbx_validate_symm_contact.site_symmetry_2   3_645 
_pdbx_validate_symm_contact.dist              2.18 
# 
loop_
_pdbx_validate_rmsd_bond.id 
_pdbx_validate_rmsd_bond.PDB_model_num 
_pdbx_validate_rmsd_bond.auth_atom_id_1 
_pdbx_validate_rmsd_bond.auth_asym_id_1 
_pdbx_validate_rmsd_bond.auth_comp_id_1 
_pdbx_validate_rmsd_bond.auth_seq_id_1 
_pdbx_validate_rmsd_bond.PDB_ins_code_1 
_pdbx_validate_rmsd_bond.label_alt_id_1 
_pdbx_validate_rmsd_bond.auth_atom_id_2 
_pdbx_validate_rmsd_bond.auth_asym_id_2 
_pdbx_validate_rmsd_bond.auth_comp_id_2 
_pdbx_validate_rmsd_bond.auth_seq_id_2 
_pdbx_validate_rmsd_bond.PDB_ins_code_2 
_pdbx_validate_rmsd_bond.label_alt_id_2 
_pdbx_validate_rmsd_bond.bond_value 
_pdbx_validate_rmsd_bond.bond_target_value 
_pdbx_validate_rmsd_bond.bond_deviation 
_pdbx_validate_rmsd_bond.bond_standard_deviation 
_pdbx_validate_rmsd_bond.linker_flag 
1  1 "C3'" A DG 2  ? ? "C2'" A DG 2  ? ? 1.454 1.516 -0.062 0.008 N 
2  1 "C2'" A DC 3  ? ? "C1'" A DC 3  ? ? 1.447 1.518 -0.071 0.010 N 
3  1 "O4'" A DC 3  ? ? "C1'" A DC 3  ? ? 1.542 1.420 0.122  0.011 N 
4  1 "O3'" A DC 3  ? ? P     A DG 4  ? B 1.484 1.607 -0.123 0.012 Y 
5  1 "O4'" A DA 5  ? ? "C1'" A DA 5  ? ? 1.492 1.420 0.072  0.011 N 
6  1 "O4'" A DA 6  ? ? "C1'" A DA 6  ? ? 1.496 1.420 0.076  0.011 N 
7  1 "C2'" A DT 8  ? ? "C1'" A DT 8  ? ? 1.435 1.518 -0.083 0.010 N 
8  1 "O4'" A DT 8  ? ? "C1'" A DT 8  ? ? 1.546 1.420 0.126  0.011 N 
9  1 "O4'" A DC 9  ? ? "C1'" A DC 9  ? ? 1.539 1.420 0.119  0.011 N 
10 1 "O3'" A DG 10 ? ? P     A DC 11 ? B 1.513 1.607 -0.094 0.012 Y 
11 1 "C2'" A DC 11 ? A "C1'" A DC 11 ? A 1.456 1.518 -0.062 0.010 N 
12 1 "O4'" A DC 11 ? A "C1'" A DC 11 ? A 1.487 1.420 0.067  0.011 N 
13 1 "O4'" A DC 11 ? B "C1'" A DC 11 ? B 1.498 1.420 0.078  0.011 N 
14 1 "C2'" B DG 14 ? A "C1'" B DG 14 ? A 1.457 1.518 -0.061 0.010 N 
15 1 "C3'" B DC 15 ? ? "C2'" B DC 15 ? ? 1.462 1.516 -0.054 0.008 N 
16 1 "O4'" B DA 17 ? ? "C1'" B DA 17 ? ? 1.490 1.420 0.070  0.011 N 
17 1 "O4'" B DA 18 ? ? "C1'" B DA 18 ? ? 1.529 1.420 0.109  0.011 N 
18 1 "C2'" B DT 20 ? ? "C1'" B DT 20 ? ? 1.439 1.518 -0.079 0.010 N 
19 1 "O4'" B DT 20 ? ? "C1'" B DT 20 ? ? 1.525 1.420 0.105  0.011 N 
20 1 "C2'" B DC 21 ? A "C1'" B DC 21 ? A 1.444 1.518 -0.074 0.010 N 
21 1 "C2'" B DC 21 ? B "C1'" B DC 21 ? B 1.454 1.518 -0.064 0.010 N 
22 1 "O4'" B DC 21 ? A "C1'" B DC 21 ? A 1.543 1.420 0.123  0.011 N 
23 1 "O4'" B DC 21 ? B "C1'" B DC 21 ? B 1.529 1.420 0.109  0.011 N 
24 1 "O3'" B DG 22 ? ? P     B DC 23 ? A 1.489 1.607 -0.118 0.012 Y 
25 1 "C2'" B DC 23 ? A "C1'" B DC 23 ? A 1.458 1.518 -0.060 0.010 N 
26 1 "O4'" B DC 23 ? A "C1'" B DC 23 ? A 1.490 1.420 0.070  0.011 N 
27 1 "O4'" B DG 24 ? A "C1'" B DG 24 ? A 1.522 1.420 0.102  0.011 N 
28 1 "O4'" B DG 24 ? B "C1'" B DG 24 ? B 1.514 1.420 0.094  0.011 N 
# 
loop_
_pdbx_validate_rmsd_angle.id 
_pdbx_validate_rmsd_angle.PDB_model_num 
_pdbx_validate_rmsd_angle.auth_atom_id_1 
_pdbx_validate_rmsd_angle.auth_asym_id_1 
_pdbx_validate_rmsd_angle.auth_comp_id_1 
_pdbx_validate_rmsd_angle.auth_seq_id_1 
_pdbx_validate_rmsd_angle.PDB_ins_code_1 
_pdbx_validate_rmsd_angle.label_alt_id_1 
_pdbx_validate_rmsd_angle.auth_atom_id_2 
_pdbx_validate_rmsd_angle.auth_asym_id_2 
_pdbx_validate_rmsd_angle.auth_comp_id_2 
_pdbx_validate_rmsd_angle.auth_seq_id_2 
_pdbx_validate_rmsd_angle.PDB_ins_code_2 
_pdbx_validate_rmsd_angle.label_alt_id_2 
_pdbx_validate_rmsd_angle.auth_atom_id_3 
_pdbx_validate_rmsd_angle.auth_asym_id_3 
_pdbx_validate_rmsd_angle.auth_comp_id_3 
_pdbx_validate_rmsd_angle.auth_seq_id_3 
_pdbx_validate_rmsd_angle.PDB_ins_code_3 
_pdbx_validate_rmsd_angle.label_alt_id_3 
_pdbx_validate_rmsd_angle.angle_value 
_pdbx_validate_rmsd_angle.angle_target_value 
_pdbx_validate_rmsd_angle.angle_deviation 
_pdbx_validate_rmsd_angle.angle_standard_deviation 
_pdbx_validate_rmsd_angle.linker_flag 
1  1 "O4'" A DC 1  ? ? "C1'" A DC 1  ? ? N1    A DC 1  ? ? 102.75 108.00 -5.25  0.70 N 
2  1 "C1'" A DC 3  ? ? "O4'" A DC 3  ? ? "C4'" A DC 3  ? ? 104.05 110.10 -6.05  1.00 N 
3  1 "O4'" A DC 3  ? ? "C1'" A DC 3  ? ? N1    A DC 3  ? ? 101.98 108.00 -6.02  0.70 N 
4  1 "C3'" A DC 3  ? ? "O3'" A DC 3  ? ? P     A DG 4  ? B 135.20 119.70 15.50  1.20 Y 
5  1 "O5'" A DG 4  ? B "C5'" A DG 4  ? B "C4'" A DG 4  ? B 104.05 109.40 -5.35  0.80 N 
6  1 P     A DG 4  ? A "O5'" A DG 4  ? A "C5'" A DG 4  ? A 132.65 120.90 11.75  1.60 N 
7  1 "C3'" A DG 4  ? B "O3'" A DG 4  ? B P     A DA 5  ? ? 129.38 119.70 9.68   1.20 Y 
8  1 "O4'" A DA 5  ? ? "C1'" A DA 5  ? ? N9    A DA 5  ? ? 103.60 108.00 -4.40  0.70 N 
9  1 "O4'" A DA 6  ? ? "C1'" A DA 6  ? ? N9    A DA 6  ? ? 103.56 108.00 -4.44  0.70 N 
10 1 "C1'" A DT 8  ? ? "O4'" A DT 8  ? ? "C4'" A DT 8  ? ? 103.81 110.10 -6.29  1.00 N 
11 1 N1    A DT 8  ? ? "C1'" A DT 8  ? ? "C2'" A DT 8  ? ? 124.74 114.30 10.44  1.40 N 
12 1 "O4'" A DT 8  ? ? "C1'" A DT 8  ? ? N1    A DT 8  ? ? 99.53  108.00 -8.47  0.70 N 
13 1 N1    A DC 9  ? ? "C1'" A DC 9  ? ? "C2'" A DC 9  ? ? 125.53 114.30 11.23  1.40 N 
14 1 "O4'" A DC 9  ? ? "C1'" A DC 9  ? ? N1    A DC 9  ? ? 98.80  108.00 -9.20  0.70 N 
15 1 "C1'" A DG 10 ? ? "O4'" A DG 10 ? ? "C4'" A DG 10 ? ? 104.06 110.10 -6.04  1.00 N 
16 1 "C3'" A DG 10 ? ? "O3'" A DG 10 ? ? P     A DC 11 ? A 127.16 119.70 7.46   1.20 Y 
17 1 "O4'" A DC 11 ? A "C1'" A DC 11 ? A N1    A DC 11 ? ? 100.34 108.00 -7.66  0.70 N 
18 1 "O4'" A DC 11 ? B "C1'" A DC 11 ? B N1    A DC 11 ? ? 99.79  108.00 -8.21  0.70 N 
19 1 "C1'" A DG 12 ? ? "O4'" A DG 12 ? ? "C4'" A DG 12 ? ? 103.79 110.10 -6.31  1.00 N 
20 1 "O4'" B DC 13 ? B "C1'" B DC 13 ? B N1    B DC 13 ? B 110.45 108.30 2.15   0.30 N 
21 1 "C3'" B DC 13 ? B "O3'" B DC 13 ? B P     B DG 14 ? B 141.54 119.70 21.84  1.20 Y 
22 1 "O4'" B DG 14 ? A "C1'" B DG 14 ? A N9    B DG 14 ? ? 103.59 108.00 -4.41  0.70 N 
23 1 "O4'" B DC 15 ? ? "C1'" B DC 15 ? ? N1    B DC 15 ? ? 102.27 108.00 -5.73  0.70 N 
24 1 "O4'" B DG 16 ? ? "C1'" B DG 16 ? ? N9    B DG 16 ? ? 111.86 108.30 3.56   0.30 N 
25 1 "O4'" B DA 18 ? ? "C1'" B DA 18 ? ? N9    B DA 18 ? ? 102.81 108.00 -5.19  0.70 N 
26 1 N1    B DT 20 ? ? "C1'" B DT 20 ? ? "C2'" B DT 20 ? ? 123.15 114.30 8.85   1.40 N 
27 1 "O4'" B DT 20 ? ? "C1'" B DT 20 ? ? N1    B DT 20 ? ? 102.10 108.00 -5.90  0.70 N 
28 1 "C3'" B DT 20 ? ? "O3'" B DT 20 ? ? P     B DC 21 ? B 145.65 119.70 25.95  1.20 Y 
29 1 "O3'" B DT 20 ? ? P     B DC 21 ? A OP2   B DC 21 ? A 117.66 110.50 7.16   1.10 Y 
30 1 "O5'" B DC 21 ? A "C5'" B DC 21 ? A "C4'" B DC 21 ? A 101.17 109.40 -8.23  0.80 N 
31 1 "O4'" B DC 21 ? A "C4'" B DC 21 ? A "C3'" B DC 21 ? A 111.57 106.00 5.57   0.60 N 
32 1 "C1'" B DC 21 ? A "O4'" B DC 21 ? A "C4'" B DC 21 ? A 102.43 110.10 -7.67  1.00 N 
33 1 "C1'" B DC 21 ? B "O4'" B DC 21 ? B "C4'" B DC 21 ? B 103.70 110.10 -6.40  1.00 N 
34 1 N1    B DC 21 ? ? "C1'" B DC 21 ? A "C2'" B DC 21 ? A 125.86 114.30 11.56  1.40 N 
35 1 N1    B DC 21 ? ? "C1'" B DC 21 ? B "C2'" B DC 21 ? B 125.76 114.30 11.46  1.40 N 
36 1 "O4'" B DC 21 ? A "C1'" B DC 21 ? A N1    B DC 21 ? ? 97.99  108.00 -10.01 0.70 N 
37 1 "O4'" B DC 21 ? B "C1'" B DC 21 ? B N1    B DC 21 ? ? 97.95  108.00 -10.05 0.70 N 
38 1 "C3'" B DC 21 ? B "O3'" B DC 21 ? B P     B DG 22 ? ? 127.93 119.70 8.23   1.20 Y 
39 1 "C3'" B DG 22 ? ? "O3'" B DG 22 ? ? P     B DC 23 ? A 131.40 119.70 11.70  1.20 Y 
40 1 "O4'" B DC 23 ? A "C1'" B DC 23 ? A N1    B DC 23 ? ? 102.74 108.00 -5.26  0.70 N 
41 1 "C3'" B DC 23 ? A "O3'" B DC 23 ? A P     B DG 24 ? A 129.60 119.70 9.90   1.20 Y 
42 1 "C3'" B DC 23 ? B "O3'" B DC 23 ? B P     B DG 24 ? B 111.16 119.70 -8.54  1.20 Y 
43 1 "O5'" B DG 24 ? B P     B DG 24 ? B OP2   B DG 24 ? B 98.08  105.70 -7.62  0.90 N 
44 1 "O4'" B DG 24 ? A "C4'" B DG 24 ? A "C3'" B DG 24 ? A 101.97 104.50 -2.53  0.40 N 
45 1 "O4'" B DG 24 ? A "C1'" B DG 24 ? A N9    B DG 24 ? ? 102.43 108.00 -5.57  0.70 N 
46 1 "O4'" B DG 24 ? B "C1'" B DG 24 ? B N9    B DG 24 ? ? 102.69 108.00 -5.31  0.70 N 
47 1 N1    B DG 24 ? ? C6    B DG 24 ? ? O6    B DG 24 ? ? 115.99 119.90 -3.91  0.60 N 
# 
loop_
_pdbx_struct_mod_residue.id 
_pdbx_struct_mod_residue.label_asym_id 
_pdbx_struct_mod_residue.label_comp_id 
_pdbx_struct_mod_residue.label_seq_id 
_pdbx_struct_mod_residue.auth_asym_id 
_pdbx_struct_mod_residue.auth_comp_id 
_pdbx_struct_mod_residue.auth_seq_id 
_pdbx_struct_mod_residue.PDB_ins_code 
_pdbx_struct_mod_residue.parent_comp_id 
_pdbx_struct_mod_residue.details 
1 A TAF 7 A TAF 7  ? DT ? 
2 B TAF 7 B TAF 19 ? DT ? 
# 
loop_
_chem_comp_atom.comp_id 
_chem_comp_atom.atom_id 
_chem_comp_atom.type_symbol 
_chem_comp_atom.pdbx_aromatic_flag 
_chem_comp_atom.pdbx_stereo_config 
_chem_comp_atom.pdbx_ordinal 
DA  OP3    O  N N 1   
DA  P      P  N N 2   
DA  OP1    O  N N 3   
DA  OP2    O  N N 4   
DA  "O5'"  O  N N 5   
DA  "C5'"  C  N N 6   
DA  "C4'"  C  N R 7   
DA  "O4'"  O  N N 8   
DA  "C3'"  C  N S 9   
DA  "O3'"  O  N N 10  
DA  "C2'"  C  N N 11  
DA  "C1'"  C  N R 12  
DA  N9     N  Y N 13  
DA  C8     C  Y N 14  
DA  N7     N  Y N 15  
DA  C5     C  Y N 16  
DA  C6     C  Y N 17  
DA  N6     N  N N 18  
DA  N1     N  Y N 19  
DA  C2     C  Y N 20  
DA  N3     N  Y N 21  
DA  C4     C  Y N 22  
DA  HOP3   H  N N 23  
DA  HOP2   H  N N 24  
DA  "H5'"  H  N N 25  
DA  "H5''" H  N N 26  
DA  "H4'"  H  N N 27  
DA  "H3'"  H  N N 28  
DA  "HO3'" H  N N 29  
DA  "H2'"  H  N N 30  
DA  "H2''" H  N N 31  
DA  "H1'"  H  N N 32  
DA  H8     H  N N 33  
DA  H61    H  N N 34  
DA  H62    H  N N 35  
DA  H2     H  N N 36  
DC  OP3    O  N N 37  
DC  P      P  N N 38  
DC  OP1    O  N N 39  
DC  OP2    O  N N 40  
DC  "O5'"  O  N N 41  
DC  "C5'"  C  N N 42  
DC  "C4'"  C  N R 43  
DC  "O4'"  O  N N 44  
DC  "C3'"  C  N S 45  
DC  "O3'"  O  N N 46  
DC  "C2'"  C  N N 47  
DC  "C1'"  C  N R 48  
DC  N1     N  N N 49  
DC  C2     C  N N 50  
DC  O2     O  N N 51  
DC  N3     N  N N 52  
DC  C4     C  N N 53  
DC  N4     N  N N 54  
DC  C5     C  N N 55  
DC  C6     C  N N 56  
DC  HOP3   H  N N 57  
DC  HOP2   H  N N 58  
DC  "H5'"  H  N N 59  
DC  "H5''" H  N N 60  
DC  "H4'"  H  N N 61  
DC  "H3'"  H  N N 62  
DC  "HO3'" H  N N 63  
DC  "H2'"  H  N N 64  
DC  "H2''" H  N N 65  
DC  "H1'"  H  N N 66  
DC  H41    H  N N 67  
DC  H42    H  N N 68  
DC  H5     H  N N 69  
DC  H6     H  N N 70  
DG  OP3    O  N N 71  
DG  P      P  N N 72  
DG  OP1    O  N N 73  
DG  OP2    O  N N 74  
DG  "O5'"  O  N N 75  
DG  "C5'"  C  N N 76  
DG  "C4'"  C  N R 77  
DG  "O4'"  O  N N 78  
DG  "C3'"  C  N S 79  
DG  "O3'"  O  N N 80  
DG  "C2'"  C  N N 81  
DG  "C1'"  C  N R 82  
DG  N9     N  Y N 83  
DG  C8     C  Y N 84  
DG  N7     N  Y N 85  
DG  C5     C  Y N 86  
DG  C6     C  N N 87  
DG  O6     O  N N 88  
DG  N1     N  N N 89  
DG  C2     C  N N 90  
DG  N2     N  N N 91  
DG  N3     N  N N 92  
DG  C4     C  Y N 93  
DG  HOP3   H  N N 94  
DG  HOP2   H  N N 95  
DG  "H5'"  H  N N 96  
DG  "H5''" H  N N 97  
DG  "H4'"  H  N N 98  
DG  "H3'"  H  N N 99  
DG  "HO3'" H  N N 100 
DG  "H2'"  H  N N 101 
DG  "H2''" H  N N 102 
DG  "H1'"  H  N N 103 
DG  H8     H  N N 104 
DG  H1     H  N N 105 
DG  H21    H  N N 106 
DG  H22    H  N N 107 
DT  OP3    O  N N 108 
DT  P      P  N N 109 
DT  OP1    O  N N 110 
DT  OP2    O  N N 111 
DT  "O5'"  O  N N 112 
DT  "C5'"  C  N N 113 
DT  "C4'"  C  N R 114 
DT  "O4'"  O  N N 115 
DT  "C3'"  C  N S 116 
DT  "O3'"  O  N N 117 
DT  "C2'"  C  N N 118 
DT  "C1'"  C  N R 119 
DT  N1     N  N N 120 
DT  C2     C  N N 121 
DT  O2     O  N N 122 
DT  N3     N  N N 123 
DT  C4     C  N N 124 
DT  O4     O  N N 125 
DT  C5     C  N N 126 
DT  C7     C  N N 127 
DT  C6     C  N N 128 
DT  HOP3   H  N N 129 
DT  HOP2   H  N N 130 
DT  "H5'"  H  N N 131 
DT  "H5''" H  N N 132 
DT  "H4'"  H  N N 133 
DT  "H3'"  H  N N 134 
DT  "HO3'" H  N N 135 
DT  "H2'"  H  N N 136 
DT  "H2''" H  N N 137 
DT  "H1'"  H  N N 138 
DT  H3     H  N N 139 
DT  H71    H  N N 140 
DT  H72    H  N N 141 
DT  H73    H  N N 142 
DT  H6     H  N N 143 
HOH O      O  N N 144 
HOH H1     H  N N 145 
HOH H2     H  N N 146 
MG  MG     MG N N 147 
TAF P      P  N N 148 
TAF OP1    O  N N 149 
TAF OP2    O  N N 150 
TAF OP3    O  N N 151 
TAF "O5'"  O  N N 152 
TAF N1     N  N N 153 
TAF C6     C  N N 154 
TAF C2     C  N N 155 
TAF O2     O  N N 156 
TAF N3     N  N N 157 
TAF C4     C  N N 158 
TAF O4     O  N N 159 
TAF C5     C  N N 160 
TAF C5M    C  N N 161 
TAF "F2'"  F  N N 162 
TAF "C2'"  C  N S 163 
TAF "C5'"  C  N N 164 
TAF "C4'"  C  N R 165 
TAF "O4'"  O  N N 166 
TAF "C1'"  C  N R 167 
TAF "C3'"  C  N R 168 
TAF "O3'"  O  N N 169 
TAF HOP1   H  N N 170 
TAF HOP2   H  N N 171 
TAF H6     H  N N 172 
TAF H3     H  N N 173 
TAF H71    H  N N 174 
TAF H72    H  N N 175 
TAF H73    H  N N 176 
TAF "H2'"  H  N N 177 
TAF "H5'"  H  N N 178 
TAF "H5''" H  N N 179 
TAF "H4'"  H  N N 180 
TAF "H1'"  H  N N 181 
TAF "H3'"  H  N N 182 
TAF "HO'3" H  N N 183 
# 
loop_
_chem_comp_bond.comp_id 
_chem_comp_bond.atom_id_1 
_chem_comp_bond.atom_id_2 
_chem_comp_bond.value_order 
_chem_comp_bond.pdbx_aromatic_flag 
_chem_comp_bond.pdbx_stereo_config 
_chem_comp_bond.pdbx_ordinal 
DA  OP3   P      sing N N 1   
DA  OP3   HOP3   sing N N 2   
DA  P     OP1    doub N N 3   
DA  P     OP2    sing N N 4   
DA  P     "O5'"  sing N N 5   
DA  OP2   HOP2   sing N N 6   
DA  "O5'" "C5'"  sing N N 7   
DA  "C5'" "C4'"  sing N N 8   
DA  "C5'" "H5'"  sing N N 9   
DA  "C5'" "H5''" sing N N 10  
DA  "C4'" "O4'"  sing N N 11  
DA  "C4'" "C3'"  sing N N 12  
DA  "C4'" "H4'"  sing N N 13  
DA  "O4'" "C1'"  sing N N 14  
DA  "C3'" "O3'"  sing N N 15  
DA  "C3'" "C2'"  sing N N 16  
DA  "C3'" "H3'"  sing N N 17  
DA  "O3'" "HO3'" sing N N 18  
DA  "C2'" "C1'"  sing N N 19  
DA  "C2'" "H2'"  sing N N 20  
DA  "C2'" "H2''" sing N N 21  
DA  "C1'" N9     sing N N 22  
DA  "C1'" "H1'"  sing N N 23  
DA  N9    C8     sing Y N 24  
DA  N9    C4     sing Y N 25  
DA  C8    N7     doub Y N 26  
DA  C8    H8     sing N N 27  
DA  N7    C5     sing Y N 28  
DA  C5    C6     sing Y N 29  
DA  C5    C4     doub Y N 30  
DA  C6    N6     sing N N 31  
DA  C6    N1     doub Y N 32  
DA  N6    H61    sing N N 33  
DA  N6    H62    sing N N 34  
DA  N1    C2     sing Y N 35  
DA  C2    N3     doub Y N 36  
DA  C2    H2     sing N N 37  
DA  N3    C4     sing Y N 38  
DC  OP3   P      sing N N 39  
DC  OP3   HOP3   sing N N 40  
DC  P     OP1    doub N N 41  
DC  P     OP2    sing N N 42  
DC  P     "O5'"  sing N N 43  
DC  OP2   HOP2   sing N N 44  
DC  "O5'" "C5'"  sing N N 45  
DC  "C5'" "C4'"  sing N N 46  
DC  "C5'" "H5'"  sing N N 47  
DC  "C5'" "H5''" sing N N 48  
DC  "C4'" "O4'"  sing N N 49  
DC  "C4'" "C3'"  sing N N 50  
DC  "C4'" "H4'"  sing N N 51  
DC  "O4'" "C1'"  sing N N 52  
DC  "C3'" "O3'"  sing N N 53  
DC  "C3'" "C2'"  sing N N 54  
DC  "C3'" "H3'"  sing N N 55  
DC  "O3'" "HO3'" sing N N 56  
DC  "C2'" "C1'"  sing N N 57  
DC  "C2'" "H2'"  sing N N 58  
DC  "C2'" "H2''" sing N N 59  
DC  "C1'" N1     sing N N 60  
DC  "C1'" "H1'"  sing N N 61  
DC  N1    C2     sing N N 62  
DC  N1    C6     sing N N 63  
DC  C2    O2     doub N N 64  
DC  C2    N3     sing N N 65  
DC  N3    C4     doub N N 66  
DC  C4    N4     sing N N 67  
DC  C4    C5     sing N N 68  
DC  N4    H41    sing N N 69  
DC  N4    H42    sing N N 70  
DC  C5    C6     doub N N 71  
DC  C5    H5     sing N N 72  
DC  C6    H6     sing N N 73  
DG  OP3   P      sing N N 74  
DG  OP3   HOP3   sing N N 75  
DG  P     OP1    doub N N 76  
DG  P     OP2    sing N N 77  
DG  P     "O5'"  sing N N 78  
DG  OP2   HOP2   sing N N 79  
DG  "O5'" "C5'"  sing N N 80  
DG  "C5'" "C4'"  sing N N 81  
DG  "C5'" "H5'"  sing N N 82  
DG  "C5'" "H5''" sing N N 83  
DG  "C4'" "O4'"  sing N N 84  
DG  "C4'" "C3'"  sing N N 85  
DG  "C4'" "H4'"  sing N N 86  
DG  "O4'" "C1'"  sing N N 87  
DG  "C3'" "O3'"  sing N N 88  
DG  "C3'" "C2'"  sing N N 89  
DG  "C3'" "H3'"  sing N N 90  
DG  "O3'" "HO3'" sing N N 91  
DG  "C2'" "C1'"  sing N N 92  
DG  "C2'" "H2'"  sing N N 93  
DG  "C2'" "H2''" sing N N 94  
DG  "C1'" N9     sing N N 95  
DG  "C1'" "H1'"  sing N N 96  
DG  N9    C8     sing Y N 97  
DG  N9    C4     sing Y N 98  
DG  C8    N7     doub Y N 99  
DG  C8    H8     sing N N 100 
DG  N7    C5     sing Y N 101 
DG  C5    C6     sing N N 102 
DG  C5    C4     doub Y N 103 
DG  C6    O6     doub N N 104 
DG  C6    N1     sing N N 105 
DG  N1    C2     sing N N 106 
DG  N1    H1     sing N N 107 
DG  C2    N2     sing N N 108 
DG  C2    N3     doub N N 109 
DG  N2    H21    sing N N 110 
DG  N2    H22    sing N N 111 
DG  N3    C4     sing N N 112 
DT  OP3   P      sing N N 113 
DT  OP3   HOP3   sing N N 114 
DT  P     OP1    doub N N 115 
DT  P     OP2    sing N N 116 
DT  P     "O5'"  sing N N 117 
DT  OP2   HOP2   sing N N 118 
DT  "O5'" "C5'"  sing N N 119 
DT  "C5'" "C4'"  sing N N 120 
DT  "C5'" "H5'"  sing N N 121 
DT  "C5'" "H5''" sing N N 122 
DT  "C4'" "O4'"  sing N N 123 
DT  "C4'" "C3'"  sing N N 124 
DT  "C4'" "H4'"  sing N N 125 
DT  "O4'" "C1'"  sing N N 126 
DT  "C3'" "O3'"  sing N N 127 
DT  "C3'" "C2'"  sing N N 128 
DT  "C3'" "H3'"  sing N N 129 
DT  "O3'" "HO3'" sing N N 130 
DT  "C2'" "C1'"  sing N N 131 
DT  "C2'" "H2'"  sing N N 132 
DT  "C2'" "H2''" sing N N 133 
DT  "C1'" N1     sing N N 134 
DT  "C1'" "H1'"  sing N N 135 
DT  N1    C2     sing N N 136 
DT  N1    C6     sing N N 137 
DT  C2    O2     doub N N 138 
DT  C2    N3     sing N N 139 
DT  N3    C4     sing N N 140 
DT  N3    H3     sing N N 141 
DT  C4    O4     doub N N 142 
DT  C4    C5     sing N N 143 
DT  C5    C7     sing N N 144 
DT  C5    C6     doub N N 145 
DT  C7    H71    sing N N 146 
DT  C7    H72    sing N N 147 
DT  C7    H73    sing N N 148 
DT  C6    H6     sing N N 149 
HOH O     H1     sing N N 150 
HOH O     H2     sing N N 151 
TAF P     OP1    sing N N 152 
TAF P     OP2    sing N N 153 
TAF P     OP3    doub N N 154 
TAF P     "O5'"  sing N N 155 
TAF OP1   HOP1   sing N N 156 
TAF OP2   HOP2   sing N N 157 
TAF "O5'" "C5'"  sing N N 158 
TAF N1    C6     sing N N 159 
TAF N1    C2     sing N N 160 
TAF N1    "C1'"  sing N N 161 
TAF C6    C5     doub N N 162 
TAF C6    H6     sing N N 163 
TAF C2    O2     doub N N 164 
TAF C2    N3     sing N N 165 
TAF N3    C4     sing N N 166 
TAF N3    H3     sing N N 167 
TAF C4    O4     doub N N 168 
TAF C4    C5     sing N N 169 
TAF C5    C5M    sing N N 170 
TAF C5M   H71    sing N N 171 
TAF C5M   H72    sing N N 172 
TAF C5M   H73    sing N N 173 
TAF "F2'" "C2'"  sing N N 174 
TAF "C2'" "C1'"  sing N N 175 
TAF "C2'" "C3'"  sing N N 176 
TAF "C2'" "H2'"  sing N N 177 
TAF "C5'" "C4'"  sing N N 178 
TAF "C5'" "H5'"  sing N N 179 
TAF "C5'" "H5''" sing N N 180 
TAF "C4'" "O4'"  sing N N 181 
TAF "C4'" "C3'"  sing N N 182 
TAF "C4'" "H4'"  sing N N 183 
TAF "O4'" "C1'"  sing N N 184 
TAF "C1'" "H1'"  sing N N 185 
TAF "C3'" "O3'"  sing N N 186 
TAF "C3'" "H3'"  sing N N 187 
TAF "O3'" "HO'3" sing N N 188 
# 
loop_
_ndb_struct_conf_na.entry_id 
_ndb_struct_conf_na.feature 
1DPN 'double helix'        
1DPN 'b-form double helix' 
# 
loop_
_ndb_struct_na_base_pair.model_number 
_ndb_struct_na_base_pair.i_label_asym_id 
_ndb_struct_na_base_pair.i_label_comp_id 
_ndb_struct_na_base_pair.i_label_seq_id 
_ndb_struct_na_base_pair.i_symmetry 
_ndb_struct_na_base_pair.j_label_asym_id 
_ndb_struct_na_base_pair.j_label_comp_id 
_ndb_struct_na_base_pair.j_label_seq_id 
_ndb_struct_na_base_pair.j_symmetry 
_ndb_struct_na_base_pair.shear 
_ndb_struct_na_base_pair.stretch 
_ndb_struct_na_base_pair.stagger 
_ndb_struct_na_base_pair.buckle 
_ndb_struct_na_base_pair.propeller 
_ndb_struct_na_base_pair.opening 
_ndb_struct_na_base_pair.pair_number 
_ndb_struct_na_base_pair.pair_name 
_ndb_struct_na_base_pair.i_auth_asym_id 
_ndb_struct_na_base_pair.i_auth_seq_id 
_ndb_struct_na_base_pair.i_PDB_ins_code 
_ndb_struct_na_base_pair.j_auth_asym_id 
_ndb_struct_na_base_pair.j_auth_seq_id 
_ndb_struct_na_base_pair.j_PDB_ins_code 
_ndb_struct_na_base_pair.hbond_type_28 
_ndb_struct_na_base_pair.hbond_type_12 
1 A DC  1  1_555 B DG  12 1_555 0.199  -0.130 0.063  4.730   -15.907 2.085  1  A_DC1:DG24_B  A 1  ? B 24 ? 19 1 
1 A DG  2  1_555 B DC  11 1_555 -0.161 -0.111 0.112  1.742   -3.756  -2.486 2  A_DG2:DC23_B  A 2  ? B 23 ? 19 1 
1 A DC  3  1_555 B DG  10 1_555 0.168  -0.102 0.155  -0.981  -8.184  0.071  3  A_DC3:DG22_B  A 3  ? B 22 ? 19 1 
1 A DG  4  1_555 B DC  9  1_555 -0.175 -0.066 -0.002 13.316  -6.992  -0.256 4  A_DG4:DC21_B  A 4  ? B 21 ? 19 1 
1 A DA  5  1_555 B DT  8  1_555 0.086  -0.120 -0.091 6.010   -15.668 1.076  5  A_DA5:DT20_B  A 5  ? B 20 ? 20 1 
1 A DA  6  1_555 B TAF 7  1_555 0.018  -0.091 0.191  4.237   -17.506 5.015  6  A_DA6:TAF19_B A 6  ? B 19 ? 20 1 
1 A TAF 7  1_555 B DA  6  1_555 -0.024 -0.103 0.177  -2.052  -18.115 4.738  7  A_TAF7:DA18_B A 7  ? B 18 ? 20 1 
1 A DT  8  1_555 B DA  5  1_555 -0.058 -0.175 -0.083 -0.644  -14.551 2.115  8  A_DT8:DA17_B  A 8  ? B 17 ? 20 1 
1 A DC  9  1_555 B DG  4  1_555 0.260  -0.131 0.122  -13.161 -9.077  -0.423 9  A_DC9:DG16_B  A 9  ? B 16 ? 19 1 
1 A DG  10 1_555 B DC  3  1_555 -0.024 -0.076 0.314  6.501   -3.869  2.568  10 A_DG10:DC15_B A 10 ? B 15 ? 19 1 
1 A DC  11 1_555 B DG  2  1_555 0.081  -0.125 0.075  6.152   -15.384 0.278  11 A_DC11:DG14_B A 11 ? B 14 ? 19 1 
1 A DG  12 1_555 B DC  1  1_555 -0.667 -0.155 -0.645 9.780   26.139  -3.668 12 A_DG12:DC13_B A 12 ? B 13 ? 19 1 
# 
loop_
_ndb_struct_na_base_pair_step.model_number 
_ndb_struct_na_base_pair_step.i_label_asym_id_1 
_ndb_struct_na_base_pair_step.i_label_comp_id_1 
_ndb_struct_na_base_pair_step.i_label_seq_id_1 
_ndb_struct_na_base_pair_step.i_symmetry_1 
_ndb_struct_na_base_pair_step.j_label_asym_id_1 
_ndb_struct_na_base_pair_step.j_label_comp_id_1 
_ndb_struct_na_base_pair_step.j_label_seq_id_1 
_ndb_struct_na_base_pair_step.j_symmetry_1 
_ndb_struct_na_base_pair_step.i_label_asym_id_2 
_ndb_struct_na_base_pair_step.i_label_comp_id_2 
_ndb_struct_na_base_pair_step.i_label_seq_id_2 
_ndb_struct_na_base_pair_step.i_symmetry_2 
_ndb_struct_na_base_pair_step.j_label_asym_id_2 
_ndb_struct_na_base_pair_step.j_label_comp_id_2 
_ndb_struct_na_base_pair_step.j_label_seq_id_2 
_ndb_struct_na_base_pair_step.j_symmetry_2 
_ndb_struct_na_base_pair_step.shift 
_ndb_struct_na_base_pair_step.slide 
_ndb_struct_na_base_pair_step.rise 
_ndb_struct_na_base_pair_step.tilt 
_ndb_struct_na_base_pair_step.roll 
_ndb_struct_na_base_pair_step.twist 
_ndb_struct_na_base_pair_step.x_displacement 
_ndb_struct_na_base_pair_step.y_displacement 
_ndb_struct_na_base_pair_step.helical_rise 
_ndb_struct_na_base_pair_step.inclination 
_ndb_struct_na_base_pair_step.tip 
_ndb_struct_na_base_pair_step.helical_twist 
_ndb_struct_na_base_pair_step.step_number 
_ndb_struct_na_base_pair_step.step_name 
_ndb_struct_na_base_pair_step.i_auth_asym_id_1 
_ndb_struct_na_base_pair_step.i_auth_seq_id_1 
_ndb_struct_na_base_pair_step.i_PDB_ins_code_1 
_ndb_struct_na_base_pair_step.j_auth_asym_id_1 
_ndb_struct_na_base_pair_step.j_auth_seq_id_1 
_ndb_struct_na_base_pair_step.j_PDB_ins_code_1 
_ndb_struct_na_base_pair_step.i_auth_asym_id_2 
_ndb_struct_na_base_pair_step.i_auth_seq_id_2 
_ndb_struct_na_base_pair_step.i_PDB_ins_code_2 
_ndb_struct_na_base_pair_step.j_auth_asym_id_2 
_ndb_struct_na_base_pair_step.j_auth_seq_id_2 
_ndb_struct_na_base_pair_step.j_PDB_ins_code_2 
1 A DC  1  1_555 B DG  12 1_555 A DG  2  1_555 B DC  11 1_555 -0.385 0.130  3.356 0.058  4.698   34.217 -0.529 0.658  3.343 7.938 
-0.097 34.528 1  AA_DC1DG2:DC23DG24_BB   A 1  ? B 24 ? A 2  ? B 23 ? 
1 A DG  2  1_555 B DC  11 1_555 A DC  3  1_555 B DG  10 1_555 0.778  0.568  3.393 0.447  -2.272  41.673 1.044  -1.044 3.366 -3.191 
-0.627 41.735 2  AA_DG2DC3:DG22DC23_BB   A 2  ? B 23 ? A 3  ? B 22 ? 
1 A DC  3  1_555 B DG  10 1_555 A DG  4  1_555 B DC  9  1_555 -0.392 0.674  3.096 2.509  10.606  25.589 -1.106 1.411  3.074 22.680 
-5.365 27.778 3  AA_DC3DG4:DC21DG22_BB   A 3  ? B 22 ? A 4  ? B 21 ? 
1 A DG  4  1_555 B DC  9  1_555 A DA  5  1_555 B DT  8  1_555 -0.003 -0.064 3.413 0.279  3.718   40.665 -0.519 0.036  3.394 5.337 
-0.400 40.829 4  AA_DG4DA5:DT20DC21_BB   A 4  ? B 21 ? A 5  ? B 20 ? 
1 A DA  5  1_555 B DT  8  1_555 A DA  6  1_555 B TAF 7  1_555 0.218  -0.483 3.210 -2.329 0.796   34.157 -0.943 -0.729 3.177 1.353 
3.958  34.243 5  AA_DA5DA6:TAF19DT20_BB  A 5  ? B 20 ? A 6  ? B 19 ? 
1 A DA  6  1_555 B TAF 7  1_555 A TAF 7  1_555 B DA  6  1_555 -0.086 -0.740 3.363 0.028  -2.008  30.138 -0.999 0.172  3.404 -3.856 
-0.055 30.203 6  AA_DA6TAF7:DA18TAF19_BB A 6  ? B 19 ? A 7  ? B 18 ? 
1 A TAF 7  1_555 B DA  6  1_555 A DT  8  1_555 B DA  5  1_555 -0.079 -0.352 3.123 3.190  -1.367  35.899 -0.383 0.559  3.116 -2.212 
-5.160 36.061 7  AA_TAF7DT8:DA17DA18_BB  A 7  ? B 18 ? A 8  ? B 17 ? 
1 A DT  8  1_555 B DA  5  1_555 A DC  9  1_555 B DG  4  1_555 -0.152 -0.160 3.519 -1.018 -1.123  43.543 -0.100 0.099  3.525 -1.514 
1.372  43.568 8  AA_DT8DC9:DG16DA17_BB   A 8  ? B 17 ? A 9  ? B 16 ? 
1 A DC  9  1_555 B DG  4  1_555 A DG  10 1_555 B DC  3  1_555 0.668  0.703  2.992 -3.872 0.849   27.518 1.278  -2.230 2.893 1.772 
8.086  27.796 9  AA_DC9DG10:DC15DG16_BB  A 9  ? B 16 ? A 10 ? B 15 ? 
1 A DG  10 1_555 B DC  3  1_555 A DC  11 1_555 B DG  2  1_555 -1.255 0.570  3.394 -0.878 -10.118 43.428 1.705  1.574  3.213 
-13.455 1.168  44.544 10 AA_DG10DC11:DG14DC15_BB A 10 ? B 15 ? A 11 ? B 14 ? 
1 A DC  11 1_555 B DG  2  1_555 A DG  12 1_555 B DC  1  1_555 1.351  0.334  3.756 3.768  -13.173 30.751 3.071  -1.624 3.466 
-23.436 -6.704 33.598 11 AA_DC11DG12:DC13DG14_BB A 11 ? B 14 ? A 12 ? B 13 ? 
# 
_atom_sites.entry_id                    1DPN 
_atom_sites.fract_transf_matrix[1][1]   -0.03224611 
_atom_sites.fract_transf_matrix[1][2]   0.01442853 
_atom_sites.fract_transf_matrix[1][3]   0.02003348 
_atom_sites.fract_transf_matrix[2][1]   0.00531413 
_atom_sites.fract_transf_matrix[2][2]   0.02320838 
_atom_sites.fract_transf_matrix[2][3]   -0.00816147 
_atom_sites.fract_transf_matrix[3][1]   -0.00867187 
_atom_sites.fract_transf_matrix[3][2]   -0.00233226 
_atom_sites.fract_transf_matrix[3][3]   -0.01227860 
_atom_sites.fract_transf_vector[1]      0.420705 
_atom_sites.fract_transf_vector[2]      0.014085 
_atom_sites.fract_transf_vector[3]      0.366685 
# 
loop_
_atom_type.symbol 
C  
F  
MG 
N  
O  
P  
# 
loop_
_atom_site.group_PDB 
_atom_site.id 
_atom_site.type_symbol 
_atom_site.label_atom_id 
_atom_site.label_alt_id 
_atom_site.label_comp_id 
_atom_site.label_asym_id 
_atom_site.label_entity_id 
_atom_site.label_seq_id 
_atom_site.pdbx_PDB_ins_code 
_atom_site.Cartn_x 
_atom_site.Cartn_y 
_atom_site.Cartn_z 
_atom_site.occupancy 
_atom_site.B_iso_or_equiv 
_atom_site.pdbx_formal_charge 
_atom_site.auth_seq_id 
_atom_site.auth_comp_id 
_atom_site.auth_asym_id 
_atom_site.auth_atom_id 
_atom_site.pdbx_PDB_model_num 
ATOM   1   O  "O5'" . DC  A 1 1  ? 15.864  12.934  5.022   1.00 18.51 ? 1    DC  A "O5'" 1 
ATOM   2   C  "C5'" . DC  A 1 1  ? 15.259  12.179  6.065   1.00 16.63 ? 1    DC  A "C5'" 1 
ATOM   3   C  "C4'" . DC  A 1 1  ? 15.703  10.722  6.015   1.00 17.98 ? 1    DC  A "C4'" 1 
ATOM   4   O  "O4'" . DC  A 1 1  ? 15.201  10.091  7.194   1.00 16.64 ? 1    DC  A "O4'" 1 
ATOM   5   C  "C3'" . DC  A 1 1  ? 15.188  9.903   4.839   1.00 18.99 ? 1    DC  A "C3'" 1 
ATOM   6   O  "O3'" . DC  A 1 1  ? 16.216  9.006   4.444   1.00 18.40 ? 1    DC  A "O3'" 1 
ATOM   7   C  "C2'" . DC  A 1 1  ? 13.931  9.270   5.396   1.00 16.54 ? 1    DC  A "C2'" 1 
ATOM   8   C  "C1'" . DC  A 1 1  ? 14.388  8.925   6.771   1.00 15.42 ? 1    DC  A "C1'" 1 
ATOM   9   N  N1    . DC  A 1 1  ? 13.419  8.812   7.831   1.00 15.76 ? 1    DC  A N1    1 
ATOM   10  C  C2    . DC  A 1 1  ? 13.584  7.839   8.819   1.00 16.19 ? 1    DC  A C2    1 
ATOM   11  O  O2    . DC  A 1 1  ? 14.530  7.053   8.735   1.00 19.61 ? 1    DC  A O2    1 
ATOM   12  N  N3    . DC  A 1 1  ? 12.693  7.760   9.831   1.00 14.75 ? 1    DC  A N3    1 
ATOM   13  C  C4    . DC  A 1 1  ? 11.683  8.619   9.898   1.00 14.24 ? 1    DC  A C4    1 
ATOM   14  N  N4    . DC  A 1 1  ? 10.856  8.469   10.922  1.00 15.51 ? 1    DC  A N4    1 
ATOM   15  C  C5    . DC  A 1 1  ? 11.504  9.658   8.942   1.00 15.15 ? 1    DC  A C5    1 
ATOM   16  C  C6    . DC  A 1 1  ? 12.384  9.708   7.937   1.00 15.42 ? 1    DC  A C6    1 
ATOM   17  P  P     . DG  A 1 2  ? 16.158  8.200   3.125   1.00 21.50 ? 2    DG  A P     1 
ATOM   18  O  OP1   . DG  A 1 2  ? 17.525  8.054   2.598   1.00 26.03 ? 2    DG  A OP1   1 
ATOM   19  O  OP2   . DG  A 1 2  ? 15.096  8.686   2.222   1.00 22.36 ? 2    DG  A OP2   1 
ATOM   20  O  "O5'" . DG  A 1 2  ? 15.662  6.732   3.574   1.00 21.06 ? 2    DG  A "O5'" 1 
ATOM   21  C  "C5'" . DG  A 1 2  ? 16.622  5.868   4.215   1.00 28.13 ? 2    DG  A "C5'" 1 
ATOM   22  C  "C4'" . DG  A 1 2  ? 16.032  4.505   4.437   1.00 18.49 ? 2    DG  A "C4'" 1 
ATOM   23  O  "O4'" . DG  A 1 2  ? 15.100  4.506   5.511   1.00 16.40 ? 2    DG  A "O4'" 1 
ATOM   24  C  "C3'" . DG  A 1 2  ? 15.269  3.996   3.184   1.00 16.59 ? 2    DG  A "C3'" 1 
ATOM   25  O  "O3'" . DG  A 1 2  ? 15.706  2.660   2.990   1.00 19.79 ? 2    DG  A "O3'" 1 
ATOM   26  C  "C2'" . DG  A 1 2  ? 13.873  4.166   3.554   1.00 16.33 ? 2    DG  A "C2'" 1 
ATOM   27  C  "C1'" . DG  A 1 2  ? 13.817  3.961   5.025   1.00 13.66 ? 2    DG  A "C1'" 1 
ATOM   28  N  N9    . DG  A 1 2  ? 12.823  4.680   5.759   1.00 14.26 ? 2    DG  A N9    1 
ATOM   29  C  C8    . DG  A 1 2  ? 12.232  5.875   5.430   1.00 13.27 ? 2    DG  A C8    1 
ATOM   30  N  N7    . DG  A 1 2  ? 11.363  6.274   6.328   1.00 14.67 ? 2    DG  A N7    1 
ATOM   31  C  C5    . DG  A 1 2  ? 11.385  5.290   7.307   1.00 11.96 ? 2    DG  A C5    1 
ATOM   32  C  C6    . DG  A 1 2  ? 10.666  5.170   8.531   1.00 12.27 ? 2    DG  A C6    1 
ATOM   33  O  O6    . DG  A 1 2  ? 9.823   5.940   9.007   1.00 12.72 ? 2    DG  A O6    1 
ATOM   34  N  N1    . DG  A 1 2  ? 11.010  4.014   9.234   1.00 11.82 ? 2    DG  A N1    1 
ATOM   35  C  C2    . DG  A 1 2  ? 11.936  3.089   8.812   1.00 11.24 ? 2    DG  A C2    1 
ATOM   36  N  N2    . DG  A 1 2  ? 12.121  2.040   9.620   1.00 13.43 ? 2    DG  A N2    1 
ATOM   37  N  N3    . DG  A 1 2  ? 12.602  3.186   7.669   1.00 13.26 ? 2    DG  A N3    1 
ATOM   38  C  C4    . DG  A 1 2  ? 12.289  4.305   6.988   1.00 12.37 ? 2    DG  A C4    1 
ATOM   39  P  P     . DC  A 1 3  ? 15.304  1.761   1.755   1.00 17.57 ? 3    DC  A P     1 
ATOM   40  O  OP1   . DC  A 1 3  ? 16.544  1.233   1.198   1.00 21.28 ? 3    DC  A OP1   1 
ATOM   41  O  OP2   . DC  A 1 3  ? 14.428  2.475   0.833   1.00 20.92 ? 3    DC  A OP2   1 
ATOM   42  O  "O5'" . DC  A 1 3  ? 14.462  0.608   2.416   1.00 16.42 ? 3    DC  A "O5'" 1 
ATOM   43  C  "C5'" . DC  A 1 3  ? 15.099  -0.241  3.374   1.00 17.46 ? 3    DC  A "C5'" 1 
ATOM   44  C  "C4'" . DC  A 1 3  ? 14.019  -0.751  4.329   1.00 14.27 ? 3    DC  A "C4'" 1 
ATOM   45  O  "O4'" . DC  A 1 3  ? 13.401  0.378   4.963   1.00 15.73 ? 3    DC  A "O4'" 1 
ATOM   46  C  "C3'" . DC  A 1 3  ? 12.884  -1.493  3.688   1.00 15.56 ? 3    DC  A "C3'" 1 
ATOM   47  O  "O3'" . DC  A 1 3  ? 13.238  -2.867  3.575   1.00 18.84 ? 3    DC  A "O3'" 1 
ATOM   48  C  "C2'" . DC  A 1 3  ? 11.688  -1.310  4.581   1.00 20.83 ? 3    DC  A "C2'" 1 
ATOM   49  C  "C1'" . DC  A 1 3  ? 12.005  -0.138  5.369   1.00 16.46 ? 3    DC  A "C1'" 1 
ATOM   50  N  N1    . DC  A 1 3  ? 11.180  1.065   5.220   1.00 14.21 ? 3    DC  A N1    1 
ATOM   51  C  C2    . DC  A 1 3  ? 10.254  1.377   6.222   1.00 13.69 ? 3    DC  A C2    1 
ATOM   52  O  O2    . DC  A 1 3  ? 10.155  0.656   7.223   1.00 12.82 ? 3    DC  A O2    1 
ATOM   53  N  N3    . DC  A 1 3  ? 9.491   2.483   6.113   1.00 12.70 ? 3    DC  A N3    1 
ATOM   54  C  C4    . DC  A 1 3  ? 9.581   3.237   5.010   1.00 15.00 ? 3    DC  A C4    1 
ATOM   55  N  N4    . DC  A 1 3  ? 8.806   4.317   4.942   1.00 14.53 ? 3    DC  A N4    1 
ATOM   56  C  C5    . DC  A 1 3  ? 10.453  2.897   3.931   1.00 16.07 ? 3    DC  A C5    1 
ATOM   57  C  C6    . DC  A 1 3  ? 11.251  1.837   4.083   1.00 16.01 ? 3    DC  A C6    1 
ATOM   58  P  P     A DG  A 1 4  ? 12.319  -3.712  2.467   0.70 23.89 ? 4    DG  A P     1 
ATOM   59  P  P     B DG  A 1 4  ? 12.609  -4.071  2.979   0.30 17.87 ? 4    DG  A P     1 
ATOM   60  O  OP1   A DG  A 1 4  ? 13.215  -4.807  2.056   0.70 31.35 ? 4    DG  A OP1   1 
ATOM   61  O  OP1   B DG  A 1 4  ? 13.569  -5.213  3.083   0.30 23.32 ? 4    DG  A OP1   1 
ATOM   62  O  OP2   A DG  A 1 4  ? 11.604  -2.816  1.567   0.70 30.46 ? 4    DG  A OP2   1 
ATOM   63  O  OP2   B DG  A 1 4  ? 12.115  -3.724  1.608   0.30 31.98 ? 4    DG  A OP2   1 
ATOM   64  O  "O5'" A DG  A 1 4  ? 11.252  -4.372  3.439   0.70 22.41 ? 4    DG  A "O5'" 1 
ATOM   65  O  "O5'" B DG  A 1 4  ? 11.352  -4.435  3.851   0.30 15.12 ? 4    DG  A "O5'" 1 
ATOM   66  C  "C5'" A DG  A 1 4  ? 11.375  -5.092  4.648   0.70 20.38 ? 4    DG  A "C5'" 1 
ATOM   67  C  "C5'" B DG  A 1 4  ? 11.588  -5.081  5.134   0.30 15.44 ? 4    DG  A "C5'" 1 
ATOM   68  C  "C4'" A DG  A 1 4  ? 10.208  -5.250  5.515   0.70 23.53 ? 4    DG  A "C4'" 1 
ATOM   69  C  "C4'" B DG  A 1 4  ? 10.203  -5.264  5.715   0.30 23.27 ? 4    DG  A "C4'" 1 
ATOM   70  O  "O4'" A DG  A 1 4  ? 9.613   -3.997  5.854   0.70 19.09 ? 4    DG  A "O4'" 1 
ATOM   71  O  "O4'" B DG  A 1 4  ? 9.626   -3.968  5.922   0.30 19.06 ? 4    DG  A "O4'" 1 
ATOM   72  C  "C3'" A DG  A 1 4  ? 9.140   -6.078  4.752   0.70 28.50 ? 4    DG  A "C3'" 1 
ATOM   73  C  "C3'" B DG  A 1 4  ? 9.235   -6.057  4.821   0.30 26.91 ? 4    DG  A "C3'" 1 
ATOM   74  O  "O3'" A DG  A 1 4  ? 8.423   -6.934  5.608   0.70 34.87 ? 4    DG  A "O3'" 1 
ATOM   75  O  "O3'" B DG  A 1 4  ? 8.423   -6.934  5.572   0.30 37.40 ? 4    DG  A "O3'" 1 
ATOM   76  C  "C2'" A DG  A 1 4  ? 8.329   -4.973  4.163   0.70 21.80 ? 4    DG  A "C2'" 1 
ATOM   77  C  "C2'" B DG  A 1 4  ? 8.447   -4.965  4.164   0.30 22.71 ? 4    DG  A "C2'" 1 
ATOM   78  C  "C1'" A DG  A 1 4  ? 8.328   -3.904  5.245   0.70 23.32 ? 4    DG  A "C1'" 1 
ATOM   79  C  "C1'" B DG  A 1 4  ? 8.344   -3.912  5.227   0.30 21.36 ? 4    DG  A "C1'" 1 
ATOM   80  N  N9    . DG  A 1 4  ? 8.139   -2.567  4.735   1.00 18.11 ? 4    DG  A N9    1 
ATOM   81  C  C8    . DG  A 1 4  ? 8.626   -2.044  3.562   1.00 21.46 ? 4    DG  A C8    1 
ATOM   82  N  N7    . DG  A 1 4  ? 8.293   -0.803  3.373   1.00 17.79 ? 4    DG  A N7    1 
ATOM   83  C  C5    . DG  A 1 4  ? 7.535   -0.473  4.497   1.00 16.90 ? 4    DG  A C5    1 
ATOM   84  C  C6    . DG  A 1 4  ? 6.888   0.729   4.849   1.00 17.33 ? 4    DG  A C6    1 
ATOM   85  O  O6    . DG  A 1 4  ? 6.855   1.808   4.224   1.00 16.29 ? 4    DG  A O6    1 
ATOM   86  N  N1    . DG  A 1 4  ? 6.207   0.640   6.060   1.00 15.71 ? 4    DG  A N1    1 
ATOM   87  C  C2    . DG  A 1 4  ? 6.169   -0.492  6.844   1.00 17.52 ? 4    DG  A C2    1 
ATOM   88  N  N2    . DG  A 1 4  ? 5.469   -0.398  7.995   1.00 17.19 ? 4    DG  A N2    1 
ATOM   89  N  N3    . DG  A 1 4  ? 6.775   -1.615  6.517   1.00 17.60 ? 4    DG  A N3    1 
ATOM   90  C  C4    . DG  A 1 4  ? 7.436   -1.547  5.347   1.00 16.96 ? 4    DG  A C4    1 
ATOM   91  P  P     . DA  A 1 5  ? 7.142   -7.754  5.121   1.00 23.20 ? 5    DA  A P     1 
ATOM   92  O  OP1   . DA  A 1 5  ? 7.250   -9.093  5.778   1.00 33.60 ? 5    DA  A OP1   1 
ATOM   93  O  OP2   . DA  A 1 5  ? 6.936   -7.742  3.665   1.00 29.28 ? 5    DA  A OP2   1 
ATOM   94  O  "O5'" . DA  A 1 5  ? 5.974   -6.997  5.838   1.00 19.93 ? 5    DA  A "O5'" 1 
ATOM   95  C  "C5'" . DA  A 1 5  ? 6.040   -6.898  7.278   1.00 18.95 ? 5    DA  A "C5'" 1 
ATOM   96  C  "C4'" . DA  A 1 5  ? 4.823   -6.154  7.776   1.00 16.83 ? 5    DA  A "C4'" 1 
ATOM   97  O  "O4'" . DA  A 1 5  ? 4.820   -4.826  7.250   1.00 17.04 ? 5    DA  A "O4'" 1 
ATOM   98  C  "C3'" . DA  A 1 5  ? 3.494   -6.824  7.378   1.00 16.78 ? 5    DA  A "C3'" 1 
ATOM   99  O  "O3'" . DA  A 1 5  ? 2.629   -6.790  8.519   1.00 14.83 ? 5    DA  A "O3'" 1 
ATOM   100 C  "C2'" . DA  A 1 5  ? 3.065   -6.029  6.188   1.00 16.91 ? 5    DA  A "C2'" 1 
ATOM   101 C  "C1'" . DA  A 1 5  ? 3.544   -4.640  6.499   1.00 16.22 ? 5    DA  A "C1'" 1 
ATOM   102 N  N9    . DA  A 1 5  ? 3.914   -3.781  5.413   1.00 14.90 ? 5    DA  A N9    1 
ATOM   103 C  C8    . DA  A 1 5  ? 4.732   -4.129  4.367   1.00 14.87 ? 5    DA  A C8    1 
ATOM   104 N  N7    . DA  A 1 5  ? 4.967   -3.169  3.506   1.00 15.53 ? 5    DA  A N7    1 
ATOM   105 C  C5    . DA  A 1 5  ? 4.268   -2.093  4.031   1.00 14.00 ? 5    DA  A C5    1 
ATOM   106 C  C6    . DA  A 1 5  ? 4.110   -0.769  3.578   1.00 14.59 ? 5    DA  A C6    1 
ATOM   107 N  N6    . DA  A 1 5  ? 4.678   -0.290  2.470   1.00 15.46 ? 5    DA  A N6    1 
ATOM   108 N  N1    . DA  A 1 5  ? 3.348   0.050   4.332   1.00 15.54 ? 5    DA  A N1    1 
ATOM   109 C  C2    . DA  A 1 5  ? 2.802   -0.429  5.447   1.00 16.83 ? 5    DA  A C2    1 
ATOM   110 N  N3    . DA  A 1 5  ? 2.883   -1.647  5.985   1.00 14.54 ? 5    DA  A N3    1 
ATOM   111 C  C4    . DA  A 1 5  ? 3.629   -2.447  5.209   1.00 12.85 ? 5    DA  A C4    1 
ATOM   112 P  P     . DA  A 1 6  ? 1.121   -7.250  8.466   1.00 15.58 ? 6    DA  A P     1 
ATOM   113 O  OP1   . DA  A 1 6  ? 0.703   -7.555  9.859   1.00 15.44 ? 6    DA  A OP1   1 
ATOM   114 O  OP2   . DA  A 1 6  ? 0.918   -8.283  7.422   1.00 15.66 ? 6    DA  A OP2   1 
ATOM   115 O  "O5'" . DA  A 1 6  ? 0.347   -5.984  7.977   1.00 14.65 ? 6    DA  A "O5'" 1 
ATOM   116 C  "C5'" . DA  A 1 6  ? 0.237   -4.834  8.799   1.00 14.41 ? 6    DA  A "C5'" 1 
ATOM   117 C  "C4'" . DA  A 1 6  ? -0.662  -3.816  8.124   1.00 15.00 ? 6    DA  A "C4'" 1 
ATOM   118 O  "O4'" . DA  A 1 6  ? 0.047   -3.291  7.011   1.00 15.06 ? 6    DA  A "O4'" 1 
ATOM   119 C  "C3'" . DA  A 1 6  ? -2.000  -4.368  7.604   1.00 14.11 ? 6    DA  A "C3'" 1 
ATOM   120 O  "O3'" . DA  A 1 6  ? -3.017  -3.704  8.314   1.00 14.56 ? 6    DA  A "O3'" 1 
ATOM   121 C  "C2'" . DA  A 1 6  ? -1.962  -4.091  6.137   1.00 13.16 ? 6    DA  A "C2'" 1 
ATOM   122 C  "C1'" . DA  A 1 6  ? -0.954  -3.032  5.929   1.00 14.38 ? 6    DA  A "C1'" 1 
ATOM   123 N  N9    . DA  A 1 6  ? -0.156  -3.028  4.723   1.00 12.72 ? 6    DA  A N9    1 
ATOM   124 C  C8    . DA  A 1 6  ? 0.545   -4.068  4.175   1.00 13.21 ? 6    DA  A C8    1 
ATOM   125 N  N7    . DA  A 1 6  ? 1.203   -3.763  3.082   1.00 13.85 ? 6    DA  A N7    1 
ATOM   126 C  C5    . DA  A 1 6  ? 0.918   -2.409  2.895   1.00 12.86 ? 6    DA  A C5    1 
ATOM   127 C  C6    . DA  A 1 6  ? 1.310   -1.495  1.904   1.00 12.94 ? 6    DA  A C6    1 
ATOM   128 N  N6    . DA  A 1 6  ? 2.124   -1.773  0.882   1.00 13.51 ? 6    DA  A N6    1 
ATOM   129 N  N1    . DA  A 1 6  ? 0.841   -0.231  2.004   1.00 13.19 ? 6    DA  A N1    1 
ATOM   130 C  C2    . DA  A 1 6  ? 0.048   0.072   3.033   1.00 13.79 ? 6    DA  A C2    1 
ATOM   131 N  N3    . DA  A 1 6  ? -0.400  -0.711  4.020   1.00 13.29 ? 6    DA  A N3    1 
ATOM   132 C  C4    . DA  A 1 6  ? 0.093   -1.944  3.895   1.00 12.90 ? 6    DA  A C4    1 
HETATM 133 P  P     . TAF A 1 7  ? -4.588  -3.901  8.010   1.00 14.72 ? 7    TAF A P     1 
HETATM 134 O  OP1   . TAF A 1 7  ? -5.289  -3.519  9.288   1.00 16.73 ? 7    TAF A OP1   1 
HETATM 135 O  OP2   . TAF A 1 7  ? -4.815  -5.204  7.377   1.00 15.00 ? 7    TAF A OP2   1 
HETATM 136 O  "O5'" . TAF A 1 7  ? -4.890  -2.815  6.865   1.00 13.81 ? 7    TAF A "O5'" 1 
HETATM 137 N  N1    . TAF A 1 7  ? -3.396  -1.495  2.670   1.00 12.96 ? 7    TAF A N1    1 
HETATM 138 C  C6    . TAF A 1 7  ? -3.160  -2.849  2.794   1.00 12.82 ? 7    TAF A C6    1 
HETATM 139 C  C2    . TAF A 1 7  ? -2.885  -0.787  1.602   1.00 12.51 ? 7    TAF A C2    1 
HETATM 140 O  O2    . TAF A 1 7  ? -3.068  0.395   1.438   1.00 14.26 ? 7    TAF A O2    1 
HETATM 141 N  N3    . TAF A 1 7  ? -2.109  -1.525  0.754   1.00 12.45 ? 7    TAF A N3    1 
HETATM 142 C  C4    . TAF A 1 7  ? -1.795  -2.857  0.845   1.00 12.07 ? 7    TAF A C4    1 
HETATM 143 O  O4    . TAF A 1 7  ? -1.068  -3.349  0.002   1.00 13.22 ? 7    TAF A O4    1 
HETATM 144 C  C5    . TAF A 1 7  ? -2.418  -3.566  1.938   1.00 12.58 ? 7    TAF A C5    1 
HETATM 145 C  C5M   . TAF A 1 7  ? -2.153  -5.041  2.063   1.00 13.19 ? 7    TAF A C5M   1 
HETATM 146 F  "F2'" . TAF A 1 7  ? -5.911  -2.200  3.219   1.00 14.60 ? 7    TAF A "F2'" 1 
HETATM 147 C  "C2'" . TAF A 1 7  ? -5.665  -0.951  3.670   1.00 13.95 ? 7    TAF A "C2'" 1 
HETATM 148 C  "C5'" . TAF A 1 7  ? -4.549  -1.438  7.162   1.00 15.54 ? 7    TAF A "C5'" 1 
HETATM 149 C  "C4'" . TAF A 1 7  ? -4.676  -0.674  5.868   1.00 13.71 ? 7    TAF A "C4'" 1 
HETATM 150 O  "O4'" . TAF A 1 7  ? -3.691  -1.190  4.975   1.00 13.92 ? 7    TAF A "O4'" 1 
HETATM 151 C  "C1'" . TAF A 1 7  ? -4.259  -0.739  3.617   1.00 14.25 ? 7    TAF A "C1'" 1 
HETATM 152 C  "C3'" . TAF A 1 7  ? -6.015  -0.806  5.126   1.00 13.83 ? 7    TAF A "C3'" 1 
HETATM 153 O  "O3'" . TAF A 1 7  ? -6.774  0.355   5.430   1.00 15.37 ? 7    TAF A "O3'" 1 
ATOM   154 P  P     . DT  A 1 8  ? -8.266  0.560   4.890   1.00 16.37 ? 8    DT  A P     1 
ATOM   155 O  OP1   . DT  A 1 8  ? -8.900  1.632   5.765   1.00 18.53 ? 8    DT  A OP1   1 
ATOM   156 O  OP2   . DT  A 1 8  ? -8.912  -0.743  4.788   1.00 17.95 ? 8    DT  A OP2   1 
ATOM   157 O  "O5'" . DT  A 1 8  ? -8.076  1.150   3.426   1.00 16.87 ? 8    DT  A "O5'" 1 
ATOM   158 C  "C5'" . DT  A 1 8  ? -7.336  2.382   3.291   1.00 16.55 ? 8    DT  A "C5'" 1 
ATOM   159 C  "C4'" . DT  A 1 8  ? -7.102  2.646   1.848   1.00 16.23 ? 8    DT  A "C4'" 1 
ATOM   160 O  "O4'" . DT  A 1 8  ? -6.238  1.609   1.310   1.00 15.64 ? 8    DT  A "O4'" 1 
ATOM   161 C  "C3'" . DT  A 1 8  ? -8.364  2.650   0.949   1.00 19.04 ? 8    DT  A "C3'" 1 
ATOM   162 O  "O3'" . DT  A 1 8  ? -8.494  3.978   0.387   1.00 19.53 ? 8    DT  A "O3'" 1 
ATOM   163 C  "C2'" . DT  A 1 8  ? -8.140  1.580   -0.035  1.00 16.07 ? 8    DT  A "C2'" 1 
ATOM   164 C  "C1'" . DT  A 1 8  ? -6.715  1.453   -0.152  1.00 16.50 ? 8    DT  A "C1'" 1 
ATOM   165 N  N1    . DT  A 1 8  ? -6.013  0.217   -0.506  1.00 14.10 ? 8    DT  A N1    1 
ATOM   166 C  C2    . DT  A 1 8  ? -5.085  0.193   -1.520  1.00 12.79 ? 8    DT  A C2    1 
ATOM   167 O  O2    . DT  A 1 8  ? -4.725  1.185   -2.154  1.00 14.69 ? 8    DT  A O2    1 
ATOM   168 N  N3    . DT  A 1 8  ? -4.522  -1.021  -1.785  1.00 12.85 ? 8    DT  A N3    1 
ATOM   169 C  C4    . DT  A 1 8  ? -4.789  -2.223  -1.147  1.00 12.47 ? 8    DT  A C4    1 
ATOM   170 O  O4    . DT  A 1 8  ? -4.176  -3.231  -1.480  1.00 12.63 ? 8    DT  A O4    1 
ATOM   171 C  C5    . DT  A 1 8  ? -5.824  -2.163  -0.146  1.00 13.52 ? 8    DT  A C5    1 
ATOM   172 C  C7    . DT  A 1 8  ? -6.224  -3.413  0.580   1.00 15.66 ? 8    DT  A C7    1 
ATOM   173 C  C6    . DT  A 1 8  ? -6.333  -0.959  0.154   1.00 13.57 ? 8    DT  A C6    1 
ATOM   174 P  P     . DC  A 1 9  ? -9.482  4.406   -0.748  1.00 22.08 ? 9    DC  A P     1 
ATOM   175 O  OP1   . DC  A 1 9  ? -9.840  5.834   -0.598  1.00 25.95 ? 9    DC  A OP1   1 
ATOM   176 O  OP2   . DC  A 1 9  ? -10.608 3.432   -0.834  1.00 23.95 ? 9    DC  A OP2   1 
ATOM   177 O  "O5'" . DC  A 1 9  ? -8.635  4.258   -2.103  1.00 18.61 ? 9    DC  A "O5'" 1 
ATOM   178 C  "C5'" . DC  A 1 9  ? -7.362  4.977   -2.180  1.00 18.90 ? 9    DC  A "C5'" 1 
ATOM   179 C  "C4'" . DC  A 1 9  ? -6.788  4.824   -3.536  1.00 14.97 ? 9    DC  A "C4'" 1 
ATOM   180 O  "O4'" . DC  A 1 9  ? -6.421  3.447   -3.716  1.00 15.86 ? 9    DC  A "O4'" 1 
ATOM   181 C  "C3'" . DC  A 1 9  ? -7.742  5.135   -4.709  1.00 16.36 ? 9    DC  A "C3'" 1 
ATOM   182 O  "O3'" . DC  A 1 9  ? -6.996  5.943   -5.627  1.00 16.12 ? 9    DC  A "O3'" 1 
ATOM   183 C  "C2'" . DC  A 1 9  ? -8.185  3.801   -5.217  1.00 17.52 ? 9    DC  A "C2'" 1 
ATOM   184 C  "C1'" . DC  A 1 9  ? -7.017  2.938   -5.040  1.00 16.00 ? 9    DC  A "C1'" 1 
ATOM   185 N  N1    . DC  A 1 9  ? -7.054  1.519   -4.737  1.00 14.45 ? 9    DC  A N1    1 
ATOM   186 C  C2    . DC  A 1 9  ? -6.286  0.591   -5.435  1.00 13.51 ? 9    DC  A C2    1 
ATOM   187 O  O2    . DC  A 1 9  ? -5.536  0.968   -6.360  1.00 13.81 ? 9    DC  A O2    1 
ATOM   188 N  N3    . DC  A 1 9  ? -6.337  -0.718  -5.081  1.00 12.49 ? 9    DC  A N3    1 
ATOM   189 C  C4    . DC  A 1 9  ? -7.147  -1.113  -4.094  1.00 13.31 ? 9    DC  A C4    1 
ATOM   190 N  N4    . DC  A 1 9  ? -7.154  -2.402  -3.772  1.00 14.00 ? 9    DC  A N4    1 
ATOM   191 C  C5    . DC  A 1 9  ? -7.948  -0.172  -3.388  1.00 14.42 ? 9    DC  A C5    1 
ATOM   192 C  C6    . DC  A 1 9  ? -7.894  1.124   -3.731  1.00 14.84 ? 9    DC  A C6    1 
ATOM   193 P  P     . DG  A 1 10 ? -7.658  6.789   -6.806  1.00 17.93 ? 10   DG  A P     1 
ATOM   194 O  OP1   . DG  A 1 10 ? -6.661  7.828   -7.169  1.00 20.02 ? 10   DG  A OP1   1 
ATOM   195 O  OP2   . DG  A 1 10 ? -9.054  7.195   -6.509  1.00 18.84 ? 10   DG  A OP2   1 
ATOM   196 O  "O5'" . DG  A 1 10 ? -7.756  5.735   -7.976  1.00 16.60 ? 10   DG  A "O5'" 1 
ATOM   197 C  "C5'" . DG  A 1 10 ? -6.558  5.282   -8.601  1.00 17.96 ? 10   DG  A "C5'" 1 
ATOM   198 C  "C4'" . DG  A 1 10 ? -6.882  4.155   -9.542  1.00 20.69 ? 10   DG  A "C4'" 1 
ATOM   199 O  "O4'" . DG  A 1 10 ? -7.200  3.032   -8.674  1.00 16.04 ? 10   DG  A "O4'" 1 
ATOM   200 C  "C3'" . DG  A 1 10 ? -8.055  4.337   -10.478 1.00 17.97 ? 10   DG  A "C3'" 1 
ATOM   201 O  "O3'" . DG  A 1 10 ? -7.733  3.813   -11.731 1.00 19.67 ? 10   DG  A "O3'" 1 
ATOM   202 C  "C2'" . DG  A 1 10 ? -9.144  3.541   -9.807  1.00 18.57 ? 10   DG  A "C2'" 1 
ATOM   203 C  "C1'" . DG  A 1 10 ? -8.339  2.380   -9.337  1.00 19.49 ? 10   DG  A "C1'" 1 
ATOM   204 N  N9    . DG  A 1 10 ? -8.890  1.466   -8.346  1.00 17.96 ? 10   DG  A N9    1 
ATOM   205 C  C8    . DG  A 1 10 ? -9.843  1.617   -7.373  1.00 17.37 ? 10   DG  A C8    1 
ATOM   206 N  N7    . DG  A 1 10 ? -10.042 0.516   -6.700  1.00 17.80 ? 10   DG  A N7    1 
ATOM   207 C  C5    . DG  A 1 10 ? -9.187  -0.417  -7.246  1.00 15.20 ? 10   DG  A C5    1 
ATOM   208 C  C6    . DG  A 1 10 ? -8.949  -1.779  -6.950  1.00 15.06 ? 10   DG  A C6    1 
ATOM   209 O  O6    . DG  A 1 10 ? -9.454  -2.519  -6.092  1.00 16.99 ? 10   DG  A O6    1 
ATOM   210 N  N1    . DG  A 1 10 ? -7.971  -2.352  -7.771  1.00 14.66 ? 10   DG  A N1    1 
ATOM   211 C  C2    . DG  A 1 10 ? -7.325  -1.670  -8.774  1.00 14.38 ? 10   DG  A C2    1 
ATOM   212 N  N2    . DG  A 1 10 ? -6.432  -2.375  -9.478  1.00 15.59 ? 10   DG  A N2    1 
ATOM   213 N  N3    . DG  A 1 10 ? -7.538  -0.396  -9.052  1.00 15.45 ? 10   DG  A N3    1 
ATOM   214 C  C4    . DG  A 1 10 ? -8.475  0.153   -8.271  1.00 16.16 ? 10   DG  A C4    1 
ATOM   215 P  P     A DC  A 1 11 ? -7.114  4.611   -12.994 0.70 19.22 ? 11   DC  A P     1 
ATOM   216 P  P     B DC  A 1 11 ? -7.842  4.629   -13.001 0.30 20.31 ? 11   DC  A P     1 
ATOM   217 O  OP1   A DC  A 1 11 ? -6.145  5.611   -12.497 0.70 25.04 ? 11   DC  A OP1   1 
ATOM   218 O  OP1   B DC  A 1 11 ? -7.071  5.897   -12.853 0.30 31.39 ? 11   DC  A OP1   1 
ATOM   219 O  OP2   A DC  A 1 11 ? -8.273  4.988   -13.850 0.70 34.75 ? 11   DC  A OP2   1 
ATOM   220 O  OP2   B DC  A 1 11 ? -9.159  4.667   -13.643 0.30 33.55 ? 11   DC  A OP2   1 
ATOM   221 O  "O5'" A DC  A 1 11 ? -6.342  3.504   -13.780 0.70 16.19 ? 11   DC  A "O5'" 1 
ATOM   222 O  "O5'" B DC  A 1 11 ? -6.874  3.654   -13.878 0.30 21.77 ? 11   DC  A "O5'" 1 
ATOM   223 C  "C5'" A DC  A 1 11 ? -5.039  3.101   -13.264 0.70 17.45 ? 11   DC  A "C5'" 1 
ATOM   224 C  "C5'" B DC  A 1 11 ? -5.555  3.273   -13.464 0.30 19.40 ? 11   DC  A "C5'" 1 
ATOM   225 C  "C4'" A DC  A 1 11 ? -4.779  1.749   -13.862 0.70 17.54 ? 11   DC  A "C4'" 1 
ATOM   226 C  "C4'" B DC  A 1 11 ? -5.014  1.954   -13.913 0.30 17.60 ? 11   DC  A "C4'" 1 
ATOM   227 O  "O4'" A DC  A 1 11 ? -5.595  0.812   -13.115 0.70 17.51 ? 11   DC  A "O4'" 1 
ATOM   228 O  "O4'" B DC  A 1 11 ? -5.646  0.899   -13.144 0.30 17.71 ? 11   DC  A "O4'" 1 
ATOM   229 C  "C3'" A DC  A 1 11 ? -5.141  1.542   -15.337 0.70 13.43 ? 11   DC  A "C3'" 1 
ATOM   230 C  "C3'" B DC  A 1 11 ? -5.256  1.581   -15.386 0.30 13.39 ? 11   DC  A "C3'" 1 
ATOM   231 O  "O3'" A DC  A 1 11 ? -4.148  0.777   -15.937 0.70 17.74 ? 11   DC  A "O3'" 1 
ATOM   232 O  "O3'" B DC  A 1 11 ? -4.191  0.820   -15.920 0.30 17.91 ? 11   DC  A "O3'" 1 
ATOM   233 C  "C2'" A DC  A 1 11 ? -6.481  0.851   -15.253 0.70 18.95 ? 11   DC  A "C2'" 1 
ATOM   234 C  "C2'" B DC  A 1 11 ? -6.543  0.810   -15.305 0.30 18.91 ? 11   DC  A "C2'" 1 
ATOM   235 C  "C1'" A DC  A 1 11 ? -6.424  0.018   -14.060 0.70 16.03 ? 11   DC  A "C1'" 1 
ATOM   236 C  "C1'" B DC  A 1 11 ? -6.443  0.035   -14.072 0.30 16.33 ? 11   DC  A "C1'" 1 
ATOM   237 N  N1    . DC  A 1 11 ? -7.611  -0.233  -13.222 1.00 16.10 ? 11   DC  A N1    1 
ATOM   238 C  C2    . DC  A 1 11 ? -7.753  -1.473  -12.569 1.00 15.49 ? 11   DC  A C2    1 
ATOM   239 O  O2    . DC  A 1 11 ? -6.887  -2.319  -12.750 1.00 15.86 ? 11   DC  A O2    1 
ATOM   240 N  N3    . DC  A 1 11 ? -8.818  -1.677  -11.762 1.00 14.36 ? 11   DC  A N3    1 
ATOM   241 C  C4    . DC  A 1 11 ? -9.702  -0.701  -11.568 1.00 17.46 ? 11   DC  A C4    1 
ATOM   242 N  N4    . DC  A 1 11 ? -10.744 -0.946  -10.780 1.00 17.81 ? 11   DC  A N4    1 
ATOM   243 C  C5    . DC  A 1 11 ? -9.592  0.554   -12.229 1.00 19.16 ? 11   DC  A C5    1 
ATOM   244 C  C6    . DC  A 1 11 ? -8.520  0.750   -12.995 1.00 16.16 ? 11   DC  A C6    1 
ATOM   245 P  P     . DG  A 1 12 ? -4.042  0.570   -17.469 1.00 16.66 ? 12   DG  A P     1 
ATOM   246 O  OP1   . DG  A 1 12 ? -2.648  0.181   -17.835 1.00 18.44 ? 12   DG  A OP1   1 
ATOM   247 O  OP2   . DG  A 1 12 ? -4.575  1.757   -18.180 1.00 18.45 ? 12   DG  A OP2   1 
ATOM   248 O  "O5'" . DG  A 1 12 ? -5.031  -0.631  -17.754 1.00 14.81 ? 12   DG  A "O5'" 1 
ATOM   249 C  "C5'" . DG  A 1 12 ? -4.666  -1.972  -17.384 1.00 16.03 ? 12   DG  A "C5'" 1 
ATOM   250 C  "C4'" . DG  A 1 12 ? -5.850  -2.857  -17.598 1.00 13.98 ? 12   DG  A "C4'" 1 
ATOM   251 O  "O4'" . DG  A 1 12 ? -6.815  -2.580  -16.581 1.00 14.16 ? 12   DG  A "O4'" 1 
ATOM   252 C  "C3'" . DG  A 1 12 ? -6.593  -2.632  -18.902 1.00 15.67 ? 12   DG  A "C3'" 1 
ATOM   253 O  "O3'" . DG  A 1 12 ? -6.065  -3.508  -19.886 1.00 16.70 ? 12   DG  A "O3'" 1 
ATOM   254 C  "C2'" . DG  A 1 12 ? -8.037  -2.909  -18.559 1.00 15.72 ? 12   DG  A "C2'" 1 
ATOM   255 C  "C1'" . DG  A 1 12 ? -8.033  -3.175  -17.091 1.00 14.69 ? 12   DG  A "C1'" 1 
ATOM   256 N  N9    . DG  A 1 12 ? -9.113  -2.594  -16.285 1.00 16.03 ? 12   DG  A N9    1 
ATOM   257 C  C8    . DG  A 1 12 ? -9.593  -1.302  -16.364 1.00 16.21 ? 12   DG  A C8    1 
ATOM   258 N  N7    . DG  A 1 12 ? -10.543 -1.078  -15.511 1.00 19.02 ? 12   DG  A N7    1 
ATOM   259 C  C5    . DG  A 1 12 ? -10.736 -2.273  -14.836 1.00 17.89 ? 12   DG  A C5    1 
ATOM   260 C  C6    . DG  A 1 12 ? -11.643 -2.658  -13.820 1.00 16.17 ? 12   DG  A C6    1 
ATOM   261 O  O6    . DG  A 1 12 ? -12.524 -2.014  -13.239 1.00 19.84 ? 12   DG  A O6    1 
ATOM   262 N  N1    . DG  A 1 12 ? -11.464 -3.989  -13.441 1.00 15.44 ? 12   DG  A N1    1 
ATOM   263 C  C2    . DG  A 1 12 ? -10.542 -4.839  -14.001 1.00 14.26 ? 12   DG  A C2    1 
ATOM   264 N  N2    . DG  A 1 12 ? -10.470 -6.100  -13.555 1.00 14.70 ? 12   DG  A N2    1 
ATOM   265 N  N3    . DG  A 1 12 ? -9.671  -4.504  -14.943 1.00 13.99 ? 12   DG  A N3    1 
ATOM   266 C  C4    . DG  A 1 12 ? -9.846  -3.216  -15.306 1.00 14.21 ? 12   DG  A C4    1 
ATOM   267 O  "O5'" A DC  B 1 1  ? -17.751 -8.369  -8.713  0.70 38.92 ? 13   DC  B "O5'" 1 
ATOM   268 O  "O5'" B DC  B 1 1  ? -17.370 -8.309  -8.907  0.30 41.17 ? 13   DC  B "O5'" 1 
ATOM   269 C  "C5'" A DC  B 1 1  ? -17.270 -9.661  -9.117  0.70 28.58 ? 13   DC  B "C5'" 1 
ATOM   270 C  "C5'" B DC  B 1 1  ? -16.831 -9.596  -9.250  0.30 32.84 ? 13   DC  B "C5'" 1 
ATOM   271 C  "C4'" A DC  B 1 1  ? -15.781 -9.694  -9.253  0.70 19.19 ? 13   DC  B "C4'" 1 
ATOM   272 C  "C4'" B DC  B 1 1  ? -15.329 -9.551  -9.182  0.30 21.65 ? 13   DC  B "C4'" 1 
ATOM   273 O  "O4'" A DC  B 1 1  ? -15.449 -8.830  -10.359 0.70 16.96 ? 13   DC  B "O4'" 1 
ATOM   274 O  "O4'" B DC  B 1 1  ? -14.896 -8.565  -10.144 0.30 23.14 ? 13   DC  B "O4'" 1 
ATOM   275 C  "C3'" A DC  B 1 1  ? -14.963 -9.166  -8.085  0.70 18.46 ? 13   DC  B "C3'" 1 
ATOM   276 C  "C3'" B DC  B 1 1  ? -14.746 -9.167  -7.822  0.30 23.32 ? 13   DC  B "C3'" 1 
ATOM   277 O  "O3'" A DC  B 1 1  ? -13.686 -9.794  -8.015  0.70 21.46 ? 13   DC  B "O3'" 1 
ATOM   278 O  "O3'" B DC  B 1 1  ? -13.734 -10.070 -7.411  0.30 25.57 ? 13   DC  B "O3'" 1 
ATOM   279 C  "C2'" A DC  B 1 1  ? -14.768 -7.718  -8.364  0.70 17.19 ? 13   DC  B "C2'" 1 
ATOM   280 C  "C2'" B DC  B 1 1  ? -14.176 -7.802  -8.042  0.30 30.54 ? 13   DC  B "C2'" 1 
ATOM   281 C  "C1'" A DC  B 1 1  ? -14.539 -7.774  -9.849  0.70 20.44 ? 13   DC  B "C1'" 1 
ATOM   282 C  "C1'" B DC  B 1 1  ? -13.856 -7.758  -9.496  0.30 20.44 ? 13   DC  B "C1'" 1 
ATOM   283 N  N1    A DC  B 1 1  ? -14.839 -6.569  -10.610 0.70 18.56 ? 13   DC  B N1    1 
ATOM   284 N  N1    B DC  B 1 1  ? -13.856 -6.403  -10.031 0.30 22.68 ? 13   DC  B N1    1 
ATOM   285 C  C2    A DC  B 1 1  ? -13.816 -5.987  -11.358 0.70 16.07 ? 13   DC  B C2    1 
ATOM   286 C  C2    B DC  B 1 1  ? -13.008 -5.986  -11.057 0.30 20.96 ? 13   DC  B C2    1 
ATOM   287 O  O2    A DC  B 1 1  ? -12.703 -6.546  -11.348 0.70 16.53 ? 13   DC  B O2    1 
ATOM   288 O  O2    B DC  B 1 1  ? -12.253 -6.818  -11.573 0.30 20.07 ? 13   DC  B O2    1 
ATOM   289 N  N3    A DC  B 1 1  ? -14.053 -4.849  -12.049 0.70 15.78 ? 13   DC  B N3    1 
ATOM   290 N  N3    B DC  B 1 1  ? -13.063 -4.701  -11.479 0.30 21.76 ? 13   DC  B N3    1 
ATOM   291 C  C4    A DC  B 1 1  ? -15.273 -4.306  -12.016 0.70 14.92 ? 13   DC  B C4    1 
ATOM   292 C  C4    B DC  B 1 1  ? -13.902 -3.842  -10.900 0.30 17.77 ? 13   DC  B C4    1 
ATOM   293 N  N4    A DC  B 1 1  ? -15.443 -3.202  -12.734 0.70 14.69 ? 13   DC  B N4    1 
ATOM   294 N  N4    B DC  B 1 1  ? -13.929 -2.585  -11.349 0.30 22.02 ? 13   DC  B N4    1 
ATOM   295 C  C5    A DC  B 1 1  ? -16.330 -4.870  -11.258 0.70 19.17 ? 13   DC  B C5    1 
ATOM   296 C  C5    B DC  B 1 1  ? -14.760 -4.235  -9.835  0.30 28.29 ? 13   DC  B C5    1 
ATOM   297 C  C6    A DC  B 1 1  ? -16.076 -5.990  -10.566 0.70 17.57 ? 13   DC  B C6    1 
ATOM   298 C  C6    B DC  B 1 1  ? -14.699 -5.507  -9.426  0.30 25.52 ? 13   DC  B C6    1 
ATOM   299 P  P     A DG  B 1 2  ? -13.136 -10.714 -6.798  0.70 21.45 ? 14   DG  B P     1 
ATOM   300 P  P     B DG  B 1 2  ? -13.371 -11.600 -7.423  0.30 29.53 ? 14   DG  B P     1 
ATOM   301 O  OP1   A DG  B 1 2  ? -14.029 -11.874 -6.716  0.70 35.46 ? 14   DG  B OP1   1 
ATOM   302 O  OP1   B DG  B 1 2  ? -14.093 -12.243 -8.556  0.30 47.06 ? 14   DG  B OP1   1 
ATOM   303 O  OP2   A DG  B 1 2  ? -12.936 -9.856  -5.631  0.70 29.55 ? 14   DG  B OP2   1 
ATOM   304 O  OP2   B DG  B 1 2  ? -13.541 -12.149 -6.063  0.30 38.74 ? 14   DG  B OP2   1 
ATOM   305 O  "O5'" A DG  B 1 2  ? -11.724 -11.105 -7.334  0.70 19.16 ? 14   DG  B "O5'" 1 
ATOM   306 O  "O5'" B DG  B 1 2  ? -11.818 -11.648 -7.778  0.30 27.23 ? 14   DG  B "O5'" 1 
ATOM   307 C  "C5'" A DG  B 1 2  ? -11.536 -11.900 -8.487  0.70 19.46 ? 14   DG  B "C5'" 1 
ATOM   308 C  "C5'" B DG  B 1 2  ? -11.528 -12.010 -9.125  0.30 21.23 ? 14   DG  B "C5'" 1 
ATOM   309 C  "C4'" A DG  B 1 2  ? -10.319 -11.365 -9.221  0.70 20.72 ? 14   DG  B "C4'" 1 
ATOM   310 C  "C4'" B DG  B 1 2  ? -10.224 -11.406 -9.577  0.30 19.03 ? 14   DG  B "C4'" 1 
ATOM   311 O  "O4'" A DG  B 1 2  ? -10.586 -10.079 -9.704  0.70 20.48 ? 14   DG  B "O4'" 1 
ATOM   312 O  "O4'" B DG  B 1 2  ? -10.462 -10.092 -10.060 0.30 18.48 ? 14   DG  B "O4'" 1 
ATOM   313 C  "C3'" A DG  B 1 2  ? -9.095  -11.211 -8.328  0.70 32.16 ? 14   DG  B "C3'" 1 
ATOM   314 C  "C3'" B DG  B 1 2  ? -9.188  -11.278 -8.455  0.30 32.92 ? 14   DG  B "C3'" 1 
ATOM   315 O  "O3'" A DG  B 1 2  ? -8.105  -12.118 -8.735  0.70 19.69 ? 14   DG  B "O3'" 1 
ATOM   316 O  "O3'" B DG  B 1 2  ? -8.101  -12.129 -8.750  0.30 20.10 ? 14   DG  B "O3'" 1 
ATOM   317 C  "C2'" A DG  B 1 2  ? -8.573  -9.829  -8.520  0.70 35.79 ? 14   DG  B "C2'" 1 
ATOM   318 C  "C2'" B DG  B 1 2  ? -8.740  -9.869  -8.434  0.30 38.94 ? 14   DG  B "C2'" 1 
ATOM   319 C  "C1'" A DG  B 1 2  ? -9.386  -9.220  -9.564  0.70 31.34 ? 14   DG  B "C1'" 1 
ATOM   320 C  "C1'" B DG  B 1 2  ? -9.360  -9.213  -9.591  0.30 31.00 ? 14   DG  B "C1'" 1 
ATOM   321 N  N9    . DG  B 1 2  ? -9.930  -7.929  -9.251  1.00 23.29 ? 14   DG  B N9    1 
ATOM   322 C  C8    . DG  B 1 2  ? -10.896 -7.637  -8.330  1.00 23.40 ? 14   DG  B C8    1 
ATOM   323 N  N7    . DG  B 1 2  ? -11.176 -6.361  -8.271  1.00 19.68 ? 14   DG  B N7    1 
ATOM   324 C  C5    . DG  B 1 2  ? -10.337 -5.781  -9.210  1.00 14.08 ? 14   DG  B C5    1 
ATOM   325 C  C6    . DG  B 1 2  ? -10.183 -4.418  -9.603  1.00 14.64 ? 14   DG  B C6    1 
ATOM   326 O  O6    . DG  B 1 2  ? -10.795 -3.438  -9.163  1.00 14.99 ? 14   DG  B O6    1 
ATOM   327 N  N1    . DG  B 1 2  ? -9.215  -4.269  -10.599 1.00 13.48 ? 14   DG  B N1    1 
ATOM   328 C  C2    . DG  B 1 2  ? -8.490  -5.295  -11.137 1.00 14.04 ? 14   DG  B C2    1 
ATOM   329 N  N2    . DG  B 1 2  ? -7.590  -4.993  -12.092 1.00 13.81 ? 14   DG  B N2    1 
ATOM   330 N  N3    . DG  B 1 2  ? -8.639  -6.558  -10.777 1.00 14.29 ? 14   DG  B N3    1 
ATOM   331 C  C4    . DG  B 1 2  ? -9.562  -6.734  -9.822  1.00 16.27 ? 14   DG  B C4    1 
ATOM   332 P  P     . DC  B 1 3  ? -6.793  -12.290 -7.921  1.00 19.13 ? 15   DC  B P     1 
ATOM   333 O  OP1   . DC  B 1 3  ? -6.206  -13.624 -8.320  1.00 23.58 ? 15   DC  B OP1   1 
ATOM   334 O  OP2   . DC  B 1 3  ? -7.030  -12.118 -6.463  1.00 24.95 ? 15   DC  B OP2   1 
ATOM   335 O  "O5'" . DC  B 1 3  ? -5.812  -11.166 -8.345  1.00 19.83 ? 15   DC  B "O5'" 1 
ATOM   336 C  "C5'" . DC  B 1 3  ? -5.281  -11.134 -9.679  1.00 17.90 ? 15   DC  B "C5'" 1 
ATOM   337 C  "C4'" . DC  B 1 3  ? -4.758  -9.740  -9.973  1.00 15.37 ? 15   DC  B "C4'" 1 
ATOM   338 O  "O4'" . DC  B 1 3  ? -5.810  -8.813  -9.774  1.00 17.26 ? 15   DC  B "O4'" 1 
ATOM   339 C  "C3'" . DC  B 1 3  ? -3.628  -9.232  -9.073  1.00 17.39 ? 15   DC  B "C3'" 1 
ATOM   340 O  "O3'" . DC  B 1 3  ? -2.394  -9.703  -9.602  1.00 18.99 ? 15   DC  B "O3'" 1 
ATOM   341 C  "C2'" . DC  B 1 3  ? -3.790  -7.783  -9.174  1.00 18.41 ? 15   DC  B "C2'" 1 
ATOM   342 C  "C1'" . DC  B 1 3  ? -5.205  -7.505  -9.437  1.00 18.36 ? 15   DC  B "C1'" 1 
ATOM   343 N  N1    . DC  B 1 3  ? -6.081  -7.025  -8.353  1.00 15.79 ? 15   DC  B N1    1 
ATOM   344 C  C2    . DC  B 1 3  ? -6.336  -5.653  -8.394  1.00 13.20 ? 15   DC  B C2    1 
ATOM   345 O  O2    . DC  B 1 3  ? -5.811  -4.961  -9.270  1.00 15.13 ? 15   DC  B O2    1 
ATOM   346 N  N3    . DC  B 1 3  ? -7.188  -5.113  -7.495  1.00 15.40 ? 15   DC  B N3    1 
ATOM   347 C  C4    . DC  B 1 3  ? -7.696  -5.873  -6.527  1.00 19.21 ? 15   DC  B C4    1 
ATOM   348 N  N4    . DC  B 1 3  ? -8.484  -5.274  -5.633  1.00 22.48 ? 15   DC  B N4    1 
ATOM   349 C  C5    . DC  B 1 3  ? -7.469  -7.276  -6.466  1.00 23.52 ? 15   DC  B C5    1 
ATOM   350 C  C6    . DC  B 1 3  ? -6.647  -7.805  -7.384  1.00 24.30 ? 15   DC  B C6    1 
ATOM   351 P  P     . DG  B 1 4  ? -1.053  -9.433  -8.808  1.00 20.48 ? 16   DG  B P     1 
ATOM   352 O  OP1   . DG  B 1 4  ? -0.019  -10.387 -9.330  1.00 28.97 ? 16   DG  B OP1   1 
ATOM   353 O  OP2   . DG  B 1 4  ? -1.203  -9.427  -7.337  1.00 21.93 ? 16   DG  B OP2   1 
ATOM   354 O  "O5'" . DG  B 1 4  ? -0.530  -7.981  -9.266  1.00 18.00 ? 16   DG  B "O5'" 1 
ATOM   355 C  "C5'" . DG  B 1 4  ? -0.317  -7.670  -10.667 1.00 18.06 ? 16   DG  B "C5'" 1 
ATOM   356 C  "C4'" . DG  B 1 4  ? -0.048  -6.175  -10.747 1.00 16.41 ? 16   DG  B "C4'" 1 
ATOM   357 O  "O4'" . DG  B 1 4  ? -1.167  -5.457  -10.211 1.00 16.16 ? 16   DG  B "O4'" 1 
ATOM   358 C  "C3'" . DG  B 1 4  ? 1.173   -5.692  -9.957  1.00 18.78 ? 16   DG  B "C3'" 1 
ATOM   359 O  "O3'" . DG  B 1 4  ? 1.792   -4.648  -10.704 1.00 18.98 ? 16   DG  B "O3'" 1 
ATOM   360 C  "C2'" . DG  B 1 4  ? 0.589   -5.273  -8.658  1.00 16.51 ? 16   DG  B "C2'" 1 
ATOM   361 C  "C1'" . DG  B 1 4  ? -0.785  -4.723  -9.043  1.00 14.77 ? 16   DG  B "C1'" 1 
ATOM   362 N  N9    . DG  B 1 4  ? -1.745  -4.874  -7.975  1.00 14.57 ? 16   DG  B N9    1 
ATOM   363 C  C8    . DG  B 1 4  ? -1.897  -5.930  -7.114  1.00 14.75 ? 16   DG  B C8    1 
ATOM   364 N  N7    . DG  B 1 4  ? -2.859  -5.737  -6.245  1.00 14.81 ? 16   DG  B N7    1 
ATOM   365 C  C5    . DG  B 1 4  ? -3.362  -4.472  -6.546  1.00 13.69 ? 16   DG  B C5    1 
ATOM   366 C  C6    . DG  B 1 4  ? -4.391  -3.721  -5.923  1.00 12.62 ? 16   DG  B C6    1 
ATOM   367 O  O6    . DG  B 1 4  ? -5.113  -4.053  -4.974  1.00 12.41 ? 16   DG  B O6    1 
ATOM   368 N  N1    . DG  B 1 4  ? -4.545  -2.482  -6.531  1.00 12.56 ? 16   DG  B N1    1 
ATOM   369 C  C2    . DG  B 1 4  ? -3.812  -2.025  -7.597  1.00 12.87 ? 16   DG  B C2    1 
ATOM   370 N  N2    . DG  B 1 4  ? -4.131  -0.798  -8.047  1.00 13.61 ? 16   DG  B N2    1 
ATOM   371 N  N3    . DG  B 1 4  ? -2.869  -2.729  -8.204  1.00 12.51 ? 16   DG  B N3    1 
ATOM   372 C  C4    . DG  B 1 4  ? -2.685  -3.929  -7.616  1.00 13.15 ? 16   DG  B C4    1 
ATOM   373 P  P     . DA  B 1 5  ? 2.817   -3.575  -10.159 1.00 19.81 ? 17   DA  B P     1 
ATOM   374 O  OP1   . DA  B 1 5  ? 3.664   -3.082  -11.261 1.00 24.27 ? 17   DA  B OP1   1 
ATOM   375 O  OP2   . DA  B 1 5  ? 3.443   -4.022  -8.891  1.00 20.83 ? 17   DA  B OP2   1 
ATOM   376 O  "O5'" . DA  B 1 5  ? 1.901   -2.277  -9.843  1.00 18.46 ? 17   DA  B "O5'" 1 
ATOM   377 C  "C5'" . DA  B 1 5  ? 1.070   -1.659  -10.819 1.00 16.63 ? 17   DA  B "C5'" 1 
ATOM   378 C  "C4'" . DA  B 1 5  ? 0.563   -0.345  -10.339 1.00 15.62 ? 17   DA  B "C4'" 1 
ATOM   379 O  "O4'" . DA  B 1 5  ? -0.324  -0.597  -9.275  1.00 15.90 ? 17   DA  B "O4'" 1 
ATOM   380 C  "C3'" . DA  B 1 5  ? 1.663   0.573   -9.785  1.00 17.33 ? 17   DA  B "C3'" 1 
ATOM   381 O  "O3'" . DA  B 1 5  ? 1.393   1.909   -10.140 1.00 17.87 ? 17   DA  B "O3'" 1 
ATOM   382 C  "C2'" . DA  B 1 5  ? 1.586   0.335   -8.312  1.00 15.46 ? 17   DA  B "C2'" 1 
ATOM   383 C  "C1'" . DA  B 1 5  ? 0.161   0.051   -8.024  1.00 14.24 ? 17   DA  B "C1'" 1 
ATOM   384 N  N9    . DA  B 1 5  ? -0.171  -0.893  -6.982  1.00 13.62 ? 17   DA  B N9    1 
ATOM   385 C  C8    . DA  B 1 5  ? 0.413   -2.123  -6.808  1.00 15.23 ? 17   DA  B C8    1 
ATOM   386 N  N7    . DA  B 1 5  ? -0.065  -2.786  -5.788  1.00 14.54 ? 17   DA  B N7    1 
ATOM   387 C  C5    . DA  B 1 5  ? -1.054  -1.957  -5.289  1.00 12.81 ? 17   DA  B C5    1 
ATOM   388 C  C6    . DA  B 1 5  ? -1.946  -2.132  -4.220  1.00 13.02 ? 17   DA  B C6    1 
ATOM   389 N  N6    . DA  B 1 5  ? -1.929  -3.254  -3.483  1.00 13.74 ? 17   DA  B N6    1 
ATOM   390 N  N1    . DA  B 1 5  ? -2.789  -1.116  -3.940  1.00 12.42 ? 17   DA  B N1    1 
ATOM   391 C  C2    . DA  B 1 5  ? -2.745  -0.041  -4.730  1.00 12.52 ? 17   DA  B C2    1 
ATOM   392 N  N3    . DA  B 1 5  ? -1.967  0.224   -5.768  1.00 13.98 ? 17   DA  B N3    1 
ATOM   393 C  C4    . DA  B 1 5  ? -1.140  -0.799  -6.022  1.00 13.03 ? 17   DA  B C4    1 
ATOM   394 P  P     . DA  B 1 6  ? 2.219   3.167   -9.640  1.00 18.45 ? 18   DA  B P     1 
ATOM   395 O  OP1   . DA  B 1 6  ? 2.097   4.215   -10.676 1.00 22.11 ? 18   DA  B OP1   1 
ATOM   396 O  OP2   . DA  B 1 6  ? 3.568   2.804   -9.168  1.00 20.11 ? 18   DA  B OP2   1 
ATOM   397 O  "O5'" . DA  B 1 6  ? 1.371   3.681   -8.332  1.00 17.45 ? 18   DA  B "O5'" 1 
ATOM   398 C  "C5'" . DA  B 1 6  ? -0.016  4.121   -8.482  1.00 16.55 ? 18   DA  B "C5'" 1 
ATOM   399 C  "C4'" . DA  B 1 6  ? -0.510  4.464   -7.097  1.00 17.26 ? 18   DA  B "C4'" 1 
ATOM   400 O  "O4'" . DA  B 1 6  ? -0.583  3.257   -6.303  1.00 15.76 ? 18   DA  B "O4'" 1 
ATOM   401 C  "C3'" . DA  B 1 6  ? 0.369   5.459   -6.310  1.00 15.52 ? 18   DA  B "C3'" 1 
ATOM   402 O  "O3'" . DA  B 1 6  ? -0.464  6.627   -6.064  1.00 18.10 ? 18   DA  B "O3'" 1 
ATOM   403 C  "C2'" . DA  B 1 6  ? 0.820   4.697   -5.132  1.00 17.00 ? 18   DA  B "C2'" 1 
ATOM   404 C  "C1'" . DA  B 1 6  ? -0.152  3.630   -4.884  1.00 14.72 ? 18   DA  B "C1'" 1 
ATOM   405 N  N9    . DA  B 1 6  ? 0.235   2.370   -4.328  1.00 14.59 ? 18   DA  B N9    1 
ATOM   406 C  C8    . DA  B 1 6  ? 1.269   1.592   -4.776  1.00 14.64 ? 18   DA  B C8    1 
ATOM   407 N  N7    . DA  B 1 6  ? 1.402   0.459   -4.132  1.00 15.44 ? 18   DA  B N7    1 
ATOM   408 C  C5    . DA  B 1 6  ? 0.398   0.499   -3.180  1.00 13.58 ? 18   DA  B C5    1 
ATOM   409 C  C6    . DA  B 1 6  ? 0.007   -0.394  -2.165  1.00 12.60 ? 18   DA  B C6    1 
ATOM   410 N  N6    . DA  B 1 6  ? 0.601   -1.569  -1.947  1.00 12.85 ? 18   DA  B N6    1 
ATOM   411 N  N1    . DA  B 1 6  ? -1.022  -0.027  -1.387  1.00 12.87 ? 18   DA  B N1    1 
ATOM   412 C  C2    . DA  B 1 6  ? -1.654  1.129   -1.616  1.00 13.19 ? 18   DA  B C2    1 
ATOM   413 N  N3    . DA  B 1 6  ? -1.368  2.059   -2.531  1.00 13.53 ? 18   DA  B N3    1 
ATOM   414 C  C4    . DA  B 1 6  ? -0.336  1.670   -3.292  1.00 12.82 ? 18   DA  B C4    1 
HETATM 415 P  P     . TAF B 1 7  ? -0.028  7.870   -5.208  1.00 17.88 ? 19   TAF B P     1 
HETATM 416 O  OP1   . TAF B 1 7  ? -0.872  9.041   -5.551  1.00 21.13 ? 19   TAF B OP1   1 
HETATM 417 O  OP2   . TAF B 1 7  ? 1.462   7.994   -5.322  1.00 21.09 ? 19   TAF B OP2   1 
HETATM 418 O  "O5'" . TAF B 1 7  ? -0.217  7.452   -3.725  1.00 16.45 ? 19   TAF B "O5'" 1 
HETATM 419 N  N1    . TAF B 1 7  ? 0.588   3.924   -0.614  1.00 13.68 ? 19   TAF B N1    1 
HETATM 420 C  C6    . TAF B 1 7  ? 1.653   3.904   -1.477  1.00 14.65 ? 19   TAF B C6    1 
HETATM 421 C  C2    . TAF B 1 7  ? 0.418   2.914   0.315   1.00 12.52 ? 19   TAF B C2    1 
HETATM 422 O  O2    . TAF B 1 7  ? -0.490  2.915   1.123   1.00 14.19 ? 19   TAF B O2    1 
HETATM 423 N  N3    . TAF B 1 7  ? 1.306   1.881   0.191   1.00 13.65 ? 19   TAF B N3    1 
HETATM 424 C  C4    . TAF B 1 7  ? 2.357   1.764   -0.699  1.00 13.04 ? 19   TAF B C4    1 
HETATM 425 O  O4    . TAF B 1 7  ? 3.053   0.745   -0.616  1.00 14.54 ? 19   TAF B O4    1 
HETATM 426 C  C5    . TAF B 1 7  ? 2.539   2.901   -1.573  1.00 14.55 ? 19   TAF B C5    1 
HETATM 427 C  C5M   . TAF B 1 7  ? 3.625   2.835   -2.597  1.00 17.55 ? 19   TAF B C5M   1 
HETATM 428 F  "F2'" . TAF B 1 7  ? 1.355   6.572   -0.374  1.00 16.51 ? 19   TAF B "F2'" 1 
HETATM 429 C  "C2'" . TAF B 1 7  ? 0.070   6.376   -0.111  1.00 15.13 ? 19   TAF B "C2'" 1 
HETATM 430 C  "C5'" . TAF B 1 7  ? -1.532  7.057   -3.337  1.00 17.02 ? 19   TAF B "C5'" 1 
HETATM 431 C  "C4'" . TAF B 1 7  ? -1.492  6.477   -1.963  1.00 15.19 ? 19   TAF B "C4'" 1 
HETATM 432 O  "O4'" . TAF B 1 7  ? -0.738  5.257   -1.981  1.00 15.95 ? 19   TAF B "O4'" 1 
HETATM 433 C  "C1'" . TAF B 1 7  ? -0.353  5.051   -0.538  1.00 16.57 ? 19   TAF B "C1'" 1 
HETATM 434 C  "C3'" . TAF B 1 7  ? -0.829  7.350   -0.864  1.00 15.42 ? 19   TAF B "C3'" 1 
HETATM 435 O  "O3'" . TAF B 1 7  ? -1.875  7.961   -0.128  1.00 16.52 ? 19   TAF B "O3'" 1 
ATOM   436 P  P     . DT  B 1 8  ? -1.623  8.964   1.063   1.00 17.45 ? 20   DT  B P     1 
ATOM   437 O  OP1   . DT  B 1 8  ? -2.868  9.757   1.227   1.00 20.56 ? 20   DT  B OP1   1 
ATOM   438 O  OP2   . DT  B 1 8  ? -0.324  9.693   0.898   1.00 18.28 ? 20   DT  B OP2   1 
ATOM   439 O  "O5'" . DT  B 1 8  ? -1.420  8.015   2.306   1.00 17.91 ? 20   DT  B "O5'" 1 
ATOM   440 C  "C5'" . DT  B 1 8  ? -2.450  7.133   2.725   1.00 17.18 ? 20   DT  B "C5'" 1 
ATOM   441 C  "C4'" . DT  B 1 8  ? -1.948  6.249   3.835   1.00 20.13 ? 20   DT  B "C4'" 1 
ATOM   442 O  "O4'" . DT  B 1 8  ? -0.981  5.358   3.278   1.00 15.74 ? 20   DT  B "O4'" 1 
ATOM   443 C  "C3'" . DT  B 1 8  ? -1.275  7.008   4.987   1.00 22.00 ? 20   DT  B "C3'" 1 
ATOM   444 O  "O3'" . DT  B 1 8  ? -2.001  6.799   6.154   1.00 22.48 ? 20   DT  B "O3'" 1 
ATOM   445 C  "C2'" . DT  B 1 8  ? 0.094   6.393   5.025   1.00 19.70 ? 20   DT  B "C2'" 1 
ATOM   446 C  "C1'" . DT  B 1 8  ? -0.001  5.093   4.416   1.00 16.55 ? 20   DT  B "C1'" 1 
ATOM   447 N  N1    . DT  B 1 8  ? 1.116   4.453   3.717   1.00 16.50 ? 20   DT  B N1    1 
ATOM   448 C  C2    . DT  B 1 8  ? 1.454   3.176   4.127   1.00 16.84 ? 20   DT  B C2    1 
ATOM   449 O  O2    . DT  B 1 8  ? 0.826   2.578   4.988   1.00 16.03 ? 20   DT  B O2    1 
ATOM   450 N  N3    . DT  B 1 8  ? 2.535   2.638   3.493   1.00 15.15 ? 20   DT  B N3    1 
ATOM   451 C  C4    . DT  B 1 8  ? 3.276   3.212   2.479   1.00 16.92 ? 20   DT  B C4    1 
ATOM   452 O  O4    . DT  B 1 8  ? 4.224   2.608   1.977   1.00 17.24 ? 20   DT  B O4    1 
ATOM   453 C  C5    . DT  B 1 8  ? 2.947   4.586   2.164   1.00 14.97 ? 20   DT  B C5    1 
ATOM   454 C  C7    . DT  B 1 8  ? 3.728   5.308   1.113   1.00 19.80 ? 20   DT  B C7    1 
ATOM   455 C  C6    . DT  B 1 8  ? 1.886   5.130   2.794   1.00 17.39 ? 20   DT  B C6    1 
ATOM   456 P  P     A DC  B 1 9  ? -1.387  7.297   7.507   0.70 18.14 ? 21   DC  B P     1 
ATOM   457 P  P     B DC  B 1 9  ? -2.223  7.259   7.697   0.30 18.09 ? 21   DC  B P     1 
ATOM   458 O  OP1   A DC  B 1 9  ? -2.683  7.485   8.259   0.70 22.57 ? 21   DC  B OP1   1 
ATOM   459 O  OP1   B DC  B 1 9  ? -3.647  7.300   8.018   0.30 38.58 ? 21   DC  B OP1   1 
ATOM   460 O  OP2   A DC  B 1 9  ? -0.353  8.318   7.445   0.70 21.83 ? 21   DC  B OP2   1 
ATOM   461 O  OP2   B DC  B 1 9  ? -1.346  8.449   7.847   0.30 29.42 ? 21   DC  B OP2   1 
ATOM   462 O  "O5'" A DC  B 1 9  ? -0.710  5.999   8.110   0.70 19.27 ? 21   DC  B "O5'" 1 
ATOM   463 O  "O5'" B DC  B 1 9  ? -1.546  6.071   8.507   0.30 18.66 ? 21   DC  B "O5'" 1 
ATOM   464 C  "C5'" A DC  B 1 9  ? -1.636  4.899   8.365   0.70 20.84 ? 21   DC  B "C5'" 1 
ATOM   465 C  "C5'" B DC  B 1 9  ? -1.786  4.672   8.408   0.30 20.80 ? 21   DC  B "C5'" 1 
ATOM   466 C  "C4'" A DC  B 1 9  ? -0.754  3.945   9.128   0.70 22.05 ? 21   DC  B "C4'" 1 
ATOM   467 C  "C4'" B DC  B 1 9  ? -0.748  3.867   9.143   0.30 22.15 ? 21   DC  B "C4'" 1 
ATOM   468 O  "O4'" A DC  B 1 9  ? 0.278   3.663   8.176   0.70 21.77 ? 21   DC  B "O4'" 1 
ATOM   469 O  "O4'" B DC  B 1 9  ? 0.307   3.670   8.192   0.30 22.64 ? 21   DC  B "O4'" 1 
ATOM   470 C  "C3'" A DC  B 1 9  ? -0.189  4.526   10.405  0.70 19.30 ? 21   DC  B "C3'" 1 
ATOM   471 C  "C3'" B DC  B 1 9  ? -0.162  4.529   10.384  0.30 18.88 ? 21   DC  B "C3'" 1 
ATOM   472 O  "O3'" A DC  B 1 9  ? -0.543  3.762   11.570  0.70 19.80 ? 21   DC  B "O3'" 1 
ATOM   473 O  "O3'" B DC  B 1 9  ? -0.524  3.804   11.562  0.30 19.63 ? 21   DC  B "O3'" 1 
ATOM   474 C  "C2'" A DC  B 1 9  ? 1.302   4.532   10.121  0.70 21.52 ? 21   DC  B "C2'" 1 
ATOM   475 C  "C2'" B DC  B 1 9  ? 1.320   4.533   10.117  0.30 21.75 ? 21   DC  B "C2'" 1 
ATOM   476 C  "C1'" A DC  B 1 9  ? 1.536   3.575   9.067   0.70 21.34 ? 21   DC  B "C1'" 1 
ATOM   477 C  "C1'" B DC  B 1 9  ? 1.562   3.565   9.060   0.30 22.36 ? 21   DC  B "C1'" 1 
ATOM   478 N  N1    . DC  B 1 9  ? 2.570   3.694   7.981   1.00 18.64 ? 21   DC  B N1    1 
ATOM   479 C  C2    . DC  B 1 9  ? 3.478   2.687   7.671   1.00 17.73 ? 21   DC  B C2    1 
ATOM   480 O  O2    . DC  B 1 9  ? 3.470   1.613   8.291   1.00 18.41 ? 21   DC  B O2    1 
ATOM   481 N  N3    . DC  B 1 9  ? 4.378   2.855   6.666   1.00 15.87 ? 21   DC  B N3    1 
ATOM   482 C  C4    . DC  B 1 9  ? 4.378   4.006   5.985   1.00 16.74 ? 21   DC  B C4    1 
ATOM   483 N  N4    . DC  B 1 9  ? 5.253   4.182   4.995   1.00 15.30 ? 21   DC  B N4    1 
ATOM   484 C  C5    . DC  B 1 9  ? 3.479   5.070   6.297   1.00 15.47 ? 21   DC  B C5    1 
ATOM   485 C  C6    . DC  B 1 9  ? 2.584   4.864   7.269   1.00 17.61 ? 21   DC  B C6    1 
ATOM   486 P  P     . DG  B 1 10 ? -0.269  4.209   13.072  1.00 19.54 ? 22   DG  B P     1 
ATOM   487 O  OP1   . DG  B 1 10 ? -1.167  3.479   13.954  1.00 22.55 ? 22   DG  B OP1   1 
ATOM   488 O  OP2   . DG  B 1 10 ? -0.139  5.685   13.210  1.00 20.46 ? 22   DG  B OP2   1 
ATOM   489 O  "O5'" . DG  B 1 10 ? 1.254   3.762   13.294  1.00 18.92 ? 22   DG  B "O5'" 1 
ATOM   490 C  "C5'" . DG  B 1 10 ? 1.525   2.339   13.191  1.00 20.57 ? 22   DG  B "C5'" 1 
ATOM   491 C  "C4'" . DG  B 1 10 ? 3.015   2.143   13.382  1.00 18.37 ? 22   DG  B "C4'" 1 
ATOM   492 O  "O4'" . DG  B 1 10 ? 3.653   2.478   12.122  1.00 16.44 ? 22   DG  B "O4'" 1 
ATOM   493 C  "C3'" . DG  B 1 10 ? 3.731   2.998   14.408  1.00 17.51 ? 22   DG  B "C3'" 1 
ATOM   494 O  "O3'" . DG  B 1 10 ? 4.732   2.237   15.054  1.00 16.85 ? 22   DG  B "O3'" 1 
ATOM   495 C  "C2'" . DG  B 1 10 ? 4.360   4.104   13.626  1.00 17.22 ? 22   DG  B "C2'" 1 
ATOM   496 C  "C1'" . DG  B 1 10 ? 4.808   3.281   12.436  1.00 16.22 ? 22   DG  B "C1'" 1 
ATOM   497 N  N9    . DG  B 1 10 ? 5.192   4.004   11.237  1.00 14.48 ? 22   DG  B N9    1 
ATOM   498 C  C8    . DG  B 1 10 ? 4.742   5.228   10.812  1.00 15.89 ? 22   DG  B C8    1 
ATOM   499 N  N7    . DG  B 1 10 ? 5.297   5.579   9.669   1.00 13.70 ? 22   DG  B N7    1 
ATOM   500 C  C5    . DG  B 1 10 ? 6.148   4.530   9.345   1.00 12.65 ? 22   DG  B C5    1 
ATOM   501 C  C6    . DG  B 1 10 ? 7.020   4.326   8.253   1.00 12.20 ? 22   DG  B C6    1 
ATOM   502 O  O6    . DG  B 1 10 ? 7.217   5.085   7.280   1.00 13.75 ? 22   DG  B O6    1 
ATOM   503 N  N1    . DG  B 1 10 ? 7.705   3.119   8.321   1.00 12.29 ? 22   DG  B N1    1 
ATOM   504 C  C2    . DG  B 1 10 ? 7.557   2.194   9.325   1.00 11.19 ? 22   DG  B C2    1 
ATOM   505 N  N2    . DG  B 1 10 ? 8.316   1.094   9.204   1.00 12.46 ? 22   DG  B N2    1 
ATOM   506 N  N3    . DG  B 1 10 ? 6.748   2.370   10.350  1.00 12.88 ? 22   DG  B N3    1 
ATOM   507 C  C4    . DG  B 1 10 ? 6.078   3.543   10.309  1.00 14.33 ? 22   DG  B C4    1 
ATOM   508 P  P     A DC  B 1 11 ? 4.959   1.930   16.493  0.70 20.79 ? 23   DC  B P     1 
ATOM   509 P  P     B DC  B 1 11 ? 5.178   2.653   16.583  0.30 18.88 ? 23   DC  B P     1 
ATOM   510 O  OP1   A DC  B 1 11 ? 3.899   1.135   17.125  0.70 26.42 ? 23   DC  B OP1   1 
ATOM   511 O  OP1   B DC  B 1 11 ? 4.267   2.081   17.601  0.30 22.64 ? 23   DC  B OP1   1 
ATOM   512 O  OP2   A DC  B 1 11 ? 5.298   3.295   17.072  0.70 28.33 ? 23   DC  B OP2   1 
ATOM   513 O  OP2   B DC  B 1 11 ? 5.588   4.036   16.651  0.30 23.05 ? 23   DC  B OP2   1 
ATOM   514 O  "O5'" A DC  B 1 11 ? 6.318   1.151   16.567  0.70 18.42 ? 23   DC  B "O5'" 1 
ATOM   515 O  "O5'" B DC  B 1 11 ? 6.498   1.745   16.648  0.30 20.52 ? 23   DC  B "O5'" 1 
ATOM   516 C  "C5'" A DC  B 1 11 ? 6.455   -0.233  16.051  0.70 19.40 ? 23   DC  B "C5'" 1 
ATOM   517 C  "C5'" B DC  B 1 11 ? 6.386   0.428   16.089  0.30 21.66 ? 23   DC  B "C5'" 1 
ATOM   518 C  "C4'" A DC  B 1 11 ? 7.871   -0.387  15.590  0.70 15.49 ? 23   DC  B "C4'" 1 
ATOM   519 C  "C4'" B DC  B 1 11 ? 7.718   -0.142  15.707  0.30 15.21 ? 23   DC  B "C4'" 1 
ATOM   520 O  "O4'" A DC  B 1 11 ? 8.008   0.411   14.416  0.70 19.01 ? 23   DC  B "O4'" 1 
ATOM   521 O  "O4'" B DC  B 1 11 ? 8.046   0.367   14.414  0.30 18.97 ? 23   DC  B "O4'" 1 
ATOM   522 C  "C3'" A DC  B 1 11 ? 8.909   0.070   16.620  0.70 18.74 ? 23   DC  B "C3'" 1 
ATOM   523 C  "C3'" B DC  B 1 11 ? 8.858   0.234   16.662  0.30 20.03 ? 23   DC  B "C3'" 1 
ATOM   524 O  "O3'" A DC  B 1 11 ? 9.857   -0.938  16.927  0.70 15.69 ? 23   DC  B "O3'" 1 
ATOM   525 O  "O3'" B DC  B 1 11 ? 9.731   -0.850  16.966  0.30 15.45 ? 23   DC  B "O3'" 1 
ATOM   526 C  "C2'" A DC  B 1 11 ? 9.555   1.239   15.949  0.70 19.25 ? 23   DC  B "C2'" 1 
ATOM   527 C  "C2'" B DC  B 1 11 ? 9.604   1.296   15.924  0.30 19.22 ? 23   DC  B "C2'" 1 
ATOM   528 C  "C1'" A DC  B 1 11 ? 9.331   1.088   14.516  0.70 18.95 ? 23   DC  B "C1'" 1 
ATOM   529 C  "C1'" B DC  B 1 11 ? 9.338   1.082   14.497  0.30 19.28 ? 23   DC  B "C1'" 1 
ATOM   530 N  N1    . DC  B 1 11 ? 9.148   2.286   13.680  1.00 15.00 ? 23   DC  B N1    1 
ATOM   531 C  C2    . DC  B 1 11 ? 9.829   2.521   12.476  1.00 14.41 ? 23   DC  B C2    1 
ATOM   532 O  O2    . DC  B 1 11 ? 10.616  1.647   12.089  1.00 14.81 ? 23   DC  B O2    1 
ATOM   533 N  N3    . DC  B 1 11 ? 9.600   3.653   11.777  1.00 12.27 ? 23   DC  B N3    1 
ATOM   534 C  C4    . DC  B 1 11 ? 8.766   4.576   12.263  1.00 13.40 ? 23   DC  B C4    1 
ATOM   535 N  N4    . DC  B 1 11 ? 8.555   5.684   11.567  1.00 13.78 ? 23   DC  B N4    1 
ATOM   536 C  C5    . DC  B 1 11 ? 8.061   4.385   13.481  1.00 15.75 ? 23   DC  B C5    1 
ATOM   537 C  C6    . DC  B 1 11 ? 8.264   3.244   14.137  1.00 16.46 ? 23   DC  B C6    1 
ATOM   538 P  P     A DG  B 1 12 ? 11.002  -0.945  18.008  0.70 17.60 ? 24   DG  B P     1 
ATOM   539 P  P     B DG  B 1 12 ? 10.731  -0.469  18.127  0.30 18.26 ? 24   DG  B P     1 
ATOM   540 O  OP1   A DG  B 1 12 ? 11.169  -2.276  18.573  0.70 17.61 ? 24   DG  B OP1   1 
ATOM   541 O  OP1   B DG  B 1 12 ? 10.847  -1.602  19.045  0.30 23.90 ? 24   DG  B OP1   1 
ATOM   542 O  OP2   A DG  B 1 12 ? 10.726  0.184   18.942  0.70 27.17 ? 24   DG  B OP2   1 
ATOM   543 O  OP2   B DG  B 1 12 ? 10.475  0.901   18.605  0.30 25.19 ? 24   DG  B OP2   1 
ATOM   544 O  "O5'" A DG  B 1 12 ? 12.315  -0.504  17.218  0.70 16.76 ? 24   DG  B "O5'" 1 
ATOM   545 O  "O5'" B DG  B 1 12 ? 12.101  -0.175  17.319  0.30 14.09 ? 24   DG  B "O5'" 1 
ATOM   546 C  "C5'" A DG  B 1 12 ? 12.751  -1.371  16.258  0.70 13.45 ? 24   DG  B "C5'" 1 
ATOM   547 C  "C5'" B DG  B 1 12 ? 12.723  -1.147  16.535  0.30 13.38 ? 24   DG  B "C5'" 1 
ATOM   548 C  "C4'" A DG  B 1 12 ? 13.733  -0.724  15.354  0.70 13.52 ? 24   DG  B "C4'" 1 
ATOM   549 C  "C4'" B DG  B 1 12 ? 13.669  -0.652  15.500  0.30 13.37 ? 24   DG  B "C4'" 1 
ATOM   550 O  "O4'" A DG  B 1 12 ? 12.980  0.156   14.490  0.70 15.15 ? 24   DG  B "O4'" 1 
ATOM   551 O  "O4'" B DG  B 1 12 ? 12.971  0.167   14.546  0.30 15.32 ? 24   DG  B "O4'" 1 
ATOM   552 C  "C3'" A DG  B 1 12 ? 14.768  0.221   15.942  0.70 13.92 ? 24   DG  B "C3'" 1 
ATOM   553 C  "C3'" B DG  B 1 12 ? 14.789  0.270   15.999  0.30 13.66 ? 24   DG  B "C3'" 1 
ATOM   554 O  "O3'" A DG  B 1 12 ? 15.796  -0.514  16.564  0.70 15.25 ? 24   DG  B "O3'" 1 
ATOM   555 O  "O3'" B DG  B 1 12 ? 15.816  -0.514  16.569  0.30 15.59 ? 24   DG  B "O3'" 1 
ATOM   556 C  "C2'" A DG  B 1 12 ? 15.209  0.970   14.712  0.70 16.01 ? 24   DG  B "C2'" 1 
ATOM   557 C  "C2'" B DG  B 1 12 ? 15.201  0.992   14.759  0.30 15.67 ? 24   DG  B "C2'" 1 
ATOM   558 C  "C1'" A DG  B 1 12 ? 13.985  1.159   13.939  0.70 15.55 ? 24   DG  B "C1'" 1 
ATOM   559 C  "C1'" B DG  B 1 12 ? 13.977  1.143   13.976  0.30 15.36 ? 24   DG  B "C1'" 1 
ATOM   560 N  N9    . DG  B 1 12 ? 13.268  2.399   14.035  1.00 15.97 ? 24   DG  B N9    1 
ATOM   561 C  C8    . DG  B 1 12 ? 12.429  2.832   15.030  1.00 16.86 ? 24   DG  B C8    1 
ATOM   562 N  N7    . DG  B 1 12 ? 11.919  4.017   14.813  1.00 17.35 ? 24   DG  B N7    1 
ATOM   563 C  C5    . DG  B 1 12 ? 12.451  4.391   13.590  1.00 14.45 ? 24   DG  B C5    1 
ATOM   564 C  C6    . DG  B 1 12 ? 12.276  5.568   12.828  1.00 14.01 ? 24   DG  B C6    1 
ATOM   565 O  O6    . DG  B 1 12 ? 11.601  6.582   13.040  1.00 15.92 ? 24   DG  B O6    1 
ATOM   566 N  N1    . DG  B 1 12 ? 12.996  5.553   11.638  1.00 13.53 ? 24   DG  B N1    1 
ATOM   567 C  C2    . DG  B 1 12 ? 13.808  4.530   11.243  1.00 13.41 ? 24   DG  B C2    1 
ATOM   568 N  N2    . DG  B 1 12 ? 14.438  4.659   10.078  1.00 15.20 ? 24   DG  B N2    1 
ATOM   569 N  N3    . DG  B 1 12 ? 13.982  3.414   11.948  1.00 12.51 ? 24   DG  B N3    1 
ATOM   570 C  C4    . DG  B 1 12 ? 13.286  3.411   13.100  1.00 12.85 ? 24   DG  B C4    1 
HETATM 571 MG MG    . MG  C 2 .  ? 7.979   9.150   6.550   1.00 13.93 ? 25   MG  A MG    1 
HETATM 572 MG MG    . MG  D 2 .  ? 8.196   -4.874  18.664  1.00 21.20 ? 32   MG  B MG    1 
HETATM 573 MG MG    . MG  E 2 .  ? -0.510  4.584   -13.863 1.00 24.82 ? 38   MG  B MG    1 
HETATM 574 MG MG    . MG  F 2 .  ? 5.331   -2.329  -12.319 0.50 27.70 ? 45   MG  B MG    1 
HETATM 575 O  O     . HOH G 3 .  ? 9.709   8.432   5.631   1.00 15.27 ? 26   HOH A O     1 
HETATM 576 O  O     . HOH G 3 .  ? 8.523   8.236   8.290   1.00 14.38 ? 28   HOH A O     1 
HETATM 577 O  O     . HOH G 3 .  ? -1.586  3.412   -15.222 1.00 23.27 ? 40   HOH A O     1 
HETATM 578 O  O     . HOH G 3 .  ? -2.120  5.364   -13.127 0.50 21.81 ? 43   HOH A O     1 
HETATM 579 O  O     . HOH G 3 .  ? 1.093   3.864   -14.712 1.00 23.21 ? 44   HOH A O     1 
HETATM 580 O  O     . HOH G 3 .  ? -2.595  11.551  -13.386 0.50 26.66 ? 46   HOH A O     1 
HETATM 581 O  O     . HOH G 3 .  ? 3.766   -9.395  3.710   0.50 28.67 ? 53   HOH A O     1 
HETATM 582 O  O     . HOH G 3 .  ? 5.528   -11.498 4.559   0.50 35.36 ? 54   HOH A O     1 
HETATM 583 O  O     . HOH G 3 .  ? 2.555   -12.942 4.899   0.50 26.15 ? 55   HOH A O     1 
HETATM 584 O  O     . HOH G 3 .  ? 7.809   9.263   10.780  1.00 24.19 ? 57   HOH A O     1 
HETATM 585 O  O     . HOH G 3 .  ? -11.298 2.611   -3.414  1.00 37.81 ? 59   HOH A O     1 
HETATM 586 O  O     . HOH G 3 .  ? 1.271   -8.297  2.995   1.00 32.26 ? 61   HOH A O     1 
HETATM 587 O  O     . HOH G 3 .  ? -0.821  -7.858  0.413   1.00 38.80 ? 62   HOH A O     1 
HETATM 588 O  O     . HOH G 3 .  ? -4.522  -7.837  0.332   1.00 36.80 ? 63   HOH A O     1 
HETATM 589 O  O     . HOH G 3 .  ? -7.253  -6.595  0.886   1.00 34.86 ? 64   HOH A O     1 
HETATM 590 O  O     . HOH G 3 .  ? -11.464 1.525   -15.442 1.00 27.54 ? 65   HOH A O     1 
HETATM 591 O  O     . HOH G 3 .  ? 7.767   2.774   1.967   1.00 35.32 ? 67   HOH A O     1 
HETATM 592 O  O     . HOH G 3 .  ? 11.711  2.848   0.856   1.00 31.41 ? 68   HOH A O     1 
HETATM 593 O  O     . HOH G 3 .  ? -7.863  4.608   -19.714 1.00 38.14 ? 76   HOH A O     1 
HETATM 594 O  O     . HOH G 3 .  ? 6.785   -0.957  0.061   1.00 43.68 ? 78   HOH A O     1 
HETATM 595 O  O     . HOH G 3 .  ? -3.355  2.503   -6.813  1.00 15.41 ? 101  HOH A O     1 
HETATM 596 O  O     . HOH G 3 .  ? -5.318  0.803   -10.382 1.00 15.42 ? 102  HOH A O     1 
HETATM 597 O  O     . HOH G 3 .  ? -3.643  3.739   -2.611  1.00 15.89 ? 104  HOH A O     1 
HETATM 598 O  O     . HOH G 3 .  ? -4.855  -5.309  4.555   1.00 16.35 ? 106  HOH A O     1 
HETATM 599 O  O     . HOH G 3 .  ? -0.205  -7.214  4.942   1.00 19.77 ? 107  HOH A O     1 
HETATM 600 O  O     . HOH G 3 .  ? 10.908  9.423   3.324   1.00 15.91 ? 108  HOH A O     1 
HETATM 601 O  O     . HOH G 3 .  ? -3.603  2.716   -9.562  1.00 16.40 ? 112  HOH A O     1 
HETATM 602 O  O     . HOH G 3 .  ? -7.390  -5.166  3.207   1.00 17.39 ? 113  HOH A O     1 
HETATM 603 O  O     . HOH G 3 .  ? -9.120  -3.247  -1.819  1.00 18.33 ? 114  HOH A O     1 
HETATM 604 O  O     . HOH G 3 .  ? 1.262   -9.766  11.491  1.00 18.94 ? 117  HOH A O     1 
HETATM 605 O  O     . HOH G 3 .  ? -9.164  -2.829  2.846   1.00 19.53 ? 118  HOH A O     1 
HETATM 606 O  O     . HOH G 3 .  ? 12.585  7.452   2.536   1.00 19.31 ? 120  HOH A O     1 
HETATM 607 O  O     . HOH G 3 .  ? 2.290   -10.419 6.635   1.00 28.10 ? 122  HOH A O     1 
HETATM 608 O  O     . HOH G 3 .  ? 0.127   -5.678  -0.600  1.00 27.35 ? 123  HOH A O     1 
HETATM 609 O  O     . HOH G 3 .  ? -1.760  -0.679  -20.278 1.00 21.77 ? 124  HOH A O     1 
HETATM 610 O  O     . HOH G 3 .  ? 1.687   -5.984  11.880  1.00 19.52 ? 125  HOH A O     1 
HETATM 611 O  O     . HOH G 3 .  ? -3.924  7.136   -6.436  1.00 19.41 ? 126  HOH A O     1 
HETATM 612 O  O     . HOH G 3 .  ? -4.256  4.828   -0.036  1.00 19.63 ? 131  HOH A O     1 
HETATM 613 O  O     . HOH G 3 .  ? -3.135  5.315   -10.551 1.00 31.30 ? 133  HOH A O     1 
HETATM 614 O  O     . HOH G 3 .  ? -8.750  0.901   -18.663 1.00 29.77 ? 134  HOH A O     1 
HETATM 615 O  O     . HOH G 3 .  ? -2.747  3.615   -18.962 1.00 23.02 ? 135  HOH A O     1 
HETATM 616 O  O     . HOH G 3 .  ? -2.533  7.043   -9.059  1.00 30.79 ? 138  HOH A O     1 
HETATM 617 O  O     . HOH G 3 .  ? 7.060   7.376   1.760   1.00 19.04 ? 139  HOH A O     1 
HETATM 618 O  O     . HOH G 3 .  ? -1.002  1.442   -22.005 1.00 22.76 ? 140  HOH A O     1 
HETATM 619 O  O     . HOH G 3 .  ? 8.757   -5.597  9.013   1.00 23.95 ? 141  HOH A O     1 
HETATM 620 O  O     . HOH G 3 .  ? -9.475  -1.787  0.367   1.00 23.18 ? 142  HOH A O     1 
HETATM 621 O  O     . HOH G 3 .  ? 11.193  5.810   0.931   1.00 27.38 ? 146  HOH A O     1 
HETATM 622 O  O     . HOH G 3 .  ? -4.541  -7.640  3.304   1.00 36.53 ? 147  HOH A O     1 
HETATM 623 O  O     . HOH G 3 .  ? 8.635   5.294   2.206   1.00 24.70 ? 149  HOH A O     1 
HETATM 624 O  O     . HOH G 3 .  ? -5.522  0.740   -20.768 1.00 30.08 ? 150  HOH A O     1 
HETATM 625 O  O     . HOH G 3 .  ? 3.571   -3.959  -0.479  1.00 32.98 ? 152  HOH A O     1 
HETATM 626 O  O     . HOH G 3 .  ? 2.403   -5.846  1.687   1.00 26.46 ? 153  HOH A O     1 
HETATM 627 O  O     . HOH G 3 .  ? 1.975   -1.831  8.837   1.00 32.68 ? 154  HOH A O     1 
HETATM 628 O  O     . HOH G 3 .  ? -12.586 1.380   -10.143 1.00 26.88 ? 155  HOH A O     1 
HETATM 629 O  O     . HOH G 3 .  ? -3.859  -2.087  11.192  1.00 21.29 ? 156  HOH A O     1 
HETATM 630 O  O     . HOH G 3 .  ? -9.836  8.076   -3.174  1.00 34.11 ? 157  HOH A O     1 
HETATM 631 O  O     . HOH G 3 .  ? -7.433  -2.522  -22.080 1.00 26.66 ? 159  HOH A O     1 
HETATM 632 O  O     . HOH G 3 .  ? -4.273  -5.885  -1.128  1.00 25.34 ? 160  HOH A O     1 
HETATM 633 O  O     . HOH G 3 .  ? 18.532  3.040   0.789   1.00 28.33 ? 162  HOH A O     1 
HETATM 634 O  O     . HOH G 3 .  ? -10.964 -2.280  -3.800  1.00 29.98 ? 165  HOH A O     1 
HETATM 635 O  O     . HOH G 3 .  ? -1.715  -3.448  12.111  1.00 31.25 ? 166  HOH A O     1 
HETATM 636 O  O     . HOH G 3 .  ? -3.417  4.563   -16.506 1.00 40.24 ? 168  HOH A O     1 
HETATM 637 O  O     . HOH G 3 .  ? -5.438  8.177   -2.766  1.00 29.38 ? 169  HOH A O     1 
HETATM 638 O  O     . HOH G 3 .  ? -4.240  -2.869  -20.763 1.00 93.64 ? 171  HOH A O     1 
HETATM 639 O  O     . HOH G 3 .  ? -7.104  2.842   -18.070 1.00 26.42 ? 173  HOH A O     1 
HETATM 640 O  O     . HOH G 3 .  ? 6.088   -3.330  0.899   1.00 28.90 ? 174  HOH A O     1 
HETATM 641 O  O     . HOH G 3 .  ? 14.689  12.719  2.356   1.00 28.92 ? 177  HOH A O     1 
HETATM 642 O  O     . HOH G 3 .  ? 5.009   -10.356 7.057   1.00 36.28 ? 179  HOH A O     1 
HETATM 643 O  O     . HOH G 3 .  ? 4.191   -5.170  11.613  1.00 31.83 ? 180  HOH A O     1 
HETATM 644 O  O     . HOH G 3 .  ? -5.388  -2.598  -23.854 1.00 28.99 ? 182  HOH A O     1 
HETATM 645 O  O     . HOH G 3 .  ? 5.887   7.837   -0.602  1.00 38.70 ? 184  HOH A O     1 
HETATM 646 O  O     . HOH G 3 .  ? -9.012  3.363   -15.992 1.00 30.11 ? 185  HOH A O     1 
HETATM 647 O  O     . HOH G 3 .  ? -5.337  7.030   -0.208  1.00 38.34 ? 188  HOH A O     1 
HETATM 648 O  O     . HOH G 3 .  ? -0.855  -0.228  8.234   1.00 23.63 ? 190  HOH A O     1 
HETATM 649 O  O     . HOH G 3 .  ? -12.446 2.912   -20.208 1.00 54.70 ? 196  HOH A O     1 
HETATM 650 O  O     . HOH G 3 .  ? 8.558   -8.434  8.191   1.00 56.33 ? 198  HOH A O     1 
HETATM 651 O  O     . HOH G 3 .  ? -7.716  3.331   7.079   1.00 42.16 ? 203  HOH A O     1 
HETATM 652 O  O     . HOH G 3 .  ? -11.655 -0.507  4.551   0.50 24.51 ? 208  HOH A O     1 
HETATM 653 O  O     . HOH G 3 .  ? 13.206  4.508   -0.214  0.50 30.30 ? 214  HOH A O     1 
HETATM 654 O  O     . HOH G 3 .  ? -4.680  7.491   -11.681 0.50 34.35 ? 216  HOH A O     1 
HETATM 655 O  O     . HOH G 3 .  ? 5.462   -9.888  2.409   0.50 30.18 ? 220  HOH A O     1 
HETATM 656 O  O     . HOH G 3 .  ? 17.530  5.752   0.538   0.50 26.32 ? 222  HOH A O     1 
HETATM 657 O  O     . HOH G 3 .  ? -4.742  9.623   -8.982  0.50 42.29 ? 223  HOH A O     1 
HETATM 658 O  O     . HOH G 3 .  ? 4.314   -7.513  3.834   0.50 49.77 ? 226  HOH A O     1 
HETATM 659 O  O     . HOH G 3 .  ? -11.670 0.170   -4.422  0.50 21.41 ? 227  HOH A O     1 
HETATM 660 O  O     . HOH G 3 .  ? -11.105 3.132   -19.665 0.50 31.63 ? 229  HOH A O     1 
HETATM 661 O  O     . HOH G 3 .  ? 12.619  -1.087  -0.340  0.50 28.32 ? 235  HOH A O     1 
HETATM 662 O  O     . HOH G 3 .  ? 7.638   -11.529 5.833   0.50 29.37 ? 236  HOH A O     1 
HETATM 663 O  O     . HOH G 3 .  ? 16.427  10.770  1.182   0.50 26.00 ? 239  HOH A O     1 
HETATM 664 O  O     . HOH G 3 .  ? 0.958   -3.142  11.299  0.50 30.84 ? 243  HOH A O     1 
HETATM 665 O  O     . HOH G 3 .  ? -3.915  6.784   -14.062 0.50 31.01 ? 247  HOH A O     1 
HETATM 666 O  O     . HOH G 3 .  ? -12.486 4.722   -9.833  0.50 34.20 ? 248  HOH A O     1 
HETATM 667 O  O     . HOH G 3 .  ? -0.244  7.883   -9.527  0.50 34.45 ? 252  HOH A O     1 
HETATM 668 O  O     . HOH G 3 .  ? 10.692  7.062   -3.525  0.50 27.42 ? 258  HOH A O     1 
HETATM 669 O  O     . HOH G 3 .  ? -8.385  7.588   -14.926 0.50 25.27 ? 260  HOH A O     1 
HETATM 670 O  O     . HOH G 3 .  ? -11.228 0.391   -0.199  0.50 31.60 ? 267  HOH A O     1 
HETATM 671 O  O     . HOH G 3 .  ? -11.738 3.401   3.092   0.50 30.70 ? 268  HOH A O     1 
HETATM 672 O  O     . HOH G 3 .  ? -5.122  -2.904  13.539  0.50 31.08 ? 271  HOH A O     1 
HETATM 673 O  O     . HOH G 3 .  ? 15.298  -6.260  0.852   0.50 41.09 ? 273  HOH A O     1 
HETATM 674 O  O     . HOH G 3 .  ? 16.022  -4.236  3.293   0.50 22.04 ? 274  HOH A O     1 
HETATM 675 O  O     . HOH G 3 .  ? 10.405  11.014  -5.008  0.50 27.70 ? 276  HOH A O     1 
HETATM 676 O  O     . HOH G 3 .  ? 8.790   0.102   0.981   0.50 26.89 ? 277  HOH A O     1 
HETATM 677 O  O     . HOH G 3 .  ? -7.330  8.052   -21.335 0.50 36.53 ? 280  HOH A O     1 
HETATM 678 O  O     . HOH G 3 .  ? 6.365   11.625  11.378  0.50 45.91 ? 287  HOH A O     1 
HETATM 679 O  O     . HOH G 3 .  ? -2.981  -9.378  1.338   0.50 31.66 ? 289  HOH A O     1 
HETATM 680 O  O     . HOH G 3 .  ? -8.925  -6.090  -0.543  1.00 35.93 ? 290  HOH A O     1 
HETATM 681 O  O     . HOH G 3 .  ? 15.562  13.069  0.951   0.50 33.29 ? 293  HOH A O     1 
HETATM 682 O  O     . HOH G 3 .  ? 13.996  11.338  1.490   0.50 24.70 ? 294  HOH A O     1 
HETATM 683 O  O     . HOH G 3 .  ? 4.533   -10.994 8.545   0.50 21.55 ? 295  HOH A O     1 
HETATM 684 O  O     . HOH G 3 .  ? -16.914 0.988   -22.286 0.50 36.48 ? 297  HOH A O     1 
HETATM 685 O  O     . HOH G 3 .  ? 3.183   -2.353  13.632  0.50 40.98 ? 298  HOH A O     1 
HETATM 686 O  O     . HOH G 3 .  ? 19.114  7.209   0.891   0.50 28.30 ? 300  HOH A O     1 
HETATM 687 O  O     . HOH G 3 .  ? -7.450  9.008   -9.694  0.50 23.87 ? 302  HOH A O     1 
HETATM 688 O  O     . HOH G 3 .  ? 1.016   1.211   -24.015 0.50 30.33 ? 303  HOH A O     1 
HETATM 689 O  O     . HOH G 3 .  ? 0.635   -11.896 6.221   0.50 27.59 ? 307  HOH A O     1 
HETATM 690 O  O     . HOH G 3 .  ? -13.403 6.038   6.434   0.50 43.60 ? 311  HOH A O     1 
HETATM 691 O  O     . HOH G 3 .  ? -10.435 10.220  -0.861  0.50 27.03 ? 316  HOH A O     1 
HETATM 692 O  O     . HOH G 3 .  ? -5.403  9.674   -14.272 1.00 40.19 ? 317  HOH A O     1 
HETATM 693 O  O     . HOH G 3 .  ? -9.760  6.593   -14.813 0.50 49.34 ? 318  HOH A O     1 
HETATM 694 O  O     . HOH G 3 .  ? -11.220 -6.338  0.627   0.50 34.44 ? 319  HOH A O     1 
HETATM 695 O  O     . HOH H 3 .  ? 6.370   9.920   7.550   1.00 15.54 ? 27   HOH B O     1 
HETATM 696 O  O     . HOH H 3 .  ? 7.333   9.895   4.669   1.00 15.81 ? 29   HOH B O     1 
HETATM 697 O  O     . HOH H 3 .  ? 6.882   7.466   6.136   1.00 16.26 ? 30   HOH B O     1 
HETATM 698 O  O     . HOH H 3 .  ? 8.938   10.936  6.938   1.00 15.21 ? 31   HOH B O     1 
HETATM 699 O  O     . HOH H 3 .  ? 9.226   -6.232  19.645  1.00 27.21 ? 33   HOH B O     1 
HETATM 700 O  O     . HOH H 3 .  ? 9.963   -4.481  17.524  1.00 21.53 ? 34   HOH B O     1 
HETATM 701 O  O     . HOH H 3 .  ? 7.680   -6.216  17.179  1.00 22.27 ? 35   HOH B O     1 
HETATM 702 O  O     . HOH H 3 .  ? 7.069   -3.446  17.641  1.00 21.18 ? 36   HOH B O     1 
HETATM 703 O  O     . HOH H 3 .  ? 8.870   -3.546  20.001  1.00 23.10 ? 37   HOH B O     1 
HETATM 704 O  O     . HOH H 3 .  ? -0.344  6.216   -15.252 1.00 32.02 ? 39   HOH B O     1 
HETATM 705 O  O     . HOH H 3 .  ? -0.413  2.993   -12.536 1.00 34.71 ? 41   HOH B O     1 
HETATM 706 O  O     . HOH H 3 .  ? 0.559   5.509   -12.382 1.00 37.05 ? 42   HOH B O     1 
HETATM 707 O  O     . HOH H 3 .  ? 6.438   -3.043  -10.339 0.50 30.43 ? 47   HOH B O     1 
HETATM 708 O  O     . HOH H 3 .  ? 4.798   -0.858  -11.143 0.50 25.90 ? 48   HOH B O     1 
HETATM 709 O  O     . HOH H 3 .  ? 5.977   -4.902  -12.748 0.50 32.16 ? 49   HOH B O     1 
HETATM 710 O  O     . HOH H 3 .  ? 3.938   -2.574  -14.304 0.50 29.80 ? 50   HOH B O     1 
HETATM 711 O  O     . HOH H 3 .  ? 2.346   9.681   9.067   0.50 28.06 ? 52   HOH B O     1 
HETATM 712 O  O     . HOH H 3 .  ? 1.906   1.224   -13.430 1.00 25.93 ? 56   HOH B O     1 
HETATM 713 O  O     . HOH H 3 .  ? -17.174 -8.808  -5.188  1.00 55.17 ? 58   HOH B O     1 
HETATM 714 O  O     . HOH H 3 .  ? 5.994   3.070   0.151   1.00 33.53 ? 66   HOH B O     1 
HETATM 715 O  O     . HOH H 3 .  ? 6.732   7.627   12.923  1.00 21.53 ? 69   HOH B O     1 
HETATM 716 O  O     . HOH H 3 .  ? 10.421  7.666   15.200  1.00 34.51 ? 70   HOH B O     1 
HETATM 717 O  O     . HOH H 3 .  ? -8.329  -15.682 -7.526  1.00 30.47 ? 72   HOH B O     1 
HETATM 718 O  O     . HOH H 3 .  ? 2.221   6.857   12.498  1.00 23.39 ? 73   HOH B O     1 
HETATM 719 O  O     . HOH H 3 .  ? 0.230   3.888   16.607  1.00 39.42 ? 74   HOH B O     1 
HETATM 720 O  O     . HOH H 3 .  ? -15.788 -1.232  -9.951  1.00 27.75 ? 75   HOH B O     1 
HETATM 721 O  O     . HOH H 3 .  ? 1.557   10.930  -6.483  1.00 41.17 ? 77   HOH B O     1 
HETATM 722 O  O     . HOH H 3 .  ? 5.021   -0.499  -2.154  1.00 30.44 ? 79   HOH B O     1 
HETATM 723 O  O     . HOH H 3 .  ? -3.531  4.789   -5.249  1.00 16.17 ? 103  HOH B O     1 
HETATM 724 O  O     . HOH H 3 .  ? 4.582   8.080   8.686   1.00 15.98 ? 105  HOH B O     1 
HETATM 725 O  O     . HOH H 3 .  ? 5.380   6.919   3.910   1.00 16.43 ? 109  HOH B O     1 
HETATM 726 O  O     . HOH H 3 .  ? -3.093  3.145   1.985   1.00 18.21 ? 110  HOH B O     1 
HETATM 727 O  O     . HOH H 3 .  ? -6.589  -14.511 -10.775 1.00 17.44 ? 111  HOH B O     1 
HETATM 728 O  O     . HOH H 3 .  ? -1.284  1.193   5.944   1.00 19.15 ? 115  HOH B O     1 
HETATM 729 O  O     . HOH H 3 .  ? -2.267  1.143   -11.522 1.00 19.96 ? 116  HOH B O     1 
HETATM 730 O  O     . HOH H 3 .  ? 8.361   9.670   2.302   1.00 20.00 ? 119  HOH B O     1 
HETATM 731 O  O     . HOH H 3 .  ? 0.604   12.017  2.047   1.00 35.01 ? 121  HOH B O     1 
HETATM 732 O  O     . HOH H 3 .  ? 6.464   0.204   12.059  1.00 20.07 ? 127  HOH B O     1 
HETATM 733 O  O     . HOH H 3 .  ? 8.856   12.548  9.135   1.00 23.11 ? 128  HOH B O     1 
HETATM 734 O  O     . HOH H 3 .  ? 2.441   8.182   6.981   1.00 23.00 ? 129  HOH B O     1 
HETATM 735 O  O     . HOH H 3 .  ? 3.893   2.745   -6.357  1.00 23.54 ? 130  HOH B O     1 
HETATM 736 O  O     . HOH H 3 .  ? 1.813   8.457   2.235   1.00 20.82 ? 132  HOH B O     1 
HETATM 737 O  O     . HOH H 3 .  ? 2.688   0.340   10.435  1.00 30.42 ? 136  HOH B O     1 
HETATM 738 O  O     . HOH H 3 .  ? 3.136   6.450   -3.218  1.00 26.68 ? 137  HOH B O     1 
HETATM 739 O  O     . HOH H 3 .  ? 3.608   -1.233  -4.622  1.00 25.80 ? 143  HOH B O     1 
HETATM 740 O  O     . HOH H 3 .  ? 2.847   -3.020  -2.914  1.00 26.73 ? 144  HOH B O     1 
HETATM 741 O  O     . HOH H 3 .  ? -3.455  2.868   4.804   1.00 28.23 ? 145  HOH B O     1 
HETATM 742 O  O     . HOH H 3 .  ? 10.908  2.296   18.551  1.00 45.45 ? 148  HOH B O     1 
HETATM 743 O  O     . HOH H 3 .  ? 1.267   -5.091  -4.787  1.00 32.38 ? 151  HOH B O     1 
HETATM 744 O  O     . HOH H 3 .  ? -5.704  -6.265  -3.442  1.00 31.63 ? 161  HOH B O     1 
HETATM 745 O  O     . HOH H 3 .  ? 3.797   9.320   0.273   1.00 35.72 ? 163  HOH B O     1 
HETATM 746 O  O     . HOH H 3 .  ? -12.496 -5.472  -5.947  1.00 35.39 ? 164  HOH B O     1 
HETATM 747 O  O     . HOH H 3 .  ? 12.956  11.269  11.700  1.00 27.58 ? 167  HOH B O     1 
HETATM 748 O  O     . HOH H 3 .  ? 4.134   -2.336  -6.915  1.00 42.32 ? 170  HOH B O     1 
HETATM 749 O  O     . HOH H 3 .  ? -0.698  -6.162  -3.390  1.00 36.95 ? 172  HOH B O     1 
HETATM 750 O  O     . HOH H 3 .  ? 10.273  4.751   16.976  1.00 28.33 ? 175  HOH B O     1 
HETATM 751 O  O     . HOH H 3 .  ? 13.023  9.251   13.778  1.00 34.65 ? 176  HOH B O     1 
HETATM 752 O  O     . HOH H 3 .  ? 3.396   7.307   -7.119  1.00 45.17 ? 178  HOH B O     1 
HETATM 753 O  O     . HOH H 3 .  ? 4.305   5.553   -5.643  1.00 43.25 ? 181  HOH B O     1 
HETATM 754 O  O     . HOH H 3 .  ? 2.470   6.871   -9.540  1.00 43.23 ? 183  HOH B O     1 
HETATM 755 O  O     . HOH H 3 .  ? -5.206  4.074   6.462   1.00 45.42 ? 186  HOH B O     1 
HETATM 756 O  O     . HOH H 3 .  ? 1.616   1.394   17.115  1.00 31.84 ? 187  HOH B O     1 
HETATM 757 O  O     . HOH H 3 .  ? -1.829  7.707   12.151  1.00 22.28 ? 191  HOH B O     1 
HETATM 758 O  O     . HOH H 3 .  ? -14.612 -13.814 -8.648  1.00 27.84 ? 192  HOH B O     1 
HETATM 759 O  O     . HOH H 3 .  ? -12.628 -2.849  -7.224  1.00 40.21 ? 193  HOH B O     1 
HETATM 760 O  O     . HOH H 3 .  ? -5.272  -10.284 -5.345  1.00 36.19 ? 195  HOH B O     1 
HETATM 761 O  O     . HOH H 3 .  ? -4.137  2.279   9.334   1.00 40.44 ? 197  HOH B O     1 
HETATM 762 O  O     . HOH H 3 .  ? 2.994   -1.375  14.941  1.00 31.26 ? 199  HOH B O     1 
HETATM 763 O  O     . HOH H 3 .  ? 6.542   -5.622  -5.394  0.50 31.51 ? 200  HOH B O     1 
HETATM 764 O  O     . HOH H 3 .  ? -2.686  0.341   10.301  1.00 28.28 ? 201  HOH B O     1 
HETATM 765 O  O     . HOH H 3 .  ? -13.628 -7.892  -4.711  0.50 40.48 ? 202  HOH B O     1 
HETATM 766 O  O     . HOH H 3 .  ? -4.447  6.808   10.883  0.50 43.13 ? 204  HOH B O     1 
HETATM 767 O  O     . HOH H 3 .  ? 3.067   -7.970  -3.032  0.50 44.92 ? 205  HOH B O     1 
HETATM 768 O  O     . HOH H 3 .  ? -13.021 4.948   9.146   0.50 44.86 ? 206  HOH B O     1 
HETATM 769 O  O     . HOH H 3 .  ? -1.452  0.808   12.994  0.50 29.00 ? 207  HOH B O     1 
HETATM 770 O  O     . HOH H 3 .  ? 0.128   11.609  4.434   0.50 27.21 ? 209  HOH B O     1 
HETATM 771 O  O     . HOH H 3 .  ? -6.713  -13.953 -4.760  0.50 42.96 ? 210  HOH B O     1 
HETATM 772 O  O     . HOH H 3 .  ? -16.909 -1.490  -7.944  0.50 34.56 ? 211  HOH B O     1 
HETATM 773 O  O     . HOH H 3 .  ? -13.841 -6.570  -2.522  0.50 34.22 ? 212  HOH B O     1 
HETATM 774 O  O     . HOH H 3 .  ? -2.788  -7.032  -3.989  0.50 28.23 ? 213  HOH B O     1 
HETATM 775 O  O     . HOH H 3 .  ? 6.245   8.587   -4.887  0.50 42.12 ? 217  HOH B O     1 
HETATM 776 O  O     . HOH H 3 .  ? 8.786   11.954  14.061  0.50 42.36 ? 218  HOH B O     1 
HETATM 777 O  O     . HOH H 3 .  ? 6.764   9.207   -8.503  0.50 24.93 ? 219  HOH B O     1 
HETATM 778 O  O     . HOH H 3 .  ? -16.865 -13.553 -9.630  0.50 34.84 ? 221  HOH B O     1 
HETATM 779 O  O     . HOH H 3 .  ? 5.451   -0.126  -9.130  0.50 33.89 ? 228  HOH B O     1 
HETATM 780 O  O     . HOH H 3 .  ? -4.993  6.531   7.324   0.50 27.11 ? 230  HOH B O     1 
HETATM 781 O  O     . HOH H 3 .  ? -8.687  5.788   3.764   0.50 27.14 ? 232  HOH B O     1 
HETATM 782 O  O     . HOH H 3 .  ? 0.410   -8.450  -4.327  0.50 45.57 ? 234  HOH B O     1 
HETATM 783 O  O     . HOH H 3 .  ? 3.980   -0.276  19.070  0.50 25.75 ? 237  HOH B O     1 
HETATM 784 O  O     . HOH H 3 .  ? 6.074   4.111   -8.961  0.50 37.80 ? 238  HOH B O     1 
HETATM 785 O  O     . HOH H 3 .  ? -1.341  3.769   18.794  0.50 22.53 ? 240  HOH B O     1 
HETATM 786 O  O     . HOH H 3 .  ? -8.694  -9.488  -0.505  0.50 44.08 ? 242  HOH B O     1 
HETATM 787 O  O     . HOH H 3 .  ? 3.770   -9.257  -9.869  0.50 30.19 ? 244  HOH B O     1 
HETATM 788 O  O     . HOH H 3 .  ? -17.587 -5.506  -7.481  0.50 25.48 ? 245  HOH B O     1 
HETATM 789 O  O     . HOH H 3 .  ? -7.759  7.792   6.856   0.50 39.03 ? 246  HOH B O     1 
HETATM 790 O  O     . HOH H 3 .  ? -10.014 -14.154 -4.459  0.50 69.86 ? 250  HOH B O     1 
HETATM 791 O  O     . HOH H 3 .  ? 9.773   2.254   -4.882  0.50 31.97 ? 251  HOH B O     1 
HETATM 792 O  O     . HOH H 3 .  ? 6.086   11.814  17.480  0.50 34.86 ? 253  HOH B O     1 
HETATM 793 O  O     . HOH H 3 .  ? -8.394  9.736   3.232   0.50 36.22 ? 256  HOH B O     1 
HETATM 794 O  O     . HOH H 3 .  ? 2.406   -8.068  -6.742  0.50 41.84 ? 257  HOH B O     1 
HETATM 795 O  O     . HOH H 3 .  ? -13.656 -0.577  -6.561  0.50 33.21 ? 261  HOH B O     1 
HETATM 796 O  O     . HOH H 3 .  ? 3.799   -5.319  -6.537  0.50 28.97 ? 263  HOH B O     1 
HETATM 797 O  O     . HOH H 3 .  ? 12.738  8.526   16.919  0.50 33.40 ? 264  HOH B O     1 
HETATM 798 O  O     . HOH H 3 .  ? -5.982  6.054   4.235   0.50 29.51 ? 265  HOH B O     1 
HETATM 799 O  O     . HOH H 3 .  ? -9.248  -7.191  -3.482  0.50 27.45 ? 270  HOH B O     1 
HETATM 800 O  O     . HOH H 3 .  ? -5.298  1.490   14.456  0.50 30.81 ? 272  HOH B O     1 
HETATM 801 O  O     . HOH H 3 .  ? -4.211  -1.047  18.330  0.50 31.74 ? 275  HOH B O     1 
HETATM 802 O  O     . HOH H 3 .  ? -11.521 -15.494 -7.103  0.50 34.92 ? 278  HOH B O     1 
HETATM 803 O  O     . HOH H 3 .  ? 4.084   7.721   13.938  0.50 19.41 ? 279  HOH B O     1 
HETATM 804 O  O     . HOH H 3 .  ? 3.743   10.064  -5.467  0.50 26.96 ? 282  HOH B O     1 
HETATM 805 O  O     . HOH H 3 .  ? 5.487   1.378   -6.419  0.50 43.44 ? 283  HOH B O     1 
HETATM 806 O  O     . HOH H 3 .  ? -9.012  -11.718 -4.730  0.50 23.88 ? 284  HOH B O     1 
HETATM 807 O  O     . HOH H 3 .  ? -10.341 -9.760  -4.103  0.50 23.21 ? 285  HOH B O     1 
HETATM 808 O  O     . HOH H 3 .  ? -6.332  -9.147  -3.436  0.50 29.50 ? 286  HOH B O     1 
HETATM 809 O  O     . HOH H 3 .  ? 8.935   11.451  11.129  0.50 35.73 ? 288  HOH B O     1 
HETATM 810 O  O     . HOH H 3 .  ? 9.867   3.504   20.891  0.50 48.40 ? 291  HOH B O     1 
HETATM 811 O  O     . HOH H 3 .  ? -12.791 -3.579  -4.578  0.50 32.76 ? 292  HOH B O     1 
HETATM 812 O  O     . HOH H 3 .  ? -11.682 3.423   12.556  0.50 34.99 ? 299  HOH B O     1 
HETATM 813 O  O     . HOH H 3 .  ? 3.780   1.210   -12.602 0.50 27.57 ? 301  HOH B O     1 
HETATM 814 O  O     . HOH H 3 .  ? -8.779  -9.914  -3.015  0.50 26.34 ? 304  HOH B O     1 
HETATM 815 O  O     . HOH H 3 .  ? 1.798   9.356   13.870  0.50 33.23 ? 305  HOH B O     1 
HETATM 816 O  O     . HOH H 3 .  ? -13.868 -17.061 -9.087  0.50 39.77 ? 306  HOH B O     1 
HETATM 817 O  O     . HOH H 3 .  ? -2.857  -8.062  -1.711  0.50 38.18 ? 308  HOH B O     1 
HETATM 818 O  O     . HOH H 3 .  ? -14.607 0.637   -8.216  0.50 25.62 ? 309  HOH B O     1 
HETATM 819 O  O     . HOH H 3 .  ? 4.854   -2.593  15.100  0.50 32.17 ? 310  HOH B O     1 
HETATM 820 O  O     . HOH H 3 .  ? -7.809  3.932   10.604  0.50 42.35 ? 312  HOH B O     1 
HETATM 821 O  O     . HOH H 3 .  ? 1.274   -10.636 -4.547  0.50 32.26 ? 313  HOH B O     1 
HETATM 822 O  O     . HOH H 3 .  ? -4.469  -8.552  -3.933  0.50 32.25 ? 314  HOH B O     1 
HETATM 823 O  O     . HOH H 3 .  ? 9.830   13.019  17.952  0.50 32.64 ? 315  HOH B O     1 
HETATM 824 O  O     . HOH H 3 .  ? -0.874  1.077   15.399  0.50 30.82 ? 320  HOH B O     1 
HETATM 825 O  O     . HOH H 3 .  ? -6.787  1.253   9.372   0.50 30.00 ? 1001 HOH B O     1 
HETATM 826 O  O     . HOH H 3 .  ? -3.899  4.458   11.500  0.50 30.00 ? 1002 HOH B O     1 
# 
loop_
_atom_site_anisotrop.id 
_atom_site_anisotrop.type_symbol 
_atom_site_anisotrop.pdbx_label_atom_id 
_atom_site_anisotrop.pdbx_label_alt_id 
_atom_site_anisotrop.pdbx_label_comp_id 
_atom_site_anisotrop.pdbx_label_asym_id 
_atom_site_anisotrop.pdbx_label_seq_id 
_atom_site_anisotrop.pdbx_PDB_ins_code 
_atom_site_anisotrop.U[1][1] 
_atom_site_anisotrop.U[2][2] 
_atom_site_anisotrop.U[3][3] 
_atom_site_anisotrop.U[1][2] 
_atom_site_anisotrop.U[1][3] 
_atom_site_anisotrop.U[2][3] 
_atom_site_anisotrop.pdbx_auth_seq_id 
_atom_site_anisotrop.pdbx_auth_comp_id 
_atom_site_anisotrop.pdbx_auth_asym_id 
_atom_site_anisotrop.pdbx_auth_atom_id 
1   O  "O5'" . DC  A 1  ? 0.3236 0.1533 0.2262 -0.0817 -0.0105 0.0237  1   DC  A "O5'" 
2   C  "C5'" . DC  A 1  ? 0.2499 0.1488 0.2332 -0.0470 -0.0343 0.0244  1   DC  A "C5'" 
3   C  "C4'" . DC  A 1  ? 0.2955 0.1631 0.2244 -0.0479 -0.0752 0.0244  1   DC  A "C4'" 
4   O  "O4'" . DC  A 1  ? 0.2304 0.1802 0.2220 -0.0597 -0.0494 0.0487  1   DC  A "O4'" 
5   C  "C3'" . DC  A 1  ? 0.3211 0.1986 0.2019 -0.1217 -0.0134 0.0101  1   DC  A "C3'" 
6   O  "O3'" . DC  A 1  ? 0.2810 0.1429 0.2750 -0.0123 -0.0081 0.0074  1   DC  A "O3'" 
7   C  "C2'" . DC  A 1  ? 0.2803 0.1629 0.1852 -0.0548 -0.0595 0.0055  1   DC  A "C2'" 
8   C  "C1'" . DC  A 1  ? 0.2596 0.1306 0.1955 -0.0564 -0.0248 0.0303  1   DC  A "C1'" 
9   N  N1    . DC  A 1  ? 0.2107 0.1375 0.2507 -0.0127 -0.0612 0.0296  1   DC  A N1    
10  C  C2    . DC  A 1  ? 0.2074 0.1784 0.2294 -0.0261 -0.0376 0.0602  1   DC  A C2    
11  O  O2    . DC  A 1  ? 0.2052 0.1972 0.3429 0.0153  0.0056  0.1024  1   DC  A O2    
12  N  N3    . DC  A 1  ? 0.1842 0.1593 0.2170 -0.0079 -0.0552 0.0350  1   DC  A N3    
13  C  C4    . DC  A 1  ? 0.2092 0.1484 0.1833 -0.0254 -0.0594 0.0163  1   DC  A C4    
14  N  N4    . DC  A 1  ? 0.2258 0.1862 0.1772 -0.0206 -0.0771 0.0168  1   DC  A N4    
15  C  C5    . DC  A 1  ? 0.2256 0.1713 0.1788 -0.0179 -0.0747 0.0281  1   DC  A C5    
16  C  C6    . DC  A 1  ? 0.2356 0.1712 0.1790 -0.0710 -0.0716 0.0280  1   DC  A C6    
17  P  P     . DG  A 2  ? 0.3741 0.1715 0.2715 -0.0696 0.0672  -0.0123 2   DG  A P     
18  O  OP1   . DG  A 2  ? 0.4411 0.2353 0.3126 -0.0787 0.1021  0.0096  2   DG  A OP1   
19  O  OP2   . DG  A 2  ? 0.3629 0.2426 0.2442 -0.0428 -0.0533 0.0199  2   DG  A OP2   
20  O  "O5'" . DG  A 2  ? 0.3288 0.1772 0.2942 -0.0463 0.0501  0.0192  2   DG  A "O5'" 
21  C  "C5'" . DG  A 2  ? 0.3337 0.2473 0.4880 -0.1311 -0.1259 0.1495  2   DG  A "C5'" 
22  C  "C4'" . DG  A 2  ? 0.2538 0.1854 0.2634 -0.0536 0.0599  -0.0287 2   DG  A "C4'" 
23  O  "O4'" . DG  A 2  ? 0.2346 0.2017 0.1867 -0.0310 -0.0287 -0.0230 2   DG  A "O4'" 
24  C  "C3'" . DG  A 2  ? 0.2522 0.1488 0.2295 -0.0451 0.0290  -0.0071 2   DG  A "C3'" 
25  O  "O3'" . DG  A 2  ? 0.3608 0.1576 0.2332 -0.0121 0.0168  0.0190  2   DG  A "O3'" 
26  C  "C2'" . DG  A 2  ? 0.2915 0.1704 0.1585 -0.0722 0.0120  0.0047  2   DG  A "C2'" 
27  C  "C1'" . DG  A 2  ? 0.2147 0.1330 0.1714 -0.0199 -0.0159 0.0003  2   DG  A "C1'" 
28  N  N9    . DG  A 2  ? 0.2518 0.1126 0.1772 -0.0252 -0.0602 0.0087  2   DG  A N9    
29  C  C8    . DG  A 2  ? 0.2056 0.1482 0.1505 -0.0232 -0.0076 -0.0022 2   DG  A C8    
30  N  N7    . DG  A 2  ? 0.2792 0.1205 0.1578 -0.0367 -0.0721 0.0204  2   DG  A N7    
31  C  C5    . DG  A 2  ? 0.1931 0.1130 0.1483 -0.0483 -0.0460 0.0195  2   DG  A C5    
32  C  C6    . DG  A 2  ? 0.1871 0.1223 0.1567 -0.0320 -0.0486 0.0054  2   DG  A C6    
33  O  O6    . DG  A 2  ? 0.1946 0.1228 0.1658 -0.0350 -0.0430 0.0229  2   DG  A O6    
34  N  N1    . DG  A 2  ? 0.1717 0.1154 0.1620 -0.0319 -0.0374 0.0199  2   DG  A N1    
35  C  C2    . DG  A 2  ? 0.1658 0.1244 0.1370 -0.0346 -0.0385 0.0214  2   DG  A C2    
36  N  N2    . DG  A 2  ? 0.2017 0.1347 0.1740 -0.0454 -0.0518 0.0147  2   DG  A N2    
37  N  N3    . DG  A 2  ? 0.1950 0.1302 0.1786 -0.0362 -0.0434 0.0156  2   DG  A N3    
38  C  C4    . DG  A 2  ? 0.2076 0.1137 0.1488 -0.0409 -0.0492 -0.0020 2   DG  A C4    
39  P  P     . DC  A 3  ? 0.3287 0.1692 0.1696 -0.0207 0.0022  0.0047  3   DC  A P     
40  O  OP1   . DC  A 3  ? 0.3542 0.2108 0.2436 -0.0664 0.1235  -0.0239 3   DC  A OP1   
41  O  OP2   . DC  A 3  ? 0.4375 0.1658 0.1913 0.0091  -0.0234 0.0237  3   DC  A OP2   
42  O  "O5'" . DC  A 3  ? 0.2467 0.2167 0.1604 -0.0097 -0.0190 0.0277  3   DC  A "O5'" 
43  C  "C5'" . DC  A 3  ? 0.2086 0.2293 0.2258 -0.0769 -0.0488 0.0331  3   DC  A "C5'" 
44  C  "C4'" . DC  A 3  ? 0.1875 0.1938 0.1608 -0.0224 -0.0186 0.0131  3   DC  A "C4'" 
45  O  "O4'" . DC  A 3  ? 0.2292 0.2117 0.1568 -0.0840 -0.0195 0.0071  3   DC  A "O4'" 
46  C  "C3'" . DC  A 3  ? 0.2360 0.1510 0.2042 -0.0449 -0.0382 0.0047  3   DC  A "C3'" 
47  O  "O3'" . DC  A 3  ? 0.2266 0.1961 0.2930 -0.0395 -0.0382 0.0099  3   DC  A "O3'" 
48  C  "C2'" . DC  A 3  ? 0.2481 0.2482 0.2954 -0.0501 0.0464  -0.0470 3   DC  A "C2'" 
49  C  "C1'" . DC  A 3  ? 0.2934 0.1241 0.2080 -0.0042 0.0202  -0.0090 3   DC  A "C1'" 
50  N  N1    . DC  A 3  ? 0.2321 0.1724 0.1356 -0.0722 -0.0414 0.0113  3   DC  A N1    
51  C  C2    . DC  A 3  ? 0.1881 0.1706 0.1616 -0.0587 -0.0528 0.0026  3   DC  A C2    
52  O  O2    . DC  A 3  ? 0.1879 0.1515 0.1476 -0.0458 -0.0367 0.0398  3   DC  A O2    
53  N  N3    . DC  A 3  ? 0.1836 0.1492 0.1498 -0.0516 -0.0378 0.0262  3   DC  A N3    
54  C  C4    . DC  A 3  ? 0.2184 0.2132 0.1383 -0.0706 -0.0633 0.0467  3   DC  A C4    
55  N  N4    . DC  A 3  ? 0.2261 0.1582 0.1679 -0.0498 -0.0624 0.0529  3   DC  A N4    
56  C  C5    . DC  A 3  ? 0.2265 0.2070 0.1769 -0.0361 -0.0443 0.0354  3   DC  A C5    
57  C  C6    . DC  A 3  ? 0.2780 0.1762 0.1541 -0.0683 -0.0250 0.0168  3   DC  A C6    
58  P  P     A DG  A 4  ? 0.3024 0.3029 0.3024 -0.0003 0.0002  0.0002  4   DG  A P     
59  P  P     B DG  A 4  ? 0.2262 0.2266 0.2262 -0.0003 0.0001  0.0001  4   DG  A P     
60  O  OP1   A DG  A 4  ? 0.3968 0.3974 0.3968 -0.0004 0.0002  0.0002  4   DG  A OP1   
61  O  OP1   B DG  A 4  ? 0.2951 0.2956 0.2951 -0.0003 0.0002  0.0002  4   DG  A OP1   
62  O  OP2   A DG  A 4  ? 0.3856 0.3862 0.3856 -0.0004 0.0002  0.0002  4   DG  A OP2   
63  O  OP2   B DG  A 4  ? 0.4048 0.4054 0.4048 -0.0004 0.0002  0.0002  4   DG  A OP2   
64  O  "O5'" A DG  A 4  ? 0.2837 0.2841 0.2837 -0.0003 0.0001  0.0001  4   DG  A "O5'" 
65  O  "O5'" B DG  A 4  ? 0.1914 0.1917 0.1914 -0.0002 0.0001  0.0001  4   DG  A "O5'" 
66  C  "C5'" A DG  A 4  ? 0.2221 0.2166 0.3356 -0.0439 -0.0617 0.0702  4   DG  A "C5'" 
67  C  "C5'" B DG  A 4  ? 0.0353 0.2460 0.3058 -0.1084 -0.0384 0.0503  4   DG  A "C5'" 
68  C  "C4'" A DG  A 4  ? 0.3122 0.2138 0.3680 -0.0314 0.0480  -0.0013 4   DG  A "C4'" 
69  C  "C4'" B DG  A 4  ? 0.3004 0.2109 0.3728 -0.0019 0.0352  -0.0001 4   DG  A "C4'" 
70  O  "O4'" A DG  A 4  ? 0.2053 0.2398 0.2800 -0.0204 -0.0564 0.0238  4   DG  A "O4'" 
71  O  "O4'" B DG  A 4  ? 0.1756 0.2388 0.3099 -0.0048 -0.0628 0.0112  4   DG  A "O4'" 
72  C  "C3'" A DG  A 4  ? 0.3186 0.2456 0.5185 -0.0488 0.0515  0.0304  4   DG  A "C3'" 
73  C  "C3'" B DG  A 4  ? 0.2831 0.2303 0.5092 -0.1002 0.0240  0.0229  4   DG  A "C3'" 
74  O  "O3'" A DG  A 4  ? 0.2926 0.3426 0.6898 0.0195  0.1023  0.1867  4   DG  A "O3'" 
75  O  "O3'" B DG  A 4  ? 0.3306 0.3853 0.7053 0.0319  0.1504  0.1969  4   DG  A "O3'" 
76  C  "C2'" A DG  A 4  ? 0.2668 0.1673 0.3939 -0.0171 -0.0253 0.0281  4   DG  A "C2'" 
77  C  "C2'" B DG  A 4  ? 0.2677 0.1659 0.4292 0.0006  -0.0162 0.0175  4   DG  A "C2'" 
78  C  "C1'" A DG  A 4  ? 0.2862 0.1408 0.4590 -0.0458 -0.1113 0.0588  4   DG  A "C1'" 
79  C  "C1'" B DG  A 4  ? 0.2495 0.1246 0.4373 -0.0277 -0.0932 0.0437  4   DG  A "C1'" 
80  N  N9    . DG  A 4  ? 0.2106 0.2177 0.2600 -0.0450 -0.0811 -0.0099 4   DG  A N9    
81  C  C8    . DG  A 4  ? 0.3130 0.2065 0.2956 -0.0409 -0.1646 -0.0179 4   DG  A C8    
82  N  N7    . DG  A 4  ? 0.2564 0.2002 0.2191 -0.0493 -0.1072 0.0095  4   DG  A N7    
83  C  C5    . DG  A 4  ? 0.2312 0.1921 0.2186 -0.0663 -0.1003 0.0053  4   DG  A C5    
84  C  C6    . DG  A 4  ? 0.2274 0.1969 0.2342 -0.0970 -0.1273 0.0397  4   DG  A C6    
85  O  O6    . DG  A 4  ? 0.2301 0.1721 0.2166 -0.0479 -0.1063 0.0345  4   DG  A O6    
86  N  N1    . DG  A 4  ? 0.2081 0.1888 0.2001 -0.0774 -0.0984 0.0304  4   DG  A N1    
87  C  C2    . DG  A 4  ? 0.2168 0.1483 0.3005 -0.0651 -0.1231 0.0771  4   DG  A C2    
88  N  N2    . DG  A 4  ? 0.2231 0.1992 0.2308 -0.0839 -0.0801 0.0744  4   DG  A N2    
89  N  N3    . DG  A 4  ? 0.1937 0.1890 0.2861 -0.0693 -0.0777 0.0449  4   DG  A N3    
90  C  C4    . DG  A 4  ? 0.1935 0.1562 0.2946 -0.0626 -0.1244 0.0394  4   DG  A C4    
91  P  P     . DA  A 5  ? 0.2913 0.2368 0.3536 -0.1099 0.0097  -0.0101 5   DA  A P     
92  O  OP1   . DA  A 5  ? 0.3612 0.1363 0.7790 -0.0261 0.0866  0.0573  5   DA  A OP1   
93  O  OP2   . DA  A 5  ? 0.4843 0.3440 0.2846 -0.1917 0.0070  -0.0795 5   DA  A OP2   
94  O  "O5'" . DA  A 5  ? 0.2310 0.2070 0.3192 -0.0710 0.0060  -0.0229 5   DA  A "O5'" 
95  C  "C5'" . DA  A 5  ? 0.1975 0.1860 0.3363 -0.0776 -0.1004 0.0715  5   DA  A "C5'" 
96  C  "C4'" . DA  A 5  ? 0.1889 0.1517 0.2990 -0.0342 -0.0774 0.0660  5   DA  A "C4'" 
97  O  "O4'" . DA  A 5  ? 0.2637 0.1512 0.2324 -0.0565 -0.0972 0.0293  5   DA  A "O4'" 
98  C  "C3'" . DA  A 5  ? 0.2444 0.1293 0.2638 -0.0403 -0.0982 0.0411  5   DA  A "C3'" 
99  O  "O3'" . DA  A 5  ? 0.1966 0.1856 0.1814 -0.0521 -0.0444 0.0468  5   DA  A "O3'" 
100 C  "C2'" . DA  A 5  ? 0.2300 0.1756 0.2369 -0.0891 -0.0607 0.0628  5   DA  A "C2'" 
101 C  "C1'" . DA  A 5  ? 0.2561 0.1612 0.1991 -0.0474 -0.0630 0.0445  5   DA  A "C1'" 
102 N  N9    . DA  A 5  ? 0.2134 0.1360 0.2167 -0.0421 -0.0685 0.0283  5   DA  A N9    
103 C  C8    . DA  A 5  ? 0.2070 0.1404 0.2174 -0.0506 -0.0705 0.0257  5   DA  A C8    
104 N  N7    . DA  A 5  ? 0.2344 0.1605 0.1949 -0.0574 -0.0825 0.0262  5   DA  A N7    
105 C  C5    . DA  A 5  ? 0.2088 0.1245 0.1986 -0.0561 -0.0893 0.0209  5   DA  A C5    
106 C  C6    . DA  A 5  ? 0.1979 0.1484 0.2079 -0.0522 -0.0940 -0.0085 5   DA  A C6    
107 N  N6    . DA  A 5  ? 0.2456 0.1558 0.1860 -0.0872 -0.0927 0.0360  5   DA  A N6    
108 N  N1    . DA  A 5  ? 0.2008 0.1504 0.2389 -0.0662 -0.1074 0.0271  5   DA  A N1    
109 C  C2    . DA  A 5  ? 0.1969 0.1712 0.2714 -0.0559 -0.1014 -0.0106 5   DA  A C2    
110 N  N3    . DA  A 5  ? 0.2076 0.1324 0.2125 -0.0536 -0.0904 0.0341  5   DA  A N3    
111 C  C4    . DA  A 5  ? 0.1649 0.1326 0.1905 -0.0371 -0.0610 0.0039  5   DA  A C4    
112 P  P     . DA  A 6  ? 0.2193 0.1683 0.2043 -0.0625 -0.0718 0.0613  6   DA  A P     
113 O  OP1   . DA  A 6  ? 0.2086 0.1824 0.1957 -0.0329 -0.0539 0.0458  6   DA  A OP1   
114 O  OP2   . DA  A 6  ? 0.2347 0.1473 0.2129 -0.0763 -0.0516 0.0182  6   DA  A OP2   
115 O  "O5'" . DA  A 6  ? 0.2190 0.1688 0.1690 -0.0532 -0.0655 0.0226  6   DA  A "O5'" 
116 C  "C5'" . DA  A 6  ? 0.1961 0.2003 0.1511 -0.0480 -0.0484 0.0386  6   DA  A "C5'" 
117 C  "C4'" . DA  A 6  ? 0.2193 0.1865 0.1642 -0.0655 -0.0649 0.0576  6   DA  A "C4'" 
118 O  "O4'" . DA  A 6  ? 0.2429 0.1858 0.1438 -0.0743 -0.0821 0.0539  6   DA  A "O4'" 
119 C  "C3'" . DA  A 6  ? 0.2172 0.1559 0.1630 -0.0581 -0.0684 0.0445  6   DA  A "C3'" 
120 O  "O3'" . DA  A 6  ? 0.2294 0.1625 0.1614 -0.0294 -0.0495 0.0331  6   DA  A "O3'" 
121 C  "C2'" . DA  A 6  ? 0.1877 0.1634 0.1490 -0.0406 -0.0447 0.0363  6   DA  A "C2'" 
122 C  "C1'" . DA  A 6  ? 0.2156 0.1626 0.1681 -0.0593 -0.0726 0.0454  6   DA  A "C1'" 
123 N  N9    . DA  A 6  ? 0.2021 0.1403 0.1410 -0.0576 -0.0560 0.0324  6   DA  A N9    
124 C  C8    . DA  A 6  ? 0.2102 0.1460 0.1458 -0.0589 -0.0720 0.0323  6   DA  A C8    
125 N  N7    . DA  A 6  ? 0.2228 0.1338 0.1697 -0.0616 -0.0719 0.0276  6   DA  A N7    
126 C  C5    . DA  A 6  ? 0.1900 0.1267 0.1717 -0.0615 -0.0793 0.0248  6   DA  A C5    
127 C  C6    . DA  A 6  ? 0.2007 0.1367 0.1544 -0.0741 -0.0833 0.0197  6   DA  A C6    
128 N  N6    . DA  A 6  ? 0.1993 0.1628 0.1515 -0.0813 -0.0559 0.0287  6   DA  A N6    
129 N  N1    . DA  A 6  ? 0.2018 0.1363 0.1631 -0.0626 -0.0685 0.0203  6   DA  A N1    
130 C  C2    . DA  A 6  ? 0.2235 0.1303 0.1702 -0.0570 -0.0785 0.0292  6   DA  A C2    
131 N  N3    . DA  A 6  ? 0.2209 0.1429 0.1412 -0.0525 -0.0658 0.0258  6   DA  A N3    
132 C  C4    . DA  A 6  ? 0.2149 0.1084 0.1669 -0.0283 -0.0900 0.0211  6   DA  A C4    
133 P  P     . TAF A 7  ? 0.2370 0.1618 0.1607 -0.0494 -0.0562 0.0551  7   TAF A P     
134 O  OP1   . TAF A 7  ? 0.2466 0.2269 0.1625 -0.0566 -0.0445 0.0795  7   TAF A OP1   
135 O  OP2   . TAF A 7  ? 0.2164 0.1732 0.1805 -0.0458 -0.0580 0.0637  7   TAF A OP2   
136 O  "O5'" . TAF A 7  ? 0.2238 0.1584 0.1425 -0.0355 -0.0547 0.0359  7   TAF A "O5'" 
137 N  N1    . TAF A 7  ? 0.2136 0.1254 0.1534 -0.0573 -0.0501 0.0273  7   TAF A N1    
138 C  C6    . TAF A 7  ? 0.2101 0.1448 0.1323 -0.0543 -0.0674 0.0167  7   TAF A C6    
139 C  C2    . TAF A 7  ? 0.2162 0.1426 0.1165 -0.0572 -0.0447 0.0266  7   TAF A C2    
140 O  O2    . TAF A 7  ? 0.2580 0.1443 0.1398 -0.0622 -0.0544 0.0312  7   TAF A O2    
141 N  N3    . TAF A 7  ? 0.2024 0.1503 0.1207 -0.0653 -0.0553 0.0261  7   TAF A N3    
142 C  C4    . TAF A 7  ? 0.1858 0.1545 0.1184 -0.0607 -0.0637 0.0191  7   TAF A C4    
143 O  O4    . TAF A 7  ? 0.2040 0.1597 0.1386 -0.0635 -0.0617 0.0190  7   TAF A O4    
144 C  C5    . TAF A 7  ? 0.2086 0.1306 0.1388 -0.0636 -0.0708 0.0268  7   TAF A C5    
145 C  C5M   . TAF A 7  ? 0.2106 0.1424 0.1483 -0.0428 -0.0533 0.0119  7   TAF A C5M   
146 F  "F2'" . TAF A 7  ? 0.2184 0.1593 0.1771 -0.0431 -0.0504 0.0125  7   TAF A "F2'" 
147 C  "C2'" . TAF A 7  ? 0.2264 0.1610 0.1428 -0.0435 -0.0470 0.0257  7   TAF A "C2'" 
148 C  "C5'" . TAF A 7  ? 0.3025 0.1510 0.1368 -0.0452 -0.0461 0.0367  7   TAF A "C5'" 
149 C  "C4'" . TAF A 7  ? 0.2515 0.1419 0.1275 -0.0369 -0.0386 0.0259  7   TAF A "C4'" 
150 O  "O4'" . TAF A 7  ? 0.2349 0.1592 0.1349 -0.0511 -0.0633 0.0311  7   TAF A "O4'" 
151 C  "C1'" . TAF A 7  ? 0.2781 0.1389 0.1245 -0.0362 -0.0422 0.0148  7   TAF A "C1'" 
152 C  "C3'" . TAF A 7  ? 0.2229 0.1648 0.1378 0.0140  -0.0328 0.0170  7   TAF A "C3'" 
153 O  "O3'" . TAF A 7  ? 0.2670 0.1675 0.1494 -0.0315 -0.0514 0.0314  7   TAF A "O3'" 
154 P  P     . DT  A 8  ? 0.2587 0.1923 0.1711 -0.0176 -0.0214 0.0279  8   DT  A P     
155 O  OP1   . DT  A 8  ? 0.3021 0.2124 0.1896 0.0017  -0.0207 0.0049  8   DT  A OP1   
156 O  OP2   . DT  A 8  ? 0.3001 0.1741 0.2078 -0.0369 -0.0299 0.0378  8   DT  A OP2   
157 O  "O5'" . DT  A 8  ? 0.2793 0.1822 0.1793 -0.0071 -0.0313 0.0431  8   DT  A "O5'" 
158 C  "C5'" . DT  A 8  ? 0.3283 0.1213 0.1789 0.0010  -0.0452 0.0074  8   DT  A "C5'" 
159 C  "C4'" . DT  A 8  ? 0.2945 0.1766 0.1455 -0.0189 -0.0356 0.0246  8   DT  A "C4'" 
160 O  "O4'" . DT  A 8  ? 0.2788 0.1822 0.1332 -0.0076 -0.0448 0.0051  8   DT  A "O4'" 
161 C  "C3'" . DT  A 8  ? 0.2629 0.2723 0.1882 0.0202  -0.0454 0.0219  8   DT  A "C3'" 
162 O  "O3'" . DT  A 8  ? 0.3605 0.2082 0.1732 0.0692  -0.0336 0.0251  8   DT  A "O3'" 
163 C  "C2'" . DT  A 8  ? 0.1976 0.2180 0.1950 -0.0029 -0.0400 0.0340  8   DT  A "C2'" 
164 C  "C1'" . DT  A 8  ? 0.3078 0.1396 0.1794 -0.0339 -0.0073 0.0246  8   DT  A "C1'" 
165 N  N1    . DT  A 8  ? 0.2517 0.1527 0.1315 -0.0482 -0.0527 0.0356  8   DT  A N1    
166 C  C2    . DT  A 8  ? 0.2243 0.1357 0.1259 -0.0303 -0.0367 0.0275  8   DT  A C2    
167 O  O2    . DT  A 8  ? 0.2620 0.1501 0.1461 -0.0496 -0.0536 0.0435  8   DT  A O2    
168 N  N3    . DT  A 8  ? 0.2268 0.1379 0.1234 -0.0735 -0.0567 0.0261  8   DT  A N3    
169 C  C4    . DT  A 8  ? 0.2153 0.1357 0.1229 -0.0543 -0.0489 0.0233  8   DT  A C4    
170 O  O4    . DT  A 8  ? 0.2091 0.1384 0.1325 -0.0529 -0.0507 0.0218  8   DT  A O4    
171 C  C5    . DT  A 8  ? 0.2383 0.1377 0.1376 -0.0612 -0.0594 0.0251  8   DT  A C5    
172 C  C7    . DT  A 8  ? 0.2499 0.1592 0.1858 -0.0892 -0.0369 0.0453  8   DT  A C7    
173 C  C6    . DT  A 8  ? 0.2000 0.1695 0.1464 -0.0580 -0.0451 0.0254  8   DT  A C6    
174 P  P     . DC  A 9  ? 0.3576 0.2866 0.1947 0.0986  -0.0461 0.0093  9   DC  A P     
175 O  OP1   . DC  A 9  ? 0.4551 0.2632 0.2673 0.1605  -0.0875 -0.0245 9   DC  A OP1   
176 O  OP2   . DC  A 9  ? 0.3524 0.3405 0.2169 0.1112  -0.0462 0.0453  9   DC  A OP2   
177 O  "O5'" . DC  A 9  ? 0.3073 0.2351 0.1643 0.0758  -0.0376 0.0185  9   DC  A "O5'" 
178 C  "C5'" . DC  A 9  ? 0.3056 0.2018 0.2105 0.0285  -0.0951 -0.0039 9   DC  A "C5'" 
179 C  "C4'" . DC  A 9  ? 0.3018 0.1272 0.1396 0.0183  -0.0401 0.0118  9   DC  A "C4'" 
180 O  "O4'" . DC  A 9  ? 0.2659 0.1462 0.1903 -0.0032 -0.0706 0.0008  9   DC  A "O4'" 
181 C  "C3'" . DC  A 9  ? 0.2956 0.1410 0.1850 -0.0275 -0.0644 0.0105  9   DC  A "C3'" 
182 O  "O3'" . DC  A 9  ? 0.2933 0.1352 0.1836 0.0055  -0.0498 0.0194  9   DC  A "O3'" 
183 C  "C2'" . DC  A 9  ? 0.3246 0.1512 0.1899 -0.0020 -0.0940 0.0339  9   DC  A "C2'" 
184 C  "C1'" . DC  A 9  ? 0.3251 0.1379 0.1448 -0.0023 -0.0079 0.0089  9   DC  A "C1'" 
185 N  N1    . DC  A 9  ? 0.2607 0.1431 0.1451 -0.0285 -0.0333 0.0089  9   DC  A N1    
186 C  C2    . DC  A 9  ? 0.2288 0.1378 0.1467 -0.0169 -0.0560 0.0115  9   DC  A C2    
187 O  O2    . DC  A 9  ? 0.2470 0.1411 0.1365 -0.0373 -0.0238 0.0134  9   DC  A O2    
188 N  N3    . DC  A 9  ? 0.2175 0.1336 0.1235 -0.0386 -0.0425 0.0095  9   DC  A N3    
189 C  C4    . DC  A 9  ? 0.2207 0.1531 0.1321 -0.0656 -0.0519 0.0264  9   DC  A C4    
190 N  N4    . DC  A 9  ? 0.2148 0.1579 0.1593 -0.0449 -0.0347 -0.0090 9   DC  A N4    
191 C  C5    . DC  A 9  ? 0.2384 0.1691 0.1404 -0.0113 -0.0271 -0.0068 9   DC  A C5    
192 C  C6    . DC  A 9  ? 0.2443 0.1502 0.1691 0.0079  -0.0496 0.0135  9   DC  A C6    
193 P  P     . DG  A 10 ? 0.3263 0.1499 0.2048 0.0050  -0.0700 0.0234  10  DG  A P     
194 O  OP1   . DG  A 10 ? 0.3658 0.1043 0.2904 -0.0372 -0.0880 0.0448  10  DG  A OP1   
195 O  OP2   . DG  A 10 ? 0.2766 0.1748 0.2641 0.0035  -0.0823 -0.0059 10  DG  A OP2   
196 O  "O5'" . DG  A 10 ? 0.3090 0.1352 0.1865 0.0016  -0.0518 0.0214  10  DG  A "O5'" 
197 C  "C5'" . DG  A 10 ? 0.2957 0.1539 0.2328 -0.0015 -0.0232 0.0322  10  DG  A "C5'" 
198 C  "C4'" . DG  A 10 ? 0.4396 0.1414 0.2050 -0.0575 -0.1427 0.0419  10  DG  A "C4'" 
199 O  "O4'" . DG  A 10 ? 0.2884 0.1402 0.1810 -0.0371 -0.0566 0.0248  10  DG  A "O4'" 
200 C  "C3'" . DG  A 10 ? 0.3483 0.1740 0.1604 -0.0274 -0.0431 0.0182  10  DG  A "C3'" 
201 O  "O3'" . DG  A 10 ? 0.3881 0.1818 0.1773 -0.0248 -0.0530 0.0602  10  DG  A "O3'" 
202 C  "C2'" . DG  A 10 ? 0.3551 0.1985 0.1519 0.0186  -0.0321 0.0331  10  DG  A "C2'" 
203 C  "C1'" . DG  A 10 ? 0.3673 0.1475 0.2254 -0.0265 -0.0788 0.0793  10  DG  A "C1'" 
204 N  N9    . DG  A 10 ? 0.3292 0.1481 0.2048 -0.0259 -0.0815 0.0367  10  DG  A N9    
205 C  C8    . DG  A 10 ? 0.2469 0.2197 0.1933 -0.0276 -0.0504 -0.0267 10  DG  A C8    
206 N  N7    . DG  A 10 ? 0.2780 0.2184 0.1800 -0.0379 -0.0562 0.0087  10  DG  A N7    
207 C  C5    . DG  A 10 ? 0.2569 0.1610 0.1594 -0.0148 -0.0583 0.0017  10  DG  A C5    
208 C  C6    . DG  A 10 ? 0.2289 0.1964 0.1470 -0.0512 -0.0475 -0.0081 10  DG  A C6    
209 O  O6    . DG  A 10 ? 0.2615 0.2150 0.1691 -0.0745 -0.0402 0.0163  10  DG  A O6    
210 N  N1    . DG  A 10 ? 0.2625 0.1389 0.1553 -0.0426 -0.0809 0.0088  10  DG  A N1    
211 C  C2    . DG  A 10 ? 0.2510 0.1662 0.1292 -0.0464 -0.0481 0.0222  10  DG  A C2    
212 N  N2    . DG  A 10 ? 0.2833 0.1487 0.1604 -0.0728 -0.0494 0.0217  10  DG  A N2    
213 N  N3    . DG  A 10 ? 0.3036 0.1173 0.1661 -0.0298 -0.0454 0.0176  10  DG  A N3    
214 C  C4    . DG  A 10 ? 0.2676 0.1915 0.1551 -0.0312 -0.0783 0.0121  10  DG  A C4    
215 P  P     A DC  A 11 ? 0.2433 0.2437 0.2433 -0.0003 0.0001  0.0001  11  DC  A P     
216 P  P     B DC  A 11 ? 0.2571 0.2575 0.2571 -0.0003 0.0001  0.0001  11  DC  A P     
217 O  OP1   A DC  A 11 ? 0.3170 0.3175 0.3170 -0.0003 0.0002  0.0002  11  DC  A OP1   
218 O  OP1   B DC  A 11 ? 0.3974 0.3980 0.3974 -0.0004 0.0002  0.0002  11  DC  A OP1   
219 O  OP2   A DC  A 11 ? 0.4400 0.4406 0.4400 -0.0005 0.0003  0.0003  11  DC  A OP2   
220 O  OP2   B DC  A 11 ? 0.4248 0.4255 0.4248 -0.0005 0.0003  0.0002  11  DC  A OP2   
221 O  "O5'" A DC  A 11 ? 0.2049 0.2052 0.2049 -0.0002 0.0001  0.0001  11  DC  A "O5'" 
222 O  "O5'" B DC  A 11 ? 0.2757 0.2760 0.2757 -0.0003 0.0002  0.0002  11  DC  A "O5'" 
223 C  "C5'" A DC  A 11 ? 0.2598 0.2134 0.1899 -0.0415 -0.0911 0.0168  11  DC  A "C5'" 
224 C  "C5'" B DC  A 11 ? 0.2988 0.2306 0.2078 -0.0389 -0.0672 0.0017  11  DC  A "C5'" 
225 C  "C4'" A DC  A 11 ? 0.3574 0.1604 0.1488 -0.0979 -0.0584 0.0226  11  DC  A "C4'" 
226 C  "C4'" B DC  A 11 ? 0.3642 0.1644 0.1402 -0.0967 -0.0513 0.0216  11  DC  A "C4'" 
227 O  "O4'" A DC  A 11 ? 0.2953 0.1969 0.1733 -0.0968 -0.0656 0.0480  11  DC  A "O4'" 
228 O  "O4'" B DC  A 11 ? 0.3030 0.2001 0.1699 -0.1052 -0.0696 0.0496  11  DC  A "O4'" 
229 C  "C3'" A DC  A 11 ? 0.2062 0.1637 0.1404 -0.0217 -0.0341 0.0137  11  DC  A "C3'" 
230 C  "C3'" B DC  A 11 ? 0.2005 0.1679 0.1402 -0.0221 -0.0330 0.0129  11  DC  A "C3'" 
231 O  "O3'" A DC  A 11 ? 0.3035 0.1570 0.2136 -0.0676 -0.0683 0.0317  11  DC  A "O3'" 
232 O  "O3'" B DC  A 11 ? 0.3135 0.1469 0.2199 -0.0735 -0.0702 0.0253  11  DC  A "O3'" 
233 C  "C2'" A DC  A 11 ? 0.3523 0.1864 0.1812 -0.0792 -0.1162 0.0470  11  DC  A "C2'" 
234 C  "C2'" B DC  A 11 ? 0.3403 0.1878 0.1904 -0.0790 -0.1174 0.0501  11  DC  A "C2'" 
235 C  "C1'" A DC  A 11 ? 0.2757 0.1615 0.1719 -0.0724 -0.0679 0.0521  11  DC  A "C1'" 
236 C  "C1'" B DC  A 11 ? 0.2915 0.1549 0.1740 -0.0698 -0.0717 0.0502  11  DC  A "C1'" 
237 N  N1    . DC  A 11 ? 0.2976 0.1400 0.1743 -0.0392 -0.0641 0.0367  11  DC  A N1    
238 C  C2    . DC  A 11 ? 0.2809 0.1637 0.1440 -0.0730 -0.0309 0.0374  11  DC  A C2    
239 O  O2    . DC  A 11 ? 0.2573 0.1476 0.1975 -0.0361 -0.0604 0.0357  11  DC  A O2    
240 N  N3    . DC  A 11 ? 0.2412 0.1266 0.1776 -0.0044 -0.0740 0.0172  11  DC  A N3    
241 C  C4    . DC  A 11 ? 0.3112 0.1839 0.1684 -0.0775 -0.0686 0.0317  11  DC  A C4    
242 N  N4    . DC  A 11 ? 0.2702 0.1700 0.2364 -0.0198 -0.0524 0.0246  11  DC  A N4    
243 C  C5    . DC  A 11 ? 0.3298 0.1676 0.2305 -0.0201 -0.0389 0.0354  11  DC  A C5    
244 C  C6    . DC  A 11 ? 0.2522 0.1651 0.1967 -0.0540 -0.0494 0.0471  11  DC  A C6    
245 P  P     . DG  A 12 ? 0.2525 0.1837 0.1971 -0.0772 -0.0657 0.0442  12  DG  A P     
246 O  OP1   . DG  A 12 ? 0.2063 0.2353 0.2592 -0.0728 -0.0381 0.0307  12  DG  A OP1   
247 O  OP2   . DG  A 12 ? 0.3331 0.1721 0.1960 -0.0988 -0.0546 0.0601  12  DG  A OP2   
248 O  "O5'" . DG  A 12 ? 0.2194 0.1568 0.1866 -0.0492 -0.0587 0.0294  12  DG  A "O5'" 
249 C  "C5'" . DG  A 12 ? 0.2327 0.1811 0.1953 -0.0373 -0.0425 0.0650  12  DG  A "C5'" 
250 C  "C4'" . DG  A 12 ? 0.2174 0.1360 0.1776 -0.0431 -0.0339 0.0080  12  DG  A "C4'" 
251 O  "O4'" . DG  A 12 ? 0.2013 0.1716 0.1652 -0.0377 -0.0485 0.0310  12  DG  A "O4'" 
252 C  "C3'" . DG  A 12 ? 0.2690 0.1447 0.1818 -0.0588 -0.0635 0.0497  12  DG  A "C3'" 
253 O  "O3'" . DG  A 12 ? 0.3039 0.1581 0.1727 -0.0473 -0.0048 0.0097  12  DG  A "O3'" 
254 C  "C2'" . DG  A 12 ? 0.2511 0.1554 0.1909 -0.0500 -0.0782 0.0284  12  DG  A "C2'" 
255 C  "C1'" . DG  A 12 ? 0.2277 0.1316 0.1988 -0.0438 -0.0738 0.0488  12  DG  A "C1'" 
256 N  N9    . DG  A 12 ? 0.2043 0.1480 0.2566 -0.0322 -0.0789 0.0072  12  DG  A N9    
257 C  C8    . DG  A 12 ? 0.2179 0.1203 0.2775 0.0084  -0.0882 0.0181  12  DG  A C8    
258 N  N7    . DG  A 12 ? 0.2378 0.1133 0.3713 -0.0128 -0.0707 -0.0118 12  DG  A N7    
259 C  C5    . DG  A 12 ? 0.2426 0.1397 0.2969 0.0234  -0.1030 -0.0448 12  DG  A C5    
260 C  C6    . DG  A 12 ? 0.2447 0.1503 0.2194 -0.0366 -0.0257 0.0037  12  DG  A C6    
261 O  O6    . DG  A 12 ? 0.3029 0.1598 0.2910 -0.0095 -0.0398 -0.0458 12  DG  A O6    
262 N  N1    . DG  A 12 ? 0.2311 0.1853 0.1700 -0.0014 -0.0390 -0.0394 12  DG  A N1    
263 C  C2    . DG  A 12 ? 0.2065 0.1633 0.1719 -0.0354 -0.0597 0.0092  12  DG  A C2    
264 N  N2    . DG  A 12 ? 0.2318 0.1733 0.1533 0.0068  -0.0498 0.0226  12  DG  A N2    
265 N  N3    . DG  A 12 ? 0.2101 0.1557 0.1655 -0.0171 -0.0463 0.0017  12  DG  A N3    
266 C  C4    . DG  A 12 ? 0.2023 0.1411 0.1966 -0.0581 -0.0641 0.0408  12  DG  A C4    
267 O  "O5'" A DC  B 1  ? 0.4974 0.6187 0.3628 0.0336  0.1458  0.0017  13  DC  B "O5'" 
268 O  "O5'" B DC  B 1  ? 0.5211 0.5219 0.5211 -0.0005 0.0003  0.0003  13  DC  B "O5'" 
269 C  "C5'" A DC  B 1  ? 0.3469 0.3286 0.4109 0.0333  0.1854  0.1419  13  DC  B "C5'" 
270 C  "C5'" B DC  B 1  ? 0.4158 0.4164 0.4158 -0.0005 0.0003  0.0003  13  DC  B "C5'" 
271 C  "C4'" A DC  B 1  ? 0.2378 0.2323 0.2589 -0.0640 -0.0338 0.0458  13  DC  B "C4'" 
272 C  "C4'" B DC  B 1  ? 0.2741 0.2745 0.2741 -0.0003 0.0001  0.0001  13  DC  B "C4'" 
273 O  "O4'" A DC  B 1  ? 0.2597 0.2013 0.1838 -0.0667 -0.0406 0.0383  13  DC  B "O4'" 
274 O  "O4'" B DC  B 1  ? 0.2928 0.2933 0.2928 -0.0003 0.0002  0.0002  13  DC  B "O4'" 
275 C  "C3'" A DC  B 1  ? 0.3210 0.2090 0.1713 0.0267  -0.0267 0.0545  13  DC  B "C3'" 
276 C  "C3'" B DC  B 1  ? 0.2951 0.2956 0.2951 -0.0003 0.0002  0.0002  13  DC  B "C3'" 
277 O  "O3'" A DC  B 1  ? 0.3805 0.1905 0.2445 0.0245  0.0582  0.0824  13  DC  B "O3'" 
278 O  "O3'" B DC  B 1  ? 0.3236 0.3241 0.3236 -0.0003 0.0002  0.0002  13  DC  B "O3'" 
279 C  "C2'" A DC  B 1  ? 0.2560 0.2163 0.1809 0.0506  0.0004  0.0457  13  DC  B "C2'" 
280 C  "C2'" B DC  B 1  ? 0.3866 0.3872 0.3866 -0.0004 0.0002  0.0002  13  DC  B "C2'" 
281 C  "C1'" A DC  B 1  ? 0.3469 0.2427 0.1868 0.0759  0.0032  0.0779  13  DC  B "C1'" 
282 C  "C1'" B DC  B 1  ? 0.2588 0.2592 0.2588 -0.0003 0.0001  0.0001  13  DC  B "C1'" 
283 N  N1    A DC  B 1  ? 0.3244 0.2139 0.1668 0.0226  0.0122  0.0551  13  DC  B N1    
284 N  N1    B DC  B 1  ? 0.2870 0.2875 0.2870 -0.0003 0.0002  0.0002  13  DC  B N1    
285 C  C2    A DC  B 1  ? 0.2022 0.1666 0.2417 0.0166  -0.0505 0.0023  13  DC  B C2    
286 C  C2    B DC  B 1  ? 0.2654 0.2658 0.2654 -0.0003 0.0001  0.0001  13  DC  B C2    
287 O  O2    A DC  B 1  ? 0.2338 0.2395 0.1549 -0.0567 -0.0449 0.0457  13  DC  B O2    
288 O  O2    B DC  B 1  ? 0.2541 0.2545 0.2541 -0.0003 0.0001  0.0001  13  DC  B O2    
289 N  N3    A DC  B 1  ? 0.2342 0.1898 0.1755 0.0379  -0.0530 0.0322  13  DC  B N3    
290 N  N3    B DC  B 1  ? 0.2755 0.2759 0.2755 -0.0003 0.0001  0.0001  13  DC  B N3    
291 C  C4    A DC  B 1  ? 0.2720 0.1406 0.1543 -0.0103 -0.0236 0.0059  13  DC  B C4    
292 C  C4    B DC  B 1  ? 0.2250 0.2254 0.2250 -0.0003 0.0001  0.0001  13  DC  B C4    
293 N  N4    A DC  B 1  ? 0.1910 0.1734 0.1938 -0.0077 -0.0254 0.0081  13  DC  B N4    
294 N  N4    B DC  B 1  ? 0.2788 0.2792 0.2788 -0.0003 0.0001  0.0001  13  DC  B N4    
295 C  C5    A DC  B 1  ? 0.3157 0.2165 0.1960 0.0108  0.0067  0.0149  13  DC  B C5    
296 C  C5    B DC  B 1  ? 0.3581 0.3587 0.3581 -0.0004 0.0002  0.0002  13  DC  B C5    
297 C  C6    A DC  B 1  ? 0.2081 0.2449 0.2146 0.0826  0.0372  0.0797  13  DC  B C6    
298 C  C6    B DC  B 1  ? 0.3230 0.3235 0.3230 -0.0003 0.0002  0.0002  13  DC  B C6    
299 P  P     A DG  B 2  ? 0.3133 0.2683 0.2337 0.0026  -0.0168 0.1093  14  DG  B P     
300 P  P     B DG  B 2  ? 0.3738 0.3743 0.3738 -0.0004 0.0002  0.0002  14  DG  B P     
301 O  OP1   A DG  B 2  ? 0.7114 0.2340 0.4022 -0.0857 0.2100  0.1398  14  DG  B OP1   
302 O  OP1   B DG  B 2  ? 0.5957 0.5966 0.5957 -0.0006 0.0003  0.0003  14  DG  B OP1   
303 O  OP2   A DG  B 2  ? 0.5254 0.4267 0.1705 0.0561  0.0512  0.0185  14  DG  B OP2   
304 O  OP2   B DG  B 2  ? 0.4903 0.4911 0.4903 -0.0005 0.0003  0.0003  14  DG  B OP2   
305 O  "O5'" A DG  B 2  ? 0.2507 0.2483 0.2291 0.0242  -0.0704 0.0570  14  DG  B "O5'" 
306 O  "O5'" B DG  B 2  ? 0.3446 0.3451 0.3446 -0.0003 0.0002  0.0002  14  DG  B "O5'" 
307 C  "C5'" A DG  B 2  ? 0.3463 0.1717 0.2213 -0.0927 0.0304  0.0480  14  DG  B "C5'" 
308 C  "C5'" B DG  B 2  ? 0.3878 0.1890 0.2301 -0.1101 0.0626  0.0341  14  DG  B "C5'" 
309 C  "C4'" A DG  B 2  ? 0.2957 0.2008 0.2905 -0.0790 -0.0175 -0.0242 14  DG  B "C4'" 
310 C  "C4'" B DG  B 2  ? 0.3090 0.1800 0.2340 -0.0975 0.0264  -0.0531 14  DG  B "C4'" 
311 O  "O4'" A DG  B 2  ? 0.4512 0.1415 0.1853 -0.0116 0.0187  0.0477  14  DG  B "O4'" 
312 O  "O4'" B DG  B 2  ? 0.4165 0.1315 0.1543 0.0029  0.0212  0.0404  14  DG  B "O4'" 
313 C  "C3'" A DG  B 2  ? 0.2340 0.3346 0.6531 -0.0406 0.0047  -0.2420 14  DG  B "C3'" 
314 C  "C3'" B DG  B 2  ? 0.2386 0.3554 0.6567 -0.0797 0.0219  -0.2310 14  DG  B "C3'" 
315 O  "O3'" A DG  B 2  ? 0.3887 0.1704 0.1889 -0.0905 -0.0741 0.0254  14  DG  B "O3'" 
316 O  "O3'" B DG  B 2  ? 0.4006 0.1778 0.1851 -0.0963 -0.0668 0.0268  14  DG  B "O3'" 
317 C  "C2'" A DG  B 2  ? 0.3266 0.2562 0.7768 0.0074  0.1232  -0.0719 14  DG  B "C2'" 
318 C  "C2'" B DG  B 2  ? 0.3871 0.2343 0.8576 -0.0130 0.1672  -0.0944 14  DG  B "C2'" 
319 C  "C1'" A DG  B 2  ? 0.4877 0.2540 0.4494 -0.2155 0.1095  0.0681  14  DG  B "C1'" 
320 C  "C1'" B DG  B 2  ? 0.5119 0.2463 0.4201 -0.2018 0.1435  0.0578  14  DG  B "C1'" 
321 N  N9    . DG  B 2  ? 0.3523 0.1189 0.4136 -0.0522 0.1227  0.0235  14  DG  B N9    
322 C  C8    . DG  B 2  ? 0.4426 0.1868 0.2601 -0.1018 0.1844  -0.0085 14  DG  B C8    
323 N  N7    . DG  B 2  ? 0.2864 0.1932 0.2683 -0.0638 0.0469  -0.0597 14  DG  B N7    
324 C  C5    . DG  B 2  ? 0.2175 0.1484 0.1693 -0.0498 -0.0154 0.0164  14  DG  B C5    
325 C  C6    . DG  B 2  ? 0.2327 0.1476 0.1761 -0.0343 -0.0643 0.0172  14  DG  B C6    
326 O  O6    . DG  B 2  ? 0.2235 0.1553 0.1906 -0.0276 -0.0480 0.0133  14  DG  B O6    
327 N  N1    . DG  B 2  ? 0.2181 0.1433 0.1510 -0.0379 -0.0564 0.0167  14  DG  B N1    
328 C  C2    . DG  B 2  ? 0.2432 0.1513 0.1390 -0.0531 -0.0644 0.0086  14  DG  B C2    
329 N  N2    . DG  B 2  ? 0.2213 0.1623 0.1412 -0.0492 -0.0479 0.0242  14  DG  B N2    
330 N  N3    . DG  B 2  ? 0.2134 0.1345 0.1950 -0.0354 -0.0164 0.0168  14  DG  B N3    
331 C  C4    . DG  B 2  ? 0.2534 0.1455 0.2193 -0.0459 0.0062  0.0259  14  DG  B C4    
332 P  P     . DC  B 3  ? 0.3764 0.1740 0.1766 -0.0746 -0.0674 0.0321  15  DC  B P     
333 O  OP1   . DC  B 3  ? 0.4724 0.1505 0.2729 -0.0834 -0.1862 0.0558  15  DC  B OP1   
334 O  OP2   . DC  B 3  ? 0.4951 0.2885 0.1647 -0.1737 -0.0665 0.0420  15  DC  B OP2   
335 O  "O5'" . DC  B 3  ? 0.4194 0.1661 0.1679 -0.0890 -0.0793 0.0184  15  DC  B "O5'" 
336 C  "C5'" . DC  B 3  ? 0.2990 0.1808 0.2003 -0.0646 -0.0673 0.0195  15  DC  B "C5'" 
337 C  "C4'" . DC  B 3  ? 0.2342 0.1544 0.1953 -0.0377 -0.0710 0.0195  15  DC  B "C4'" 
338 O  "O4'" . DC  B 3  ? 0.2642 0.1498 0.2418 -0.0164 -0.0670 0.0327  15  DC  B "O4'" 
339 C  "C3'" . DC  B 3  ? 0.2320 0.1585 0.2699 0.0100  -0.0608 -0.0147 15  DC  B "C3'" 
340 O  "O3'" . DC  B 3  ? 0.3245 0.1675 0.2296 -0.0349 -0.0749 0.0167  15  DC  B "O3'" 
341 C  "C2'" . DC  B 3  ? 0.2409 0.1604 0.2979 0.0040  -0.0842 -0.0119 15  DC  B "C2'" 
342 C  "C1'" . DC  B 3  ? 0.2421 0.1495 0.3061 -0.0141 -0.0097 0.0340  15  DC  B "C1'" 
343 N  N1    . DC  B 3  ? 0.2764 0.1326 0.1910 -0.0335 -0.0533 0.0187  15  DC  B N1    
344 C  C2    . DC  B 3  ? 0.2041 0.1419 0.1555 -0.0147 -0.0583 0.0075  15  DC  B C2    
345 O  O2    . DC  B 3  ? 0.2264 0.1324 0.2162 -0.0395 -0.0187 0.0161  15  DC  B O2    
346 N  N3    . DC  B 3  ? 0.2892 0.1390 0.1571 -0.0661 -0.1026 0.0428  15  DC  B N3    
347 C  C4    . DC  B 3  ? 0.3908 0.1941 0.1451 -0.0563 0.0091  0.0275  15  DC  B C4    
348 N  N4    . DC  B 3  ? 0.4362 0.2030 0.2152 -0.0532 0.0337  0.0268  15  DC  B N4    
349 C  C5    . DC  B 3  ? 0.5195 0.1718 0.2025 -0.0080 0.0487  0.0569  15  DC  B C5    
350 C  C6    . DC  B 3  ? 0.5941 0.1601 0.1688 -0.0027 -0.0150 0.0491  15  DC  B C6    
351 P  P     . DG  B 4  ? 0.2566 0.1948 0.3266 0.0032  -0.0816 -0.0378 16  DG  B P     
352 O  OP1   . DG  B 4  ? 0.2856 0.3299 0.4849 0.0124  -0.0256 0.0084  16  DG  B OP1   
353 O  OP2   . DG  B 4  ? 0.3627 0.2193 0.2510 -0.0261 -0.1476 0.0089  16  DG  B OP2   
354 O  "O5'" . DG  B 4  ? 0.2429 0.1758 0.2649 -0.0275 -0.0825 -0.0172 16  DG  B "O5'" 
355 C  "C5'" . DG  B 4  ? 0.3054 0.1584 0.2220 -0.0396 -0.0385 -0.0420 16  DG  B "C5'" 
356 C  "C4'" . DG  B 4  ? 0.1934 0.2579 0.1723 -0.0098 -0.0219 -0.0516 16  DG  B "C4'" 
357 O  "O4'" . DG  B 4  ? 0.2671 0.1926 0.1541 -0.0304 -0.0188 -0.0159 16  DG  B "O4'" 
358 C  "C3'" . DG  B 4  ? 0.2331 0.2787 0.2018 -0.0209 -0.0393 -0.0260 16  DG  B "C3'" 
359 O  "O3'" . DG  B 4  ? 0.2672 0.2381 0.2160 -0.0302 -0.0148 0.0066  16  DG  B "O3'" 
360 C  "C2'" . DG  B 4  ? 0.2149 0.2147 0.1975 -0.0309 -0.0235 -0.0403 16  DG  B "C2'" 
361 C  "C1'" . DG  B 4  ? 0.2329 0.1954 0.1329 -0.0449 -0.0604 -0.0007 16  DG  B "C1'" 
362 N  N9    . DG  B 4  ? 0.2574 0.1603 0.1360 -0.0527 -0.0522 0.0130  16  DG  B N9    
363 C  C8    . DG  B 4  ? 0.2510 0.1522 0.1572 -0.0330 -0.0358 -0.0030 16  DG  B C8    
364 N  N7    . DG  B 4  ? 0.2591 0.1502 0.1536 -0.0468 -0.0654 0.0274  16  DG  B N7    
365 C  C5    . DG  B 4  ? 0.2447 0.1370 0.1383 -0.0479 -0.0757 0.0127  16  DG  B C5    
366 C  C6    . DG  B 4  ? 0.2255 0.1289 0.1252 -0.0297 -0.0457 -0.0114 16  DG  B C6    
367 O  O6    . DG  B 4  ? 0.2159 0.1320 0.1238 -0.0413 -0.0430 0.0124  16  DG  B O6    
368 N  N1    . DG  B 4  ? 0.2273 0.1345 0.1155 -0.0448 -0.0589 0.0226  16  DG  B N1    
369 C  C2    . DG  B 4  ? 0.2110 0.1501 0.1278 -0.0427 -0.0471 -0.0026 16  DG  B C2    
370 N  N2    . DG  B 4  ? 0.2643 0.1200 0.1326 -0.0330 -0.0364 0.0129  16  DG  B N2    
371 N  N3    . DG  B 4  ? 0.2195 0.1355 0.1202 -0.0419 -0.0507 0.0091  16  DG  B N3    
372 C  C4    . DG  B 4  ? 0.2209 0.1446 0.1341 -0.0129 -0.0493 -0.0196 16  DG  B C4    
373 P  P     . DA  B 5  ? 0.2519 0.2868 0.2143 -0.0836 -0.0250 -0.0013 17  DA  B P     
374 O  OP1   . DA  B 5  ? 0.2379 0.4032 0.2815 -0.0425 0.0002  0.0397  17  DA  B OP1   
375 O  OP2   . DA  B 5  ? 0.2651 0.3216 0.2051 -0.0868 -0.0879 0.0422  17  DA  B OP2   
376 O  "O5'" . DA  B 5  ? 0.2790 0.2245 0.1982 -0.0864 -0.0188 -0.0023 17  DA  B "O5'" 
377 C  "C5'" . DA  B 5  ? 0.2888 0.1981 0.1450 -0.0830 -0.0454 0.0193  17  DA  B "C5'" 
378 C  "C4'" . DA  B 5  ? 0.2500 0.1964 0.1471 -0.0654 -0.0339 0.0273  17  DA  B "C4'" 
379 O  "O4'" . DA  B 5  ? 0.2717 0.1983 0.1341 -0.0799 -0.0266 0.0297  17  DA  B "O4'" 
380 C  "C3'" . DA  B 5  ? 0.2369 0.2343 0.1872 -0.0777 -0.0461 0.0357  17  DA  B "C3'" 
381 O  "O3'" . DA  B 5  ? 0.3336 0.1818 0.1637 -0.0541 -0.0246 0.0310  17  DA  B "O3'" 
382 C  "C2'" . DA  B 5  ? 0.2560 0.2046 0.1271 -0.0897 -0.0281 0.0046  17  DA  B "C2'" 
383 C  "C1'" . DA  B 5  ? 0.2372 0.1669 0.1372 -0.0658 -0.0382 0.0285  17  DA  B "C1'" 
384 N  N9    . DA  B 5  ? 0.2324 0.1602 0.1251 -0.0714 -0.0226 0.0019  17  DA  B N9    
385 C  C8    . DA  B 5  ? 0.2541 0.1742 0.1504 -0.0878 -0.0337 0.0074  17  DA  B C8    
386 N  N7    . DA  B 5  ? 0.2317 0.1760 0.1446 -0.0748 -0.0617 0.0261  17  DA  B N7    
387 C  C5    . DA  B 5  ? 0.2139 0.1333 0.1394 -0.0461 -0.0463 0.0025  17  DA  B C5    
388 C  C6    . DA  B 5  ? 0.2217 0.1646 0.1087 -0.0953 -0.0432 0.0151  17  DA  B C6    
389 N  N6    . DA  B 5  ? 0.2550 0.1415 0.1254 -0.0695 -0.0740 0.0204  17  DA  B N6    
390 N  N1    . DA  B 5  ? 0.2317 0.1242 0.1161 -0.0630 -0.0530 0.0143  17  DA  B N1    
391 C  C2    . DA  B 5  ? 0.1952 0.1657 0.1150 -0.0715 -0.0268 0.0216  17  DA  B C2    
392 N  N3    . DA  B 5  ? 0.2479 0.1610 0.1223 -0.0836 -0.0471 0.0258  17  DA  B N3    
393 C  C4    . DA  B 5  ? 0.2301 0.1449 0.1201 -0.0618 -0.0280 0.0008  17  DA  B C4    
394 P  P     . DA  B 6  ? 0.2911 0.2151 0.1949 -0.0831 -0.0313 0.0436  18  DA  B P     
395 O  OP1   . DA  B 6  ? 0.4082 0.2449 0.1875 -0.1355 0.0211  0.0734  18  DA  B OP1   
396 O  OP2   . DA  B 6  ? 0.2510 0.2534 0.2596 -0.0918 -0.0700 0.0630  18  DA  B OP2   
397 O  "O5'" . DA  B 6  ? 0.3071 0.2103 0.1459 -0.0867 -0.0311 0.0131  18  DA  B "O5'" 
398 C  "C5'" . DA  B 6  ? 0.2667 0.1807 0.1813 -0.0706 -0.0561 0.0404  18  DA  B "C5'" 
399 C  "C4'" . DA  B 6  ? 0.3381 0.1581 0.1599 -0.1043 -0.0658 0.0442  18  DA  B "C4'" 
400 O  "O4'" . DA  B 6  ? 0.3102 0.1560 0.1325 -0.0875 -0.0554 0.0400  18  DA  B "O4'" 
401 C  "C3'" . DA  B 6  ? 0.2667 0.1378 0.1850 -0.0465 -0.0739 0.0048  18  DA  B "C3'" 
402 O  "O3'" . DA  B 6  ? 0.3609 0.1479 0.1789 -0.0797 -0.0388 0.0363  18  DA  B "O3'" 
403 C  "C2'" . DA  B 6  ? 0.2943 0.1899 0.1618 -0.1081 -0.0175 0.0124  18  DA  B "C2'" 
404 C  "C1'" . DA  B 6  ? 0.2633 0.1534 0.1428 -0.0824 -0.0432 0.0408  18  DA  B "C1'" 
405 N  N9    . DA  B 6  ? 0.2583 0.1601 0.1362 -0.0747 -0.0332 0.0139  18  DA  B N9    
406 C  C8    . DA  B 6  ? 0.2512 0.1653 0.1401 -0.0830 -0.0595 0.0271  18  DA  B C8    
407 N  N7    . DA  B 6  ? 0.2388 0.2010 0.1468 -0.0897 -0.0498 0.0259  18  DA  B N7    
408 C  C5    . DA  B 6  ? 0.2256 0.1541 0.1365 -0.0838 -0.0647 0.0156  18  DA  B C5    
409 C  C6    . DA  B 6  ? 0.1925 0.1436 0.1424 -0.0641 -0.0620 0.0068  18  DA  B C6    
410 N  N6    . DA  B 6  ? 0.1899 0.1565 0.1417 -0.0524 -0.0515 0.0050  18  DA  B N6    
411 N  N1    . DA  B 6  ? 0.2128 0.1456 0.1308 -0.0796 -0.0557 0.0240  18  DA  B N1    
412 C  C2    . DA  B 6  ? 0.2286 0.1361 0.1364 -0.0639 -0.0496 0.0192  18  DA  B C2    
413 N  N3    . DA  B 6  ? 0.2380 0.1388 0.1372 -0.0620 -0.0559 0.0173  18  DA  B N3    
414 C  C4    . DA  B 6  ? 0.2363 0.1153 0.1357 -0.0628 -0.0411 0.0122  18  DA  B C4    
415 P  P     . TAF B 7  ? 0.3436 0.1398 0.1959 -0.0696 -0.0474 0.0337  19  TAF B P     
416 O  OP1   . TAF B 7  ? 0.4479 0.1526 0.2021 -0.0740 -0.0742 0.0493  19  TAF B OP1   
417 O  OP2   . TAF B 7  ? 0.3052 0.2883 0.2081 -0.0998 -0.0333 0.0029  19  TAF B OP2   
418 O  "O5'" . TAF B 7  ? 0.2956 0.1499 0.1794 -0.0639 -0.0334 0.0256  19  TAF B "O5'" 
419 N  N1    . TAF B 7  ? 0.2133 0.1345 0.1723 -0.0637 -0.0496 0.0260  19  TAF B N1    
420 C  C6    . TAF B 7  ? 0.2409 0.1365 0.1792 -0.0800 -0.0647 0.0172  19  TAF B C6    
421 C  C2    . TAF B 7  ? 0.2029 0.1194 0.1533 -0.0434 -0.0701 0.0212  19  TAF B C2    
422 O  O2    . TAF B 7  ? 0.2435 0.1402 0.1555 -0.0509 -0.0620 0.0261  19  TAF B O2    
423 N  N3    . TAF B 7  ? 0.2253 0.1295 0.1638 -0.0531 -0.0802 0.0217  19  TAF B N3    
424 C  C4    . TAF B 7  ? 0.1973 0.1264 0.1717 -0.0569 -0.0547 0.0012  19  TAF B C4    
425 O  O4    . TAF B 7  ? 0.2181 0.1506 0.1836 -0.0642 -0.0463 0.0191  19  TAF B O4    
426 C  C5    . TAF B 7  ? 0.2286 0.1419 0.1824 -0.0717 -0.0542 0.0167  19  TAF B C5    
427 C  C5M   . TAF B 7  ? 0.2165 0.1766 0.2737 -0.0606 -0.0003 0.0409  19  TAF B C5M   
428 F  "F2'" . TAF B 7  ? 0.2600 0.1556 0.2117 -0.0691 -0.0719 0.0028  19  TAF B "F2'" 
429 C  "C2'" . TAF B 7  ? 0.2619 0.1528 0.1603 -0.0415 -0.0778 0.0092  19  TAF B "C2'" 
430 C  "C5'" . TAF B 7  ? 0.3232 0.1308 0.1924 -0.0485 -0.0837 0.0230  19  TAF B "C5'" 
431 C  "C4'" . TAF B 7  ? 0.2800 0.1253 0.1718 -0.0497 -0.1035 0.0279  19  TAF B "C4'" 
432 O  "O4'" . TAF B 7  ? 0.3043 0.1254 0.1763 -0.0602 -0.1039 0.0442  19  TAF B "O4'" 
433 C  "C1'" . TAF B 7  ? 0.2914 0.1419 0.1964 -0.0772 -0.0900 0.0315  19  TAF B "C1'" 
434 C  "C3'" . TAF B 7  ? 0.2869 0.1455 0.1534 -0.0613 -0.0817 0.0323  19  TAF B "C3'" 
435 O  "O3'" . TAF B 7  ? 0.2877 0.1611 0.1787 -0.0225 -0.0878 0.0227  19  TAF B "O3'" 
436 P  P     . DT  B 8  ? 0.3364 0.1457 0.1806 -0.0094 -0.0928 0.0193  20  DT  B P     
437 O  OP1   . DT  B 8  ? 0.3793 0.2140 0.1875 0.0826  -0.0834 0.0230  20  DT  B OP1   
438 O  OP2   . DT  B 8  ? 0.3432 0.1310 0.2201 -0.0384 -0.0981 0.0119  20  DT  B OP2   
439 O  "O5'" . DT  B 8  ? 0.3632 0.1407 0.1763 -0.0176 -0.0977 0.0191  20  DT  B "O5'" 
440 C  "C5'" . DT  B 8  ? 0.2900 0.1842 0.1782 0.0020  -0.0815 0.0113  20  DT  B "C5'" 
441 C  "C4'" . DT  B 8  ? 0.4450 0.1707 0.1488 0.0487  -0.0688 -0.0071 20  DT  B "C4'" 
442 O  "O4'" . DT  B 8  ? 0.2516 0.1653 0.1811 -0.0165 -0.0957 0.0000  20  DT  B "O4'" 
443 C  "C3'" . DT  B 8  ? 0.4090 0.1793 0.2471 0.0477  -0.1572 -0.0393 20  DT  B "C3'" 
444 O  "O3'" . DT  B 8  ? 0.5070 0.2044 0.1424 0.0953  -0.0384 0.0203  20  DT  B "O3'" 
445 C  "C2'" . DT  B 8  ? 0.3781 0.1676 0.2027 0.0145  -0.1530 -0.0210 20  DT  B "C2'" 
446 C  "C1'" . DT  B 8  ? 0.2564 0.1677 0.2047 -0.0361 -0.0686 0.0231  20  DT  B "C1'" 
447 N  N1    . DT  B 8  ? 0.2885 0.1237 0.2144 -0.0496 -0.0994 0.0106  20  DT  B N1    
448 C  C2    . DT  B 8  ? 0.2847 0.1210 0.2342 -0.0779 -0.1283 0.0176  20  DT  B C2    
449 O  O2    . DT  B 8  ? 0.2672 0.1266 0.2153 -0.0532 -0.0906 0.0261  20  DT  B O2    
450 N  N3    . DT  B 8  ? 0.2471 0.1220 0.2066 -0.0666 -0.1044 0.0250  20  DT  B N3    
451 C  C4    . DT  B 8  ? 0.2635 0.1335 0.2457 -0.0807 -0.1549 0.0429  20  DT  B C4    
452 O  O4    . DT  B 8  ? 0.2288 0.1549 0.2715 -0.0713 -0.1242 0.0401  20  DT  B O4    
453 C  C5    . DT  B 8  ? 0.2366 0.1254 0.2067 -0.0771 -0.0902 0.0429  20  DT  B C5    
454 C  C7    . DT  B 8  ? 0.3526 0.1638 0.2359 -0.1071 -0.0958 0.0327  20  DT  B C7    
455 C  C6    . DT  B 8  ? 0.3288 0.1315 0.2003 -0.1019 -0.1163 0.0327  20  DT  B C6    
456 P  P     A DC  B 9  ? 0.2296 0.2300 0.2296 -0.0003 0.0001  0.0001  21  DC  B P     
457 P  P     B DC  B 9  ? 0.2290 0.2294 0.2290 -0.0003 0.0001  0.0001  21  DC  B P     
458 O  OP1   A DC  B 9  ? 0.2857 0.2861 0.2857 -0.0003 0.0001  0.0001  21  DC  B OP1   
459 O  OP1   B DC  B 9  ? 0.4884 0.4891 0.4884 -0.0005 0.0003  0.0003  21  DC  B OP1   
460 O  OP2   A DC  B 9  ? 0.2764 0.2768 0.2764 -0.0003 0.0001  0.0001  21  DC  B OP2   
461 O  OP2   B DC  B 9  ? 0.3724 0.3729 0.3724 -0.0004 0.0002  0.0002  21  DC  B OP2   
462 O  "O5'" A DC  B 9  ? 0.2440 0.2443 0.2440 -0.0003 0.0002  0.0002  21  DC  B "O5'" 
463 O  "O5'" B DC  B 9  ? 0.2363 0.2367 0.2363 -0.0003 0.0001  0.0001  21  DC  B "O5'" 
464 C  "C5'" A DC  B 9  ? 0.2913 0.1897 0.3108 -0.0474 -0.1378 0.0787  21  DC  B "C5'" 
465 C  "C5'" B DC  B 9  ? 0.3065 0.1438 0.3399 -0.0171 -0.1708 0.0729  21  DC  B "C5'" 
466 C  "C4'" A DC  B 9  ? 0.1555 0.2222 0.4602 -0.0129 -0.0663 0.1822  21  DC  B "C4'" 
467 C  "C4'" B DC  B 9  ? 0.1404 0.2358 0.4652 -0.0025 -0.1035 0.1934  21  DC  B "C4'" 
468 O  "O4'" A DC  B 9  ? 0.2334 0.3088 0.2853 -0.0797 -0.0955 0.1046  21  DC  B "O4'" 
469 O  "O4'" B DC  B 9  ? 0.2667 0.3071 0.2865 -0.0809 -0.1114 0.1136  21  DC  B "O4'" 
470 C  "C3'" A DC  B 9  ? 0.2076 0.3055 0.2205 -0.0479 -0.0604 0.0865  21  DC  B "C3'" 
471 C  "C3'" B DC  B 9  ? 0.2171 0.2880 0.2125 -0.0582 -0.0577 0.0947  21  DC  B "C3'" 
472 O  "O3'" A DC  B 9  ? 0.2269 0.2779 0.2480 -0.0698 -0.0346 0.0944  21  DC  B "O3'" 
473 O  "O3'" B DC  B 9  ? 0.2300 0.2644 0.2517 -0.0872 -0.0307 0.0906  21  DC  B "O3'" 
474 C  "C2'" A DC  B 9  ? 0.2435 0.3959 0.1787 -0.0529 -0.0259 0.0291  21  DC  B "C2'" 
475 C  "C2'" B DC  B 9  ? 0.2450 0.4039 0.1776 -0.0419 -0.0133 0.0130  21  DC  B "C2'" 
476 C  "C1'" A DC  B 9  ? 0.1793 0.2925 0.3395 -0.0416 -0.0449 0.1837  21  DC  B "C1'" 
477 C  "C1'" B DC  B 9  ? 0.2099 0.3003 0.3397 -0.0489 -0.0475 0.1889  21  DC  B "C1'" 
478 N  N1    . DC  B 9  ? 0.2504 0.2160 0.2418 -0.0620 -0.1080 0.1031  21  DC  B N1    
479 C  C2    . DC  B 9  ? 0.2102 0.2176 0.2460 -0.0919 -0.0748 0.1018  21  DC  B C2    
480 O  O2    . DC  B 9  ? 0.2191 0.1986 0.2820 -0.0463 -0.0553 0.1003  21  DC  B O2    
481 N  N3    . DC  B 9  ? 0.2348 0.1614 0.2068 -0.0712 -0.0965 0.0628  21  DC  B N3    
482 C  C4    . DC  B 9  ? 0.1827 0.2196 0.2338 -0.0892 -0.0950 0.0424  21  DC  B C4    
483 N  N4    . DC  B 9  ? 0.2094 0.1909 0.1812 -0.0708 -0.0871 0.0380  21  DC  B N4    
484 C  C5    . DC  B 9  ? 0.2390 0.1704 0.1783 -0.0592 -0.0855 0.0351  21  DC  B C5    
485 C  C6    . DC  B 9  ? 0.2581 0.2235 0.1877 -0.1022 -0.0812 0.0816  21  DC  B C6    
486 P  P     . DG  B 10 ? 0.2200 0.2852 0.2373 -0.0022 -0.0440 0.0836  22  DG  B P     
487 O  OP1   . DG  B 10 ? 0.2271 0.3763 0.2538 -0.0200 -0.0004 0.1236  22  DG  B OP1   
488 O  OP2   . DG  B 10 ? 0.2991 0.2256 0.2527 -0.0535 -0.0248 0.0882  22  DG  B OP2   
489 O  "O5'" . DG  B 10 ? 0.2070 0.2962 0.2158 -0.0091 -0.0412 0.0352  22  DG  B "O5'" 
490 C  "C5'" . DG  B 10 ? 0.2557 0.1688 0.3573 -0.0284 0.0629  0.0242  22  DG  B "C5'" 
491 C  "C4'" . DG  B 10 ? 0.1915 0.3228 0.1838 0.0151  -0.0152 0.1171  22  DG  B "C4'" 
492 O  "O4'" . DG  B 10 ? 0.2054 0.2255 0.1938 -0.0108 -0.0302 0.0680  22  DG  B "O4'" 
493 C  "C3'" . DG  B 10 ? 0.2151 0.2429 0.2077 0.0098  0.0180  0.1050  22  DG  B "C3'" 
494 O  "O3'" . DG  B 10 ? 0.2177 0.2386 0.1839 0.0368  -0.0249 0.0524  22  DG  B "O3'" 
495 C  "C2'" . DG  B 10 ? 0.2271 0.2377 0.1893 0.0667  -0.0145 0.0193  22  DG  B "C2'" 
496 C  "C1'" . DG  B 10 ? 0.1736 0.1879 0.2548 -0.0196 -0.0253 0.1045  22  DG  B "C1'" 
497 N  N9    . DG  B 10 ? 0.1867 0.1707 0.1926 -0.0182 -0.0310 0.0354  22  DG  B N9    
498 C  C8    . DG  B 10 ? 0.2001 0.1753 0.2284 -0.0127 -0.0608 0.0606  22  DG  B C8    
499 N  N7    . DG  B 10 ? 0.1828 0.1458 0.1920 -0.0324 -0.0607 0.0328  22  DG  B N7    
500 C  C5    . DG  B 10 ? 0.1703 0.1407 0.1697 -0.0339 -0.0482 0.0407  22  DG  B C5    
501 C  C6    . DG  B 10 ? 0.1841 0.1354 0.1440 -0.0525 -0.0669 0.0358  22  DG  B C6    
502 O  O6    . DG  B 10 ? 0.2104 0.1423 0.1696 -0.0537 -0.0724 0.0427  22  DG  B O6    
503 N  N1    . DG  B 10 ? 0.1625 0.1430 0.1614 -0.0502 -0.0637 0.0305  22  DG  B N1    
504 C  C2    . DG  B 10 ? 0.1488 0.1336 0.1427 -0.0447 -0.0413 0.0399  22  DG  B C2    
505 N  N2    . DG  B 10 ? 0.1661 0.1452 0.1619 -0.0238 -0.0468 0.0296  22  DG  B N2    
506 N  N3    . DG  B 10 ? 0.1570 0.1563 0.1760 -0.0218 -0.0507 0.0536  22  DG  B N3    
507 C  C4    . DG  B 10 ? 0.1811 0.1898 0.1737 -0.0533 -0.0539 0.0424  22  DG  B C4    
508 P  P     A DC  B 11 ? 0.2632 0.2636 0.2632 -0.0003 0.0001  0.0001  23  DC  B P     
509 P  P     B DC  B 11 ? 0.2390 0.2394 0.2390 -0.0003 0.0001  0.0001  23  DC  B P     
510 O  OP1   A DC  B 11 ? 0.3345 0.3350 0.3345 -0.0003 0.0002  0.0002  23  DC  B OP1   
511 O  OP1   B DC  B 11 ? 0.2865 0.2870 0.2865 -0.0003 0.0002  0.0002  23  DC  B OP1   
512 O  OP2   A DC  B 11 ? 0.3586 0.3592 0.3586 -0.0004 0.0002  0.0002  23  DC  B OP2   
513 O  OP2   B DC  B 11 ? 0.2918 0.2923 0.2918 -0.0003 0.0002  0.0002  23  DC  B OP2   
514 O  "O5'" A DC  B 11 ? 0.2332 0.2336 0.2332 -0.0003 0.0001  0.0001  23  DC  B "O5'" 
515 O  "O5'" B DC  B 11 ? 0.2598 0.2602 0.2598 -0.0003 0.0001  0.0001  23  DC  B "O5'" 
516 C  "C5'" A DC  B 11 ? 0.2708 0.1902 0.2759 -0.0042 0.0128  0.0630  23  DC  B "C5'" 
517 C  "C5'" B DC  B 11 ? 0.2259 0.3024 0.2950 -0.0840 0.0475  0.0872  23  DC  B "C5'" 
518 C  "C4'" A DC  B 11 ? 0.1754 0.2140 0.1994 -0.0425 -0.0401 0.0779  23  DC  B "C4'" 
519 C  "C4'" B DC  B 11 ? 0.1547 0.2186 0.2050 -0.0263 -0.0469 0.0748  23  DC  B "C4'" 
520 O  "O4'" A DC  B 11 ? 0.3199 0.2477 0.1549 -0.0921 -0.0467 0.0419  23  DC  B "O4'" 
521 O  "O4'" B DC  B 11 ? 0.3344 0.2458 0.1410 -0.0991 -0.0485 0.0575  23  DC  B "O4'" 
522 C  "C3'" A DC  B 11 ? 0.2869 0.1682 0.2570 0.0107  -0.0309 0.0065  23  DC  B "C3'" 
523 C  "C3'" B DC  B 11 ? 0.3016 0.2106 0.2486 0.0231  -0.0366 0.0058  23  DC  B "C3'" 
524 O  "O3'" A DC  B 11 ? 0.2134 0.2034 0.1792 -0.0543 -0.0669 0.0328  23  DC  B "O3'" 
525 O  "O3'" B DC  B 11 ? 0.2245 0.1963 0.1664 -0.0502 -0.0773 0.0360  23  DC  B "O3'" 
526 C  "C2'" A DC  B 11 ? 0.3261 0.2174 0.1876 0.0488  -0.1040 0.0174  23  DC  B "C2'" 
527 C  "C2'" B DC  B 11 ? 0.3213 0.2130 0.1957 0.0494  -0.1229 0.0230  23  DC  B "C2'" 
528 C  "C1'" A DC  B 11 ? 0.2696 0.2386 0.2120 -0.1170 -0.0272 0.0356  23  DC  B "C1'" 
529 C  "C1'" B DC  B 11 ? 0.2679 0.2536 0.2111 -0.1160 -0.0152 0.0389  23  DC  B "C1'" 
530 N  N1    . DC  B 11 ? 0.2397 0.1280 0.2023 -0.0066 0.0245  0.0212  23  DC  B N1    
531 C  C2    . DC  B 11 ? 0.2280 0.1402 0.1791 -0.0578 0.0139  0.0305  23  DC  B C2    
532 O  O2    . DC  B 11 ? 0.2317 0.1319 0.1993 -0.0051 -0.0034 0.0391  23  DC  B O2    
533 N  N3    . DC  B 11 ? 0.1686 0.1412 0.1565 -0.0132 -0.0325 0.0038  23  DC  B N3    
534 C  C4    . DC  B 11 ? 0.1915 0.1408 0.1769 -0.0262 -0.0460 0.0292  23  DC  B C4    
535 N  N4    . DC  B 11 ? 0.1876 0.1607 0.1752 -0.0026 -0.0450 0.0051  23  DC  B N4    
536 C  C5    . DC  B 11 ? 0.2383 0.2075 0.1526 -0.0132 0.0111  0.0182  23  DC  B C5    
537 C  C6    . DC  B 11 ? 0.2272 0.1873 0.2108 -0.0146 -0.0379 0.0594  23  DC  B C6    
538 P  P     A DG  B 12 ? 0.2228 0.2232 0.2228 -0.0003 0.0001  0.0001  24  DG  B P     
540 O  OP1   A DG  B 12 ? 0.2229 0.2233 0.2229 -0.0003 0.0001  0.0001  24  DG  B OP1   
542 O  OP2   A DG  B 12 ? 0.3439 0.3444 0.3439 -0.0003 0.0002  0.0002  24  DG  B OP2   
544 O  "O5'" A DG  B 12 ? 0.2122 0.2125 0.2122 -0.0002 0.0001  0.0001  24  DG  B "O5'" 
546 C  "C5'" A DG  B 12 ? 0.1898 0.1648 0.1566 -0.0241 -0.0271 0.0336  24  DG  B "C5'" 
547 C  "C5'" B DG  B 12 ? 0.1849 0.1742 0.1492 -0.0321 -0.0204 0.0310  24  DG  B "C5'" 
548 C  "C4'" A DG  B 12 ? 0.1594 0.1862 0.1680 -0.0090 -0.0332 0.0112  24  DG  B "C4'" 
549 C  "C4'" B DG  B 12 ? 0.1582 0.1914 0.1583 -0.0014 -0.0282 0.0147  24  DG  B "C4'" 
550 O  "O4'" A DG  B 12 ? 0.1770 0.2096 0.1891 -0.0478 -0.0627 0.0709  24  DG  B "O4'" 
551 O  "O4'" B DG  B 12 ? 0.1778 0.2138 0.1906 -0.0464 -0.0608 0.0777  24  DG  B "O4'" 
552 C  "C3'" A DG  B 12 ? 0.1811 0.1723 0.1756 -0.0506 -0.0591 0.0384  24  DG  B "C3'" 
553 C  "C3'" B DG  B 12 ? 0.1808 0.1562 0.1819 -0.0497 -0.0640 0.0364  24  DG  B "C3'" 
554 O  "O3'" A DG  B 12 ? 0.1819 0.1671 0.2304 -0.0208 -0.0686 0.0291  24  DG  B "O3'" 
555 O  "O3'" B DG  B 12 ? 0.1892 0.1671 0.2361 -0.0178 -0.0686 0.0240  24  DG  B "O3'" 
556 C  "C2'" A DG  B 12 ? 0.1558 0.1959 0.2567 -0.0342 -0.0523 0.0598  24  DG  B "C2'" 
557 C  "C2'" B DG  B 12 ? 0.1480 0.1928 0.2548 -0.0287 -0.0571 0.0688  24  DG  B "C2'" 
558 C  "C1'" A DG  B 12 ? 0.1953 0.2064 0.1892 -0.0430 -0.0469 0.0537  24  DG  B "C1'" 
559 C  "C1'" B DG  B 12 ? 0.1853 0.1971 0.2014 -0.0363 -0.0389 0.0545  24  DG  B "C1'" 
560 N  N9    . DG  B 12 ? 0.1539 0.2335 0.2196 -0.0274 -0.0605 0.0780  24  DG  B N9    
561 C  C8    . DG  B 12 ? 0.1506 0.2582 0.2320 -0.0098 -0.0390 0.0899  24  DG  B C8    
562 N  N7    . DG  B 12 ? 0.1661 0.2481 0.2449 -0.0201 -0.0688 0.0203  24  DG  B N7    
563 C  C5    . DG  B 12 ? 0.1818 0.2248 0.1426 -0.0599 -0.0487 0.0389  24  DG  B C5    
564 C  C6    . DG  B 12 ? 0.1653 0.1698 0.1972 -0.0142 -0.0653 0.0285  24  DG  B C6    
565 O  O6    . DG  B 12 ? 0.1964 0.2037 0.2046 -0.0093 -0.0447 0.0370  24  DG  B O6    
566 N  N1    . DG  B 12 ? 0.1675 0.1708 0.1759 -0.0317 -0.0583 0.0319  24  DG  B N1    
567 C  C2    . DG  B 12 ? 0.1855 0.1581 0.1661 -0.0339 -0.0553 0.0294  24  DG  B C2    
568 N  N2    . DG  B 12 ? 0.2372 0.1495 0.1908 -0.0351 -0.0666 0.0249  24  DG  B N2    
569 N  N3    . DG  B 12 ? 0.1651 0.1457 0.1645 -0.0326 -0.0483 0.0218  24  DG  B N3    
570 C  C4    . DG  B 12 ? 0.1626 0.1560 0.1698 -0.0210 -0.0527 0.0217  24  DG  B C4    
571 MG MG    . MG  C .  ? 0.2218 0.1238 0.1836 -0.0352 -0.0755 0.0294  25  MG  A MG    
572 MG MG    . MG  D .  ? 0.3502 0.2170 0.2384 -0.0791 -0.0586 0.0306  32  MG  B MG    
573 MG MG    . MG  E .  ? 0.3667 0.2914 0.2851 -0.0986 -0.0466 0.0438  38  MG  B MG    
575 O  O     . HOH G .  ? 0.2381 0.1411 0.2009 -0.0114 -0.0410 0.0264  26  HOH A O     
576 O  O     . HOH G .  ? 0.2316 0.1321 0.1824 -0.0100 -0.0682 0.0227  28  HOH A O     
577 O  O     . HOH G .  ? 0.3550 0.2334 0.2955 -0.0036 -0.1023 0.0395  40  HOH A O     
579 O  O     . HOH G .  ? 0.2805 0.2376 0.3640 -0.0912 0.0037  0.0604  44  HOH A O     
595 O  O     . HOH G .  ? 0.2897 0.1393 0.1563 -0.0543 -0.0564 0.0210  101 HOH A O     
596 O  O     . HOH G .  ? 0.2807 0.1498 0.1556 -0.0476 -0.0578 0.0344  102 HOH A O     
597 O  O     . HOH G .  ? 0.3057 0.1310 0.1670 -0.0291 -0.0609 0.0165  104 HOH A O     
598 O  O     . HOH G .  ? 0.2601 0.1756 0.1856 -0.0773 -0.0153 0.0198  106 HOH A O     
599 O  O     . HOH G .  ? 0.3111 0.1886 0.2515 -0.0878 -0.0774 0.0377  107 HOH A O     
600 O  O     . HOH G .  ? 0.2927 0.1366 0.1751 -0.0471 -0.0507 0.0074  108 HOH A O     
601 O  O     . HOH G .  ? 0.3066 0.1644 0.1523 -0.0727 -0.0331 0.0300  112 HOH A O     
602 O  O     . HOH G .  ? 0.2466 0.2267 0.1875 -0.0788 -0.0220 0.0296  113 HOH A O     
603 O  O     . HOH G .  ? 0.2425 0.2636 0.1905 -0.0712 -0.0114 0.0316  114 HOH A O     
604 O  O     . HOH G .  ? 0.2579 0.2226 0.2393 -0.0324 -0.0817 0.0832  117 HOH A O     
605 O  O     . HOH G .  ? 0.2555 0.2697 0.2168 -0.0613 -0.0371 0.0007  118 HOH A O     
606 O  O     . HOH G .  ? 0.3208 0.1794 0.2336 -0.0102 -0.0290 0.0208  120 HOH A O     
607 O  O     . HOH G .  ? 0.3211 0.2782 0.4679 -0.0058 -0.0403 -0.0046 122 HOH A O     
608 O  O     . HOH G .  ? 0.5534 0.2251 0.2603 0.0860  0.0724  0.0156  123 HOH A O     
609 O  O     . HOH G .  ? 0.3020 0.2446 0.2806 -0.0726 -0.0627 0.0484  124 HOH A O     
610 O  O     . HOH G .  ? 0.2951 0.2294 0.2173 -0.0697 -0.0734 0.0634  125 HOH A O     
611 O  O     . HOH G .  ? 0.2923 0.1737 0.2713 -0.0392 -0.0494 0.0492  126 HOH A O     
612 O  O     . HOH G .  ? 0.3242 0.1980 0.2234 -0.0178 -0.0692 0.0039  131 HOH A O     
613 O  O     . HOH G .  ? 0.5709 0.2816 0.3373 -0.1657 -0.0679 0.1596  133 HOH A O     
614 O  O     . HOH G .  ? 0.5284 0.2005 0.4019 -0.0621 -0.0825 0.0292  134 HOH A O     
615 O  O     . HOH G .  ? 0.3224 0.2842 0.2681 -0.1050 -0.0780 0.0705  135 HOH A O     
616 O  O     . HOH G .  ? 0.4065 0.3328 0.4308 -0.0354 0.0308  0.1164  138 HOH A O     
617 O  O     . HOH G .  ? 0.2725 0.2184 0.2326 -0.0604 -0.0531 0.0632  139 HOH A O     
618 O  O     . HOH G .  ? 0.3856 0.2157 0.2636 -0.1038 -0.0632 0.0283  140 HOH A O     
619 O  O     . HOH G .  ? 0.3630 0.2166 0.3302 -0.0465 -0.1125 0.0431  141 HOH A O     
620 O  O     . HOH G .  ? 0.3733 0.2380 0.2696 -0.0222 -0.0578 0.0929  142 HOH A O     
621 O  O     . HOH G .  ? 0.4107 0.2789 0.3501 0.0631  -0.1421 -0.0038 146 HOH A O     
622 O  O     . HOH G .  ? 0.6575 0.3688 0.3619 -0.1294 -0.1509 0.1270  147 HOH A O     
623 O  O     . HOH G .  ? 0.4880 0.2749 0.1756 -0.0071 -0.0504 0.0739  149 HOH A O     
624 O  O     . HOH G .  ? 0.4111 0.3957 0.3367 -0.1661 -0.1059 0.1990  150 HOH A O     
625 O  O     . HOH G .  ? 0.4923 0.3331 0.4277 -0.0718 0.0829  -0.1407 152 HOH A O     
626 O  O     . HOH G .  ? 0.4218 0.2781 0.3055 0.0076  0.0383  -0.0239 153 HOH A O     
627 O  O     . HOH G .  ? 0.5322 0.4554 0.2547 -0.3009 -0.0865 -0.0606 154 HOH A O     
628 O  O     . HOH G .  ? 0.3464 0.2273 0.4472 0.0155  -0.0326 -0.0305 155 HOH A O     
629 O  O     . HOH G .  ? 0.3181 0.2367 0.2540 -0.0454 -0.0444 0.0169  156 HOH A O     
631 O  O     . HOH G .  ? 0.5949 0.2072 0.2107 -0.0938 -0.1756 0.0595  159 HOH A O     
632 O  O     . HOH G .  ? 0.5034 0.1618 0.2976 -0.0889 -0.1692 0.0422  160 HOH A O     
633 O  O     . HOH G .  ? 0.4699 0.2812 0.3258 -0.1449 -0.0657 0.0519  162 HOH A O     
634 O  O     . HOH G .  ? 0.3191 0.6028 0.2176 -0.0830 -0.0306 0.0446  165 HOH A O     
635 O  O     . HOH G .  ? 0.6186 0.2433 0.3255 -0.1270 -0.1846 0.0565  166 HOH A O     
636 O  O     . HOH G .  ? 0.5084 0.4413 0.5795 -0.2651 0.0360  -0.1059 168 HOH A O     
637 O  O     . HOH G .  ? 0.4257 0.2975 0.3930 0.0287  -0.1111 0.0147  169 HOH A O     
639 O  O     . HOH G .  ? 0.4032 0.2659 0.3348 -0.0305 -0.1082 0.0841  173 HOH A O     
640 O  O     . HOH G .  ? 0.4502 0.3597 0.2882 -0.0537 0.0200  0.0277  174 HOH A O     
641 O  O     . HOH G .  ? 0.4151 0.3218 0.3618 0.0318  0.0129  -0.0147 177 HOH A O     
643 O  O     . HOH G .  ? 0.3309 0.5346 0.3443 -0.0433 -0.0938 0.1927  180 HOH A O     
644 O  O     . HOH G .  ? 0.3285 0.4134 0.3593 0.0382  -0.0729 0.0147  182 HOH A O     
645 O  O     . HOH G .  ? 0.7134 0.4645 0.2930 -0.2654 -0.1043 -0.0232 184 HOH A O     
646 O  O     . HOH G .  ? 0.2786 0.4279 0.4378 -0.0857 -0.0560 -0.0304 185 HOH A O     
647 O  O     . HOH G .  ? 0.4157 0.6099 0.4311 0.0626  -0.0743 -0.0654 188 HOH A O     
648 O  O     . HOH G .  ? 0.3601 0.3001 0.2373 0.0210  -0.0641 -0.0033 190 HOH A O     
651 O  O     . HOH G .  ? 0.6038 0.5381 0.4602 -0.1376 0.0581  -0.3337 203 HOH A O     
660 O  O     . HOH G .  ? 0.3205 0.3857 0.4951 -0.0150 -0.1254 -0.2300 229 HOH A O     
665 O  O     . HOH G .  ? 0.5278 0.3656 0.2847 0.1092  -0.0289 0.1416  247 HOH A O     
667 O  O     . HOH G .  ? 0.2426 0.6209 0.4458 0.0848  0.0142  0.1115  252 HOH A O     
680 O  O     . HOH G .  ? 0.3784 0.3476 0.6393 -0.1229 -0.0386 0.0682  290 HOH A O     
681 O  O     . HOH G .  ? 0.3224 0.3476 0.5949 -0.0188 0.0255  0.1940  293 HOH A O     
695 O  O     . HOH H .  ? 0.2249 0.1405 0.2249 -0.0392 -0.0812 0.0444  27  HOH B O     
696 O  O     . HOH H .  ? 0.2695 0.1340 0.1971 -0.0418 -0.0821 0.0474  29  HOH B O     
697 O  O     . HOH H .  ? 0.2670 0.1281 0.2226 -0.0492 -0.1230 0.0449  30  HOH B O     
698 O  O     . HOH H .  ? 0.2174 0.1282 0.2323 -0.0477 -0.0737 0.0309  31  HOH B O     
699 O  O     . HOH H .  ? 0.4191 0.3869 0.2284 -0.1711 -0.0621 0.0519  33  HOH B O     
700 O  O     . HOH H .  ? 0.3807 0.2284 0.2089 -0.0987 -0.0613 0.0749  34  HOH B O     
701 O  O     . HOH H .  ? 0.3326 0.2316 0.2822 -0.1239 -0.0468 0.0531  35  HOH B O     
702 O  O     . HOH H .  ? 0.3645 0.2211 0.2190 -0.0181 0.0093  0.0582  36  HOH B O     
703 O  O     . HOH H .  ? 0.3336 0.3163 0.2280 -0.1304 0.0007  0.0138  37  HOH B O     
706 O  O     . HOH H .  ? 0.7467 0.4294 0.2309 0.2251  -0.1101 -0.0357 42  HOH B O     
723 O  O     . HOH H .  ? 0.3020 0.1236 0.1886 -0.0259 -0.0636 0.0132  103 HOH B O     
724 O  O     . HOH H .  ? 0.2265 0.1603 0.2203 -0.0232 -0.0294 0.0378  105 HOH B O     
725 O  O     . HOH H .  ? 0.2776 0.1553 0.1912 -0.0636 -0.1009 0.0378  109 HOH B O     
726 O  O     . HOH H .  ? 0.2731 0.1648 0.2542 -0.0409 -0.0420 0.0092  110 HOH B O     
727 O  O     . HOH H .  ? 0.2880 0.1423 0.2322 -0.0209 -0.0522 0.0355  111 HOH B O     
728 O  O     . HOH H .  ? 0.2813 0.1872 0.2589 -0.0643 -0.0199 -0.0150 115 HOH B O     
729 O  O     . HOH H .  ? 0.3602 0.2308 0.1673 -0.0411 -0.0182 0.0288  116 HOH B O     
730 O  O     . HOH H .  ? 0.3033 0.2447 0.2121 -0.0814 -0.0636 0.0078  119 HOH B O     
731 O  O     . HOH H .  ? 0.8570 0.1859 0.2870 -0.1318 -0.0762 -0.0097 121 HOH B O     
732 O  O     . HOH H .  ? 0.2951 0.2211 0.2464 -0.0569 -0.0609 0.0635  127 HOH B O     
733 O  O     . HOH H .  ? 0.4730 0.2153 0.1895 0.0329  -0.0952 -0.0242 128 HOH B O     
734 O  O     . HOH H .  ? 0.2920 0.2324 0.3494 -0.0716 -0.1431 0.0651  129 HOH B O     
735 O  O     . HOH H .  ? 0.2607 0.3056 0.3284 -0.0639 -0.0264 0.0581  130 HOH B O     
736 O  O     . HOH H .  ? 0.3386 0.1462 0.3058 -0.0287 -0.1624 -0.0200 132 HOH B O     
737 O  O     . HOH H .  ? 0.5965 0.2519 0.3074 -0.1138 -0.0066 -0.0731 136 HOH B O     
738 O  O     . HOH H .  ? 0.4184 0.2633 0.3322 -0.1864 -0.0494 0.0447  137 HOH B O     
739 O  O     . HOH H .  ? 0.3183 0.3409 0.3207 0.0568  -0.0773 -0.0667 143 HOH B O     
740 O  O     . HOH H .  ? 0.3374 0.4329 0.2453 0.0068  -0.0093 -0.0224 144 HOH B O     
741 O  O     . HOH H .  ? 0.4457 0.3219 0.3051 -0.1212 0.0178  -0.0448 145 HOH B O     
742 O  O     . HOH H .  ? 0.3049 1.1383 0.2844 0.1394  -0.0450 0.2751  148 HOH B O     
743 O  O     . HOH H .  ? 0.3966 0.4592 0.3742 0.0974  -0.1110 0.0547  151 HOH B O     
744 O  O     . HOH H .  ? 0.6293 0.2617 0.3111 -0.1135 -0.0518 0.1206  161 HOH B O     
745 O  O     . HOH H .  ? 0.5151 0.3777 0.4642 -0.1772 -0.0732 -0.1619 163 HOH B O     
746 O  O     . HOH H .  ? 0.5827 0.4083 0.3541 -0.1378 0.2178  -0.0657 164 HOH B O     
747 O  O     . HOH H .  ? 0.4424 0.2950 0.3107 -0.0872 0.0894  0.0143  167 HOH B O     
748 O  O     . HOH H .  ? 0.4220 0.6124 0.5728 0.1775  -0.1988 -0.3384 170 HOH B O     
749 O  O     . HOH H .  ? 0.7543 0.3308 0.3185 0.1261  0.1408  0.0931  172 HOH B O     
750 O  O     . HOH H .  ? 0.3079 0.4533 0.3157 -0.0630 0.0668  -0.0224 175 HOH B O     
751 O  O     . HOH H .  ? 0.3147 0.3828 0.6190 -0.0238 -0.1320 0.0046  176 HOH B O     
752 O  O     . HOH H .  ? 0.4941 0.6165 0.6062 0.0133  0.1053  0.1752  178 HOH B O     
753 O  O     . HOH H .  ? 0.6364 0.4748 0.5326 -0.3178 -0.0452 0.0088  181 HOH B O     
754 O  O     . HOH H .  ? 0.4199 0.5755 0.6475 -0.1517 -0.1982 0.2231  183 HOH B O     
755 O  O     . HOH H .  ? 0.4771 0.6201 0.6287 -0.0432 0.1338  -0.2755 186 HOH B O     
756 O  O     . HOH H .  ? 0.4241 0.3813 0.4042 0.0962  0.1044  0.2175  187 HOH B O     
757 O  O     . HOH H .  ? 0.3059 0.2514 0.2892 0.0476  -0.0043 0.1002  191 HOH B O     
758 O  O     . HOH H .  ? 0.4412 0.3169 0.3001 -0.1117 0.0012  0.0793  192 HOH B O     
759 O  O     . HOH H .  ? 0.5011 0.2552 0.7714 -0.0043 0.2671  -0.0464 193 HOH B O     
760 O  O     . HOH H .  ? 0.7333 0.3355 0.3062 -0.0821 0.0923  -0.0216 195 HOH B O     
762 O  O     . HOH H .  ? 0.3981 0.4019 0.3882 -0.1091 0.0077  0.1198  199 HOH B O     
764 O  O     . HOH H .  ? 0.4325 0.3082 0.3341 -0.0885 0.0032  -0.0201 201 HOH B O     
766 O  O     . HOH H .  ? 0.5576 0.4284 0.6533 -0.1144 0.2812  0.1593  204 HOH B O     
768 O  O     . HOH H .  ? 0.5153 0.5848 0.6045 0.0780  0.2215  0.0121  206 HOH B O     
771 O  O     . HOH H .  ? 0.9698 0.3678 0.2948 0.0663  0.0335  0.2200  210 HOH B O     
772 O  O     . HOH H .  ? 0.4033 0.5156 0.3945 -0.2158 0.0898  -0.1774 211 HOH B O     
775 O  O     . HOH H .  ? 0.5046 0.2898 0.8059 -0.1704 0.0679  -0.0247 217 HOH B O     
782 O  O     . HOH H .  ? 0.7044 0.6869 0.3400 0.0458  0.0792  -0.1644 234 HOH B O     
788 O  O     . HOH H .  ? 0.3096 0.2382 0.4203 0.0200  0.0468  0.0230  245 HOH B O     
794 O  O     . HOH H .  ? 0.3975 0.7180 0.4743 0.0962  -0.1699 0.2430  257 HOH B O     
805 O  O     . HOH H .  ? 0.6853 0.5803 0.3846 -0.0437 -0.0968 -0.2964 283 HOH B O     
810 O  O     . HOH H .  ? 0.7850 0.7278 0.3266 -0.0013 -0.1980 0.2675  291 HOH B O     
811 O  O     . HOH H .  ? 0.5333 0.2335 0.4772 0.0706  -0.2865 -0.0532 292 HOH B O     
813 O  O     . HOH H .  ? 0.3283 0.3033 0.4157 0.0225  -0.1292 -0.0356 301 HOH B O     
# 
